data_8U4L
#
_entry.id   8U4L
#
_cell.length_a   1.00
_cell.length_b   1.00
_cell.length_c   1.00
_cell.angle_alpha   90.00
_cell.angle_beta   90.00
_cell.angle_gamma   90.00
#
_symmetry.space_group_name_H-M   'P 1'
#
loop_
_entity.id
_entity.type
_entity.pdbx_description
1 polymer 'Isoform JM-A CYT-1 of Receptor tyrosine-protein kinase erbB-4'
2 polymer 'Receptor tyrosine-protein kinase erbB-2'
3 polymer 'Isoform 6 of Pro-neuregulin-1, membrane-bound isoform'
4 branched alpha-D-mannopyranose-(1-3)-beta-D-mannopyranose-(1-4)-2-acetamido-2-deoxy-beta-D-glucopyranose-(1-4)-2-acetamido-2-deoxy-beta-D-glucopyranose
5 branched alpha-D-mannopyranose-(1-3)-[alpha-D-mannopyranose-(1-6)]beta-D-mannopyranose-(1-4)-2-acetamido-2-deoxy-beta-D-glucopyranose-(1-4)-2-acetamido-2-deoxy-beta-D-glucopyranose
6 branched beta-D-mannopyranose-(1-4)-2-acetamido-2-deoxy-beta-D-glucopyranose-(1-4)-2-acetamido-2-deoxy-beta-D-glucopyranose
7 branched alpha-D-mannopyranose-(1-6)-beta-D-mannopyranose-(1-4)-2-acetamido-2-deoxy-beta-D-glucopyranose-(1-4)-2-acetamido-2-deoxy-beta-D-glucopyranose
8 branched 2-acetamido-2-deoxy-beta-D-glucopyranose-(1-4)-2-acetamido-2-deoxy-beta-D-glucopyranose
9 non-polymer 2-acetamido-2-deoxy-beta-D-glucopyranose
#
loop_
_entity_poly.entity_id
_entity_poly.type
_entity_poly.pdbx_seq_one_letter_code
_entity_poly.pdbx_strand_id
1 'polypeptide(L)'
;QSVCAGTENKLSSLSDLEQQYRALRKYYENCEVVMGNLEITSIEHNRDLSFLRSVREVTGYVLVALNQFRYLPLENLRII
RGTKLYEDRYALAIFLNYRKDGNFGLQELGLKNLTEILNGGVYVDQNKFLCYADTIHWQDIVRNPWPSNLTLVSTNGSSG
CGRCHKSCTGRCWGPTENHCQTLTRTVCAEQCDGRCYGPYVSDCCHRECAGGCSGPKDTDCFACMNFNDSGACVTQCPQT
FVYNPTTFQLEHNFNAKYTYGAFCVKKCPHNFVVDSSSCVRACPSSKMEVEENGIKMCKPCTDICPKACDGIGTGSLMSA
QTVDSSNIDKFINCTKINGNLIFLVTGIHGDPYNAIEAIDPEKLNVFRTVREITGFLNIQSWPPNMTDFSVFSNLVTIGG
RVLYSGLSLLILKQQGITSLQFQSLKEISAGNIYITDNSNLCYYHTINWTTLFSTINQRIVIRDNRKAENCTAEGMVCNH
LCSSDGCWGPGPDQCLSCRRFSRGRICIESCNLYDGEFREFENGSICVECDPQCEKMEDGLLTCHGPGPDNCTKCSHFKD
GPNCVEKCPDGLQGANSFIFKYADPDRECHPCHPNCTQGCNGPTSHDCI
;
A
2 'polypeptide(L)'
;QVCTGTDMKLRLPASPETHLDMLRHLYQGCQVVQGNLELTYLPTNASLSFLQDIQEVQGYVLIAHNQVRQVPLQRLRIVR
GTQLFEDNYALAVLDNGDPLNNTTPVTGASPGGLRELQLRSLTEILKGGVLIQRNPQLCYQDTILWKDIFHKNNQLALTL
IDTNRSRACHPCSPMCKGSRCWGESSEDCQSLTRTVCAGGCARCKGPLPTDCCHEQCAAGCTGPKHSDCLACLHFNHSGI
CELHCPALVTYNTDTFESMPNPEGRYTFGASCVTACPYNYLSTDVGSCTLVCPLHNQEVTAEDGTQRCEKCSKPCARVCY
GLGMEHLREVRAVTSANIQEFAGCKKIFGSLAFLPESFDGDPASNTAPLQPEQLQVFETLEEITGYLYISAWPDSLPDLS
VFQNLQVIRGRILHNGAYSLTLQGLGISWLGLRSLRELGSGLALIHHNTHLCFVHTVPWDQLFRNPHQALLHTANRPEDE
CVGEGLACHQLCARGHCWGPGPTQCVNCSQFLRGQECVEECRVLQGLPREYVNARHCLPCHPECQPQNGSVTCFGPEADQ
CVACAHYKDPPFCVARCPSGVKPDLSYMPIWKFPDEEGACQPCPIN
;
B
3 'polypeptide(L)' SHLVKCAEKEKTFCVNGGECFMVKDLSNPSRYLCKCPNEFTGDRCQNYVMAS C
#
loop_
_chem_comp.id
_chem_comp.type
_chem_comp.name
_chem_comp.formula
BMA D-saccharide, beta linking beta-D-mannopyranose 'C6 H12 O6'
MAN D-saccharide, alpha linking alpha-D-mannopyranose 'C6 H12 O6'
NAG D-saccharide, beta linking 2-acetamido-2-deoxy-beta-D-glucopyranose 'C8 H15 N O6'
#
# COMPACT_ATOMS: atom_id res chain seq x y z
N GLN A 1 -4.00 -30.43 -9.11
CA GLN A 1 -2.57 -30.50 -8.81
C GLN A 1 -2.24 -31.48 -7.67
N SER A 2 -3.22 -32.23 -7.16
CA SER A 2 -3.09 -33.22 -6.08
C SER A 2 -2.31 -32.71 -4.86
N VAL A 3 -2.85 -31.69 -4.18
CA VAL A 3 -2.22 -31.09 -2.99
C VAL A 3 -2.55 -31.88 -1.73
N CYS A 4 -1.57 -32.16 -0.86
CA CYS A 4 -1.76 -32.79 0.45
C CYS A 4 -0.93 -32.11 1.55
N ALA A 5 -1.22 -32.38 2.82
CA ALA A 5 -0.56 -31.75 3.96
C ALA A 5 0.39 -32.71 4.70
N GLY A 6 1.44 -32.15 5.31
CA GLY A 6 2.44 -32.86 6.09
C GLY A 6 1.97 -33.30 7.47
N THR A 7 2.73 -34.19 8.11
CA THR A 7 2.36 -34.79 9.40
C THR A 7 2.74 -33.98 10.63
N GLU A 8 3.82 -33.20 10.59
CA GLU A 8 4.31 -32.43 11.75
C GLU A 8 4.58 -33.29 13.01
N ASN A 9 5.10 -34.50 12.87
CA ASN A 9 5.44 -35.41 13.95
C ASN A 9 6.91 -35.37 14.36
N LYS A 10 7.82 -34.93 13.48
CA LYS A 10 9.28 -35.05 13.66
C LYS A 10 9.69 -36.51 13.77
N LEU A 11 10.44 -36.92 14.79
CA LEU A 11 10.87 -38.31 14.97
C LEU A 11 9.83 -39.24 15.62
N SER A 12 8.82 -38.71 16.30
CA SER A 12 7.78 -39.51 16.99
C SER A 12 6.91 -40.32 16.05
N SER A 13 6.36 -41.44 16.52
CA SER A 13 5.58 -42.38 15.69
C SER A 13 4.45 -43.04 16.45
N LEU A 14 3.61 -43.81 15.75
CA LEU A 14 2.71 -44.74 16.41
C LEU A 14 3.54 -45.92 16.96
N SER A 15 3.12 -46.57 18.05
CA SER A 15 3.85 -47.70 18.63
C SER A 15 3.76 -48.98 17.79
N ASP A 16 2.73 -49.12 16.96
CA ASP A 16 2.55 -50.26 16.06
C ASP A 16 3.18 -49.95 14.69
N LEU A 17 4.24 -50.65 14.32
CA LEU A 17 4.98 -50.36 13.08
C LEU A 17 4.14 -50.54 11.81
N GLU A 18 3.19 -51.49 11.78
CA GLU A 18 2.33 -51.66 10.62
C GLU A 18 1.37 -50.48 10.44
N GLN A 19 0.84 -49.94 11.53
CA GLN A 19 -0.04 -48.78 11.48
C GLN A 19 0.73 -47.51 11.10
N GLN A 20 2.00 -47.40 11.47
CA GLN A 20 2.85 -46.28 11.03
C GLN A 20 3.07 -46.30 9.52
N TYR A 21 3.31 -47.48 8.92
CA TYR A 21 3.33 -47.60 7.47
C TYR A 21 1.97 -47.29 6.82
N ARG A 22 0.86 -47.85 7.32
CA ARG A 22 -0.47 -47.53 6.77
C ARG A 22 -0.83 -46.05 6.86
N ALA A 23 -0.46 -45.36 7.94
CA ALA A 23 -0.66 -43.92 8.04
C ALA A 23 0.14 -43.16 6.97
N LEU A 24 1.40 -43.54 6.71
CA LEU A 24 2.23 -42.93 5.68
C LEU A 24 1.56 -43.01 4.30
N ARG A 25 0.94 -44.15 3.97
CA ARG A 25 0.12 -44.31 2.76
C ARG A 25 -1.06 -43.34 2.72
N LYS A 26 -1.84 -43.27 3.79
CA LYS A 26 -3.03 -42.40 3.85
C LYS A 26 -2.67 -40.92 3.66
N TYR A 27 -1.52 -40.48 4.16
CA TYR A 27 -1.10 -39.08 4.07
C TYR A 27 -0.59 -38.69 2.68
N TYR A 28 0.27 -39.49 2.05
CA TYR A 28 1.03 -39.08 0.86
C TYR A 28 0.68 -39.83 -0.43
N GLU A 29 -0.08 -40.92 -0.40
CA GLU A 29 -0.37 -41.70 -1.61
C GLU A 29 -1.10 -40.88 -2.70
N ASN A 30 -0.58 -40.92 -3.93
CA ASN A 30 -1.06 -40.17 -5.10
C ASN A 30 -0.99 -38.63 -5.01
N CYS A 31 -0.23 -38.09 -4.06
CA CYS A 31 -0.02 -36.65 -3.86
C CYS A 31 1.11 -36.10 -4.75
N GLU A 32 1.01 -34.89 -5.30
CA GLU A 32 2.12 -34.24 -6.03
C GLU A 32 2.77 -33.09 -5.27
N VAL A 33 2.00 -32.26 -4.57
CA VAL A 33 2.52 -31.07 -3.89
C VAL A 33 2.25 -31.18 -2.40
N VAL A 34 3.30 -31.24 -1.59
CA VAL A 34 3.20 -31.40 -0.14
C VAL A 34 3.32 -30.04 0.54
N MET A 35 2.29 -29.65 1.29
CA MET A 35 2.28 -28.43 2.09
C MET A 35 2.54 -28.77 3.56
N GLY A 36 3.51 -28.12 4.20
CA GLY A 36 4.12 -28.67 5.40
C GLY A 36 5.24 -29.65 5.06
N ASN A 37 5.50 -30.62 5.94
CA ASN A 37 6.70 -31.45 5.86
C ASN A 37 6.45 -32.81 5.21
N LEU A 38 7.48 -33.39 4.62
CA LEU A 38 7.49 -34.78 4.19
C LEU A 38 8.35 -35.54 5.21
N GLU A 39 7.72 -36.31 6.10
CA GLU A 39 8.42 -36.96 7.22
C GLU A 39 8.24 -38.47 7.13
N ILE A 40 9.33 -39.21 6.97
CA ILE A 40 9.32 -40.67 6.84
C ILE A 40 10.15 -41.26 7.98
N THR A 41 9.52 -41.91 8.95
CA THR A 41 10.23 -42.48 10.09
C THR A 41 9.81 -43.90 10.43
N SER A 42 10.77 -44.66 10.95
CA SER A 42 10.63 -46.02 11.48
C SER A 42 9.96 -47.03 10.53
N ILE A 43 10.14 -46.93 9.22
CA ILE A 43 9.54 -47.84 8.24
C ILE A 43 10.35 -49.14 8.12
N GLU A 44 9.67 -50.29 8.15
CA GLU A 44 10.29 -51.62 8.04
C GLU A 44 10.89 -51.89 6.66
N HIS A 45 11.94 -52.71 6.59
CA HIS A 45 12.70 -52.94 5.37
C HIS A 45 11.95 -53.64 4.23
N ASN A 46 10.88 -54.38 4.52
CA ASN A 46 10.12 -55.10 3.49
C ASN A 46 8.93 -54.30 2.91
N ARG A 47 8.71 -53.05 3.34
CA ARG A 47 7.54 -52.27 2.90
C ARG A 47 7.73 -51.59 1.53
N ASP A 48 6.67 -51.58 0.74
CA ASP A 48 6.62 -50.95 -0.58
C ASP A 48 6.38 -49.43 -0.45
N LEU A 49 7.36 -48.60 -0.81
CA LEU A 49 7.29 -47.13 -0.78
C LEU A 49 7.17 -46.49 -2.17
N SER A 50 6.86 -47.26 -3.22
CA SER A 50 6.76 -46.76 -4.60
C SER A 50 5.66 -45.72 -4.80
N PHE A 51 4.70 -45.59 -3.89
CA PHE A 51 3.69 -44.53 -3.94
C PHE A 51 4.28 -43.12 -3.78
N LEU A 52 5.51 -42.95 -3.29
CA LEU A 52 6.15 -41.65 -3.14
C LEU A 52 6.66 -41.08 -4.49
N ARG A 53 6.65 -41.85 -5.58
CA ARG A 53 7.12 -41.41 -6.90
C ARG A 53 6.34 -40.26 -7.51
N SER A 54 5.10 -40.00 -7.09
CA SER A 54 4.30 -38.90 -7.60
C SER A 54 4.69 -37.53 -7.02
N VAL A 55 5.46 -37.46 -5.93
CA VAL A 55 5.76 -36.19 -5.25
C VAL A 55 6.73 -35.36 -6.08
N ARG A 56 6.37 -34.10 -6.37
CA ARG A 56 7.17 -33.15 -7.15
C ARG A 56 7.79 -32.05 -6.31
N GLU A 57 7.09 -31.54 -5.30
CA GLU A 57 7.54 -30.41 -4.48
C GLU A 57 7.18 -30.57 -3.01
N VAL A 58 8.01 -30.05 -2.11
CA VAL A 58 7.78 -30.03 -0.67
C VAL A 58 7.93 -28.59 -0.18
N THR A 59 6.95 -28.05 0.54
CA THR A 59 6.99 -26.64 0.97
C THR A 59 7.80 -26.42 2.24
N GLY A 60 7.71 -27.33 3.21
CA GLY A 60 8.54 -27.30 4.42
C GLY A 60 9.85 -28.05 4.22
N TYR A 61 10.20 -28.92 5.15
CA TYR A 61 11.41 -29.74 5.06
C TYR A 61 11.10 -31.21 4.73
N VAL A 62 12.13 -31.95 4.35
CA VAL A 62 12.12 -33.40 4.14
C VAL A 62 12.96 -34.05 5.22
N LEU A 63 12.37 -34.93 6.03
CA LEU A 63 13.05 -35.64 7.11
C LEU A 63 12.95 -37.15 6.90
N VAL A 64 14.08 -37.84 6.85
CA VAL A 64 14.12 -39.30 6.77
C VAL A 64 15.00 -39.82 7.89
N ALA A 65 14.43 -40.52 8.88
CA ALA A 65 15.17 -40.95 10.06
C ALA A 65 14.73 -42.30 10.63
N LEU A 66 15.69 -43.06 11.15
CA LEU A 66 15.50 -44.36 11.82
C LEU A 66 14.83 -45.47 10.98
N ASN A 67 14.91 -45.43 9.65
CA ASN A 67 14.29 -46.42 8.76
C ASN A 67 15.21 -47.60 8.42
N GLN A 68 14.64 -48.71 7.97
CA GLN A 68 15.40 -49.89 7.53
C GLN A 68 15.25 -50.26 6.04
N PHE A 69 14.59 -49.45 5.20
CA PHE A 69 14.49 -49.70 3.76
C PHE A 69 15.75 -49.29 2.98
N ARG A 70 16.00 -49.91 1.82
CA ARG A 70 17.23 -49.72 1.02
C ARG A 70 17.26 -48.48 0.14
N TYR A 71 16.13 -48.02 -0.36
CA TYR A 71 16.04 -47.05 -1.45
C TYR A 71 14.92 -46.04 -1.23
N LEU A 72 15.14 -44.75 -1.49
CA LEU A 72 14.11 -43.71 -1.48
C LEU A 72 13.52 -43.47 -2.88
N PRO A 73 12.31 -43.93 -3.21
CA PRO A 73 11.73 -43.72 -4.53
C PRO A 73 11.13 -42.32 -4.65
N LEU A 74 11.99 -41.30 -4.69
CA LEU A 74 11.62 -39.87 -4.77
C LEU A 74 12.17 -39.29 -6.08
N GLU A 75 12.11 -40.08 -7.13
CA GLU A 75 12.67 -39.78 -8.45
C GLU A 75 12.12 -38.49 -9.07
N ASN A 76 10.92 -38.03 -8.71
CA ASN A 76 10.34 -36.78 -9.22
C ASN A 76 10.48 -35.56 -8.29
N LEU A 77 11.11 -35.65 -7.13
CA LEU A 77 11.23 -34.50 -6.23
C LEU A 77 12.20 -33.49 -6.83
N ARG A 78 11.75 -32.27 -7.13
CA ARG A 78 12.59 -31.24 -7.75
C ARG A 78 13.10 -30.19 -6.78
N ILE A 79 12.24 -29.69 -5.91
CA ILE A 79 12.48 -28.50 -5.10
C ILE A 79 11.98 -28.69 -3.68
N ILE A 80 12.76 -28.25 -2.69
CA ILE A 80 12.35 -28.15 -1.29
C ILE A 80 12.36 -26.67 -0.92
N ARG A 81 11.22 -26.04 -0.61
CA ARG A 81 11.22 -24.58 -0.34
C ARG A 81 11.76 -24.19 1.02
N GLY A 82 11.67 -25.06 2.03
CA GLY A 82 12.25 -24.78 3.34
C GLY A 82 11.54 -23.66 4.12
N THR A 83 10.23 -23.44 3.96
CA THR A 83 9.57 -22.34 4.72
C THR A 83 9.36 -22.67 6.21
N LYS A 84 9.71 -23.90 6.63
CA LYS A 84 9.88 -24.38 8.01
C LYS A 84 11.03 -25.39 8.00
N LEU A 85 11.99 -25.28 8.91
CA LEU A 85 13.19 -26.14 8.92
C LEU A 85 13.24 -27.09 10.13
N TYR A 86 13.81 -28.28 9.96
CA TYR A 86 14.06 -29.21 11.06
C TYR A 86 15.11 -28.65 12.02
N GLU A 87 14.79 -28.60 13.32
CA GLU A 87 15.60 -27.91 14.35
C GLU A 87 15.92 -26.45 14.01
N ASP A 88 15.09 -25.81 13.18
CA ASP A 88 15.27 -24.43 12.71
C ASP A 88 16.56 -24.20 11.88
N ARG A 89 17.17 -25.26 11.34
CA ARG A 89 18.44 -25.21 10.60
C ARG A 89 18.39 -25.92 9.26
N TYR A 90 17.78 -27.10 9.19
CA TYR A 90 17.93 -28.03 8.07
C TYR A 90 16.66 -28.18 7.23
N ALA A 91 16.77 -28.00 5.92
CA ALA A 91 15.68 -28.25 4.99
C ALA A 91 15.62 -29.71 4.54
N LEU A 92 16.76 -30.40 4.46
CA LEU A 92 16.82 -31.83 4.15
C LEU A 92 17.67 -32.51 5.22
N ALA A 93 17.10 -33.45 5.97
CA ALA A 93 17.80 -34.16 7.02
C ALA A 93 17.61 -35.67 6.90
N ILE A 94 18.70 -36.42 6.74
CA ILE A 94 18.68 -37.87 6.59
C ILE A 94 19.66 -38.49 7.59
N PHE A 95 19.19 -39.24 8.59
CA PHE A 95 20.10 -39.77 9.61
C PHE A 95 19.68 -41.08 10.28
N LEU A 96 20.66 -41.82 10.79
CA LEU A 96 20.50 -43.08 11.52
C LEU A 96 19.67 -44.15 10.80
N ASN A 97 19.65 -44.21 9.47
CA ASN A 97 18.78 -45.13 8.73
C ASN A 97 19.41 -46.52 8.55
N TYR A 98 19.69 -47.23 9.64
CA TYR A 98 20.16 -48.61 9.63
C TYR A 98 19.83 -49.34 10.94
N ARG A 99 19.81 -50.67 10.91
CA ARG A 99 19.62 -51.49 12.11
C ARG A 99 20.96 -51.72 12.83
N LYS A 100 21.03 -51.47 14.15
CA LYS A 100 22.28 -51.60 14.92
C LYS A 100 22.87 -53.01 14.89
N ASP A 101 22.02 -54.04 14.95
CA ASP A 101 22.38 -55.46 15.07
C ASP A 101 22.13 -56.28 13.80
N GLY A 102 22.27 -55.68 12.60
CA GLY A 102 22.07 -56.39 11.33
C GLY A 102 22.59 -55.63 10.11
N ASN A 103 22.26 -56.14 8.92
CA ASN A 103 22.73 -55.62 7.62
C ASN A 103 21.71 -54.72 6.88
N PHE A 104 20.58 -54.37 7.50
CA PHE A 104 19.54 -53.56 6.86
C PHE A 104 19.78 -52.06 7.02
N GLY A 105 19.48 -51.28 5.98
CA GLY A 105 19.56 -49.82 6.03
C GLY A 105 19.52 -49.18 4.65
N LEU A 106 19.49 -47.85 4.64
CA LEU A 106 19.41 -47.05 3.42
C LEU A 106 20.73 -47.18 2.64
N GLN A 107 20.66 -47.49 1.35
CA GLN A 107 21.84 -47.71 0.49
C GLN A 107 22.02 -46.65 -0.58
N GLU A 108 20.94 -46.20 -1.22
CA GLU A 108 20.99 -45.18 -2.27
C GLU A 108 19.86 -44.16 -2.12
N LEU A 109 20.12 -42.90 -2.48
CA LEU A 109 19.14 -41.83 -2.26
C LEU A 109 18.11 -41.69 -3.38
N GLY A 110 18.43 -41.93 -4.66
CA GLY A 110 17.44 -41.87 -5.74
C GLY A 110 16.92 -40.46 -6.11
N LEU A 111 17.58 -39.42 -5.61
CA LEU A 111 17.18 -38.01 -5.66
C LEU A 111 17.70 -37.27 -6.91
N LYS A 112 17.85 -37.97 -8.05
CA LYS A 112 18.37 -37.44 -9.32
C LYS A 112 17.74 -36.13 -9.81
N ASN A 113 16.44 -35.93 -9.64
CA ASN A 113 15.78 -34.69 -10.02
C ASN A 113 16.02 -33.53 -9.04
N LEU A 114 16.44 -33.77 -7.79
CA LEU A 114 16.51 -32.71 -6.77
C LEU A 114 17.53 -31.68 -7.19
N THR A 115 17.07 -30.49 -7.54
CA THR A 115 17.93 -29.46 -8.13
C THR A 115 18.04 -28.22 -7.27
N GLU A 116 17.03 -27.84 -6.48
CA GLU A 116 17.28 -26.78 -5.52
C GLU A 116 16.55 -26.80 -4.20
N ILE A 117 17.19 -26.19 -3.22
CA ILE A 117 16.65 -25.91 -1.89
C ILE A 117 16.70 -24.39 -1.73
N LEU A 118 15.56 -23.74 -1.49
CA LEU A 118 15.54 -22.28 -1.40
C LEU A 118 16.08 -21.74 -0.06
N ASN A 119 15.87 -22.46 1.05
CA ASN A 119 16.18 -22.00 2.41
C ASN A 119 16.73 -23.13 3.27
N GLY A 120 17.59 -22.82 4.23
CA GLY A 120 18.14 -23.80 5.17
C GLY A 120 19.29 -24.65 4.61
N GLY A 121 19.84 -25.53 5.44
CA GLY A 121 20.96 -26.40 5.08
C GLY A 121 20.58 -27.86 4.85
N VAL A 122 21.60 -28.71 4.70
CA VAL A 122 21.49 -30.16 4.50
C VAL A 122 22.20 -30.93 5.61
N TYR A 123 21.59 -31.99 6.13
CA TYR A 123 22.14 -32.78 7.24
C TYR A 123 22.09 -34.26 6.91
N VAL A 124 23.23 -34.87 6.61
CA VAL A 124 23.37 -36.31 6.37
C VAL A 124 24.31 -36.89 7.42
N ASP A 125 23.84 -37.81 8.28
CA ASP A 125 24.63 -38.25 9.44
C ASP A 125 24.37 -39.69 9.88
N GLN A 126 25.44 -40.46 10.06
CA GLN A 126 25.46 -41.83 10.59
C GLN A 126 24.60 -42.85 9.81
N ASN A 127 24.49 -42.72 8.49
CA ASN A 127 23.77 -43.68 7.66
C ASN A 127 24.75 -44.79 7.24
N LYS A 128 24.94 -45.83 8.07
CA LYS A 128 26.06 -46.78 7.97
C LYS A 128 26.26 -47.45 6.60
N PHE A 129 25.18 -47.76 5.88
CA PHE A 129 25.26 -48.45 4.57
C PHE A 129 24.99 -47.56 3.35
N LEU A 130 24.94 -46.23 3.51
CA LEU A 130 24.56 -45.29 2.45
C LEU A 130 25.76 -44.90 1.59
N CYS A 131 25.68 -45.16 0.28
CA CYS A 131 26.64 -44.70 -0.71
C CYS A 131 26.13 -43.47 -1.45
N TYR A 132 27.02 -42.65 -2.02
CA TYR A 132 26.66 -41.54 -2.93
C TYR A 132 25.98 -40.32 -2.29
N ALA A 133 25.94 -40.22 -0.96
CA ALA A 133 25.60 -38.99 -0.27
C ALA A 133 26.76 -38.00 -0.38
N ASP A 134 27.98 -38.51 -0.24
CA ASP A 134 29.20 -37.80 -0.61
C ASP A 134 29.38 -37.86 -2.14
N THR A 135 30.33 -37.11 -2.69
CA THR A 135 30.55 -36.92 -4.13
C THR A 135 29.45 -36.11 -4.83
N ILE A 136 28.52 -35.54 -4.08
CA ILE A 136 27.47 -34.63 -4.57
C ILE A 136 27.85 -33.20 -4.24
N HIS A 137 27.83 -32.33 -5.25
CA HIS A 137 28.18 -30.92 -5.10
C HIS A 137 26.97 -30.16 -4.55
N TRP A 138 26.71 -30.30 -3.24
CA TRP A 138 25.50 -29.78 -2.59
C TRP A 138 25.37 -28.26 -2.67
N GLN A 139 26.46 -27.53 -2.90
CA GLN A 139 26.42 -26.10 -3.17
C GLN A 139 25.75 -25.73 -4.50
N ASP A 140 25.58 -26.66 -5.46
CA ASP A 140 24.77 -26.36 -6.65
C ASP A 140 23.28 -26.36 -6.30
N ILE A 141 22.89 -27.20 -5.34
CA ILE A 141 21.50 -27.40 -4.90
C ILE A 141 21.06 -26.33 -3.91
N VAL A 142 21.88 -25.99 -2.92
CA VAL A 142 21.56 -24.97 -1.91
C VAL A 142 21.73 -23.56 -2.50
N ARG A 143 20.68 -22.73 -2.49
CA ARG A 143 20.72 -21.37 -3.09
C ARG A 143 21.58 -20.35 -2.35
N ASN A 144 21.81 -20.53 -1.04
CA ASN A 144 22.58 -19.59 -0.20
C ASN A 144 23.63 -20.32 0.66
N PRO A 145 24.78 -20.74 0.10
CA PRO A 145 25.78 -21.52 0.84
C PRO A 145 26.36 -20.80 2.07
N TRP A 146 26.79 -21.60 3.06
CA TRP A 146 27.42 -21.15 4.31
C TRP A 146 28.75 -21.91 4.52
N PRO A 147 29.83 -21.54 3.81
CA PRO A 147 31.11 -22.25 3.87
C PRO A 147 31.65 -22.44 5.29
N LEU A 150 26.05 -25.83 8.81
CA LEU A 150 25.09 -26.29 7.80
C LEU A 150 25.79 -27.05 6.65
N THR A 151 25.00 -27.73 5.83
CA THR A 151 25.46 -28.59 4.71
C THR A 151 26.48 -29.65 5.17
N LEU A 152 26.16 -30.39 6.22
CA LEU A 152 27.03 -31.45 6.75
C LEU A 152 26.78 -32.76 6.03
N VAL A 153 27.85 -33.39 5.52
CA VAL A 153 27.82 -34.69 4.85
C VAL A 153 28.90 -35.60 5.44
N SER A 154 28.58 -36.88 5.68
CA SER A 154 29.51 -37.87 6.26
C SER A 154 29.10 -39.32 5.93
N SER A 158 30.94 -44.66 5.55
CA SER A 158 30.58 -45.47 4.39
C SER A 158 31.76 -45.65 3.41
N SER A 159 31.92 -46.86 2.87
CA SER A 159 33.02 -47.24 1.96
C SER A 159 32.60 -48.35 0.98
N GLY A 160 33.39 -48.57 -0.07
CA GLY A 160 33.15 -49.61 -1.09
C GLY A 160 32.09 -49.23 -2.13
N CYS A 161 31.78 -47.95 -2.28
CA CYS A 161 30.71 -47.46 -3.16
C CYS A 161 31.12 -47.46 -4.65
N GLY A 162 32.42 -47.40 -4.94
CA GLY A 162 32.98 -47.42 -6.29
C GLY A 162 32.90 -46.07 -7.01
N ARG A 163 33.52 -46.00 -8.20
CA ARG A 163 33.36 -44.84 -9.09
C ARG A 163 32.02 -44.98 -9.82
N CYS A 164 31.31 -43.87 -10.05
CA CYS A 164 30.00 -43.91 -10.69
C CYS A 164 30.04 -44.58 -12.07
N HIS A 165 30.77 -43.98 -13.02
CA HIS A 165 31.07 -44.49 -14.36
C HIS A 165 32.22 -43.67 -14.97
N LYS A 166 33.06 -44.26 -15.80
CA LYS A 166 34.12 -43.51 -16.51
C LYS A 166 33.60 -42.39 -17.42
N SER A 167 32.36 -42.47 -17.89
CA SER A 167 31.71 -41.43 -18.72
C SER A 167 31.09 -40.29 -17.90
N CYS A 168 31.07 -40.40 -16.57
CA CYS A 168 30.46 -39.43 -15.67
C CYS A 168 31.45 -38.39 -15.16
N THR A 169 30.98 -37.18 -14.84
CA THR A 169 31.83 -36.06 -14.38
C THR A 169 32.43 -36.29 -12.98
N GLY A 170 32.01 -37.35 -12.28
CA GLY A 170 32.45 -37.67 -10.91
C GLY A 170 31.46 -37.23 -9.82
N ARG A 171 30.36 -36.56 -10.18
CA ARG A 171 29.26 -36.16 -9.29
C ARG A 171 28.04 -37.03 -9.59
N CYS A 172 27.62 -37.90 -8.68
CA CYS A 172 26.65 -38.95 -9.03
C CYS A 172 25.80 -39.47 -7.88
N TRP A 173 24.52 -39.79 -8.12
CA TRP A 173 23.59 -40.32 -7.11
C TRP A 173 23.60 -41.87 -6.99
N GLY A 174 24.36 -42.60 -7.81
CA GLY A 174 24.27 -44.06 -7.86
C GLY A 174 25.44 -44.78 -8.55
N PRO A 175 25.35 -46.10 -8.75
CA PRO A 175 26.43 -46.96 -9.30
C PRO A 175 26.54 -47.05 -10.83
N THR A 176 25.76 -46.30 -11.60
CA THR A 176 25.79 -46.32 -13.08
C THR A 176 25.71 -44.91 -13.66
N GLU A 177 26.05 -44.74 -14.94
CA GLU A 177 26.02 -43.44 -15.64
C GLU A 177 24.61 -42.82 -15.79
N ASN A 178 23.56 -43.57 -15.50
CA ASN A 178 22.17 -43.07 -15.51
C ASN A 178 21.84 -42.24 -14.26
N HIS A 179 22.72 -42.19 -13.26
CA HIS A 179 22.51 -41.49 -11.99
C HIS A 179 23.40 -40.26 -11.79
N CYS A 180 24.06 -39.73 -12.82
CA CYS A 180 24.99 -38.61 -12.67
C CYS A 180 24.25 -37.33 -12.25
N GLN A 181 24.84 -36.54 -11.35
CA GLN A 181 24.25 -35.25 -10.93
C GLN A 181 24.41 -34.22 -12.05
N THR A 182 23.37 -33.44 -12.32
CA THR A 182 23.46 -32.33 -13.27
C THR A 182 23.75 -31.03 -12.54
N LEU A 183 24.83 -30.33 -12.86
CA LEU A 183 25.17 -29.04 -12.27
C LEU A 183 24.50 -27.90 -13.06
N THR A 184 23.81 -27.00 -12.37
CA THR A 184 22.96 -25.98 -13.03
C THR A 184 23.29 -24.53 -12.66
N ARG A 185 24.03 -24.29 -11.57
CA ARG A 185 24.37 -22.96 -11.07
C ARG A 185 25.86 -22.72 -11.00
N THR A 186 26.66 -23.71 -10.62
CA THR A 186 28.13 -23.56 -10.52
C THR A 186 28.87 -23.80 -11.85
N VAL A 187 28.16 -24.20 -12.91
CA VAL A 187 28.69 -24.35 -14.27
C VAL A 187 27.82 -23.54 -15.22
N CYS A 188 28.11 -22.25 -15.33
CA CYS A 188 27.30 -21.26 -16.04
C CYS A 188 28.15 -20.14 -16.64
N ALA A 189 27.59 -19.42 -17.62
CA ALA A 189 28.14 -18.16 -18.10
C ALA A 189 28.07 -17.09 -17.00
N GLU A 190 29.05 -16.19 -16.92
CA GLU A 190 29.12 -15.17 -15.86
C GLU A 190 27.95 -14.18 -15.83
N GLN A 191 27.25 -14.01 -16.96
CA GLN A 191 26.13 -13.09 -17.13
C GLN A 191 24.84 -13.57 -16.44
N CYS A 192 24.74 -14.84 -16.04
CA CYS A 192 23.50 -15.40 -15.51
C CYS A 192 23.18 -15.01 -14.06
N ASP A 193 21.92 -14.70 -13.77
CA ASP A 193 21.42 -14.49 -12.41
C ASP A 193 20.86 -15.76 -11.76
N GLY A 194 20.33 -16.66 -12.58
CA GLY A 194 19.62 -17.86 -12.14
C GLY A 194 20.42 -19.15 -12.35
N ARG A 195 19.89 -20.04 -13.20
CA ARG A 195 20.46 -21.36 -13.53
C ARG A 195 20.48 -21.55 -15.04
N CYS A 196 21.23 -22.53 -15.53
CA CYS A 196 21.53 -22.69 -16.95
C CYS A 196 20.99 -23.98 -17.54
N TYR A 197 20.79 -24.03 -18.85
CA TYR A 197 20.52 -25.25 -19.61
C TYR A 197 21.68 -25.65 -20.54
N GLY A 198 22.84 -25.01 -20.38
CA GLY A 198 24.09 -25.28 -21.10
C GLY A 198 25.23 -24.38 -20.59
N PRO A 199 26.48 -24.59 -21.00
CA PRO A 199 27.62 -23.80 -20.55
C PRO A 199 27.77 -22.43 -21.25
N TYR A 200 26.94 -22.11 -22.24
CA TYR A 200 27.04 -20.89 -23.04
C TYR A 200 26.15 -19.75 -22.53
N VAL A 201 26.53 -18.51 -22.84
CA VAL A 201 25.74 -17.32 -22.49
C VAL A 201 24.34 -17.32 -23.14
N SER A 202 24.18 -18.01 -24.28
CA SER A 202 22.90 -18.18 -24.97
C SER A 202 22.00 -19.29 -24.41
N ASP A 203 22.48 -20.16 -23.51
CA ASP A 203 21.71 -21.28 -22.94
C ASP A 203 21.34 -21.06 -21.46
N CYS A 204 21.43 -19.79 -21.06
CA CYS A 204 21.05 -19.28 -19.76
C CYS A 204 19.53 -19.06 -19.67
N CYS A 205 18.87 -19.29 -18.52
CA CYS A 205 17.41 -19.15 -18.41
C CYS A 205 16.91 -18.09 -17.41
N HIS A 206 15.59 -17.93 -17.33
CA HIS A 206 14.91 -16.80 -16.68
C HIS A 206 15.19 -16.72 -15.18
N ARG A 207 15.34 -15.51 -14.64
CA ARG A 207 15.68 -15.26 -13.24
C ARG A 207 14.62 -15.71 -12.22
N GLU A 208 13.34 -15.75 -12.61
CA GLU A 208 12.24 -16.15 -11.73
C GLU A 208 12.04 -17.67 -11.63
N CYS A 209 12.82 -18.47 -12.33
CA CYS A 209 12.61 -19.92 -12.37
C CYS A 209 13.61 -20.68 -11.53
N ALA A 210 13.07 -21.57 -10.69
CA ALA A 210 13.78 -22.31 -9.67
C ALA A 210 14.00 -23.76 -10.10
N GLY A 211 15.19 -24.30 -9.90
CA GLY A 211 15.45 -25.71 -10.13
C GLY A 211 15.51 -26.14 -11.60
N GLY A 212 15.77 -25.25 -12.54
CA GLY A 212 16.12 -25.57 -13.94
C GLY A 212 15.09 -25.18 -15.00
N CYS A 213 15.45 -25.34 -16.29
CA CYS A 213 14.68 -24.80 -17.41
C CYS A 213 14.76 -25.67 -18.68
N SER A 214 13.73 -25.61 -19.53
CA SER A 214 13.78 -26.12 -20.91
C SER A 214 14.08 -25.03 -21.96
N GLY A 215 13.92 -23.76 -21.60
CA GLY A 215 14.11 -22.61 -22.50
C GLY A 215 14.18 -21.27 -21.75
N PRO A 216 14.48 -20.16 -22.43
CA PRO A 216 14.80 -18.89 -21.78
C PRO A 216 13.59 -18.09 -21.27
N LYS A 217 12.34 -18.44 -21.61
CA LYS A 217 11.15 -17.63 -21.26
C LYS A 217 10.59 -17.98 -19.88
N ASP A 218 9.76 -17.11 -19.31
CA ASP A 218 9.03 -17.39 -18.07
C ASP A 218 7.94 -18.49 -18.20
N THR A 219 7.72 -19.03 -19.41
CA THR A 219 6.88 -20.22 -19.67
C THR A 219 7.65 -21.54 -19.63
N ASP A 220 8.98 -21.50 -19.69
CA ASP A 220 9.84 -22.63 -20.07
C ASP A 220 10.55 -23.26 -18.85
N CYS A 221 9.90 -23.24 -17.69
CA CYS A 221 10.52 -23.48 -16.39
C CYS A 221 10.04 -24.78 -15.73
N PHE A 222 10.95 -25.49 -15.05
CA PHE A 222 10.59 -26.73 -14.36
C PHE A 222 9.80 -26.50 -13.06
N ALA A 223 10.15 -25.46 -12.31
CA ALA A 223 9.41 -25.03 -11.12
C ALA A 223 9.53 -23.52 -10.92
N CYS A 224 8.56 -22.93 -10.22
CA CYS A 224 8.44 -21.49 -10.09
C CYS A 224 8.71 -21.01 -8.67
N MET A 225 9.37 -19.87 -8.52
CA MET A 225 9.49 -19.13 -7.26
C MET A 225 8.85 -17.76 -7.41
N ASN A 226 8.35 -17.19 -6.32
CA ASN A 226 7.29 -16.17 -6.37
C ASN A 226 6.03 -16.75 -7.06
N PHE A 227 5.36 -16.02 -7.95
CA PHE A 227 3.95 -16.29 -8.30
C PHE A 227 3.77 -16.96 -9.67
N ASN A 228 2.87 -17.93 -9.77
CA ASN A 228 2.45 -18.52 -11.04
C ASN A 228 1.23 -17.77 -11.60
N ASP A 229 1.46 -16.87 -12.55
CA ASP A 229 0.42 -16.17 -13.32
C ASP A 229 -0.03 -17.01 -14.53
N SER A 230 -0.99 -17.91 -14.33
CA SER A 230 -1.66 -18.66 -15.40
C SER A 230 -0.73 -19.43 -16.35
N GLY A 231 0.42 -19.91 -15.85
CA GLY A 231 1.42 -20.64 -16.63
C GLY A 231 2.72 -19.88 -16.89
N ALA A 232 2.78 -18.59 -16.55
CA ALA A 232 4.00 -17.79 -16.58
C ALA A 232 4.47 -17.46 -15.16
N CYS A 233 5.76 -17.59 -14.88
CA CYS A 233 6.29 -17.41 -13.53
C CYS A 233 6.84 -15.99 -13.31
N VAL A 234 6.38 -15.27 -12.28
CA VAL A 234 6.55 -13.79 -12.18
C VAL A 234 6.84 -13.29 -10.76
N THR A 235 7.46 -12.12 -10.64
CA THR A 235 7.82 -11.48 -9.36
C THR A 235 6.61 -11.03 -8.54
N GLN A 236 5.53 -10.59 -9.19
CA GLN A 236 4.24 -10.23 -8.59
C GLN A 236 3.13 -10.28 -9.65
N CYS A 237 1.87 -10.43 -9.24
CA CYS A 237 0.73 -10.46 -10.17
C CYS A 237 0.51 -9.08 -10.82
N PRO A 238 -0.04 -9.01 -12.05
CA PRO A 238 -0.36 -7.74 -12.71
C PRO A 238 -1.27 -6.83 -11.90
N GLN A 239 -0.86 -5.58 -11.70
CA GLN A 239 -1.50 -4.63 -10.79
C GLN A 239 -2.58 -3.77 -11.48
N THR A 240 -3.44 -3.10 -10.71
CA THR A 240 -4.48 -2.17 -11.19
C THR A 240 -3.96 -0.87 -11.79
N PHE A 241 -2.69 -0.53 -11.54
CA PHE A 241 -2.02 0.64 -12.10
C PHE A 241 -0.61 0.31 -12.61
N VAL A 242 -0.20 0.98 -13.69
CA VAL A 242 1.15 0.92 -14.28
C VAL A 242 1.79 2.30 -14.21
N TYR A 243 3.01 2.41 -13.69
CA TYR A 243 3.73 3.69 -13.66
C TYR A 243 4.19 4.07 -15.07
N ASN A 244 4.00 5.34 -15.45
CA ASN A 244 4.44 5.87 -16.73
C ASN A 244 5.58 6.88 -16.55
N PRO A 245 6.87 6.46 -16.63
CA PRO A 245 8.01 7.36 -16.45
C PRO A 245 8.16 8.38 -17.59
N THR A 246 7.45 8.24 -18.71
CA THR A 246 7.36 9.26 -19.76
C THR A 246 6.73 10.55 -19.23
N THR A 247 5.77 10.45 -18.30
CA THR A 247 4.90 11.56 -17.87
C THR A 247 4.88 11.79 -16.36
N PHE A 248 5.50 10.92 -15.56
CA PHE A 248 5.42 10.92 -14.09
C PHE A 248 3.96 10.83 -13.62
N GLN A 249 3.20 9.89 -14.19
CA GLN A 249 1.82 9.61 -13.82
C GLN A 249 1.63 8.12 -13.58
N LEU A 250 0.59 7.79 -12.84
CA LEU A 250 0.21 6.42 -12.53
C LEU A 250 -1.10 6.11 -13.27
N GLU A 251 -1.06 5.17 -14.21
CA GLU A 251 -2.13 4.98 -15.20
C GLU A 251 -2.88 3.67 -14.95
N HIS A 252 -4.20 3.66 -15.08
CA HIS A 252 -4.99 2.47 -14.76
C HIS A 252 -4.69 1.33 -15.73
N ASN A 253 -4.61 0.09 -15.23
CA ASN A 253 -4.20 -1.08 -16.04
C ASN A 253 -5.31 -2.09 -16.22
N PHE A 254 -5.37 -2.77 -17.37
CA PHE A 254 -6.37 -3.84 -17.63
C PHE A 254 -5.67 -5.19 -17.46
N ASN A 255 -6.40 -6.25 -17.14
CA ASN A 255 -5.86 -7.63 -16.95
C ASN A 255 -5.31 -7.74 -15.52
N ALA A 256 -5.42 -6.70 -14.70
CA ALA A 256 -4.95 -6.70 -13.30
C ALA A 256 -5.53 -7.92 -12.59
N LYS A 257 -4.70 -8.69 -11.86
CA LYS A 257 -5.15 -9.94 -11.19
C LYS A 257 -4.95 -9.86 -9.68
N TYR A 258 -5.78 -10.59 -8.92
CA TYR A 258 -5.63 -10.66 -7.47
C TYR A 258 -4.58 -11.69 -7.05
N THR A 259 -3.69 -11.32 -6.14
CA THR A 259 -2.69 -12.21 -5.57
C THR A 259 -3.34 -13.10 -4.52
N TYR A 260 -3.21 -14.41 -4.65
CA TYR A 260 -3.80 -15.37 -3.71
C TYR A 260 -2.87 -16.58 -3.55
N GLY A 261 -2.15 -16.66 -2.42
CA GLY A 261 -1.38 -17.86 -2.04
C GLY A 261 -0.45 -18.42 -3.14
N ALA A 262 0.45 -17.59 -3.66
CA ALA A 262 1.38 -17.92 -4.75
C ALA A 262 0.78 -18.16 -6.16
N PHE A 263 -0.52 -17.88 -6.37
CA PHE A 263 -1.18 -17.85 -7.68
C PHE A 263 -1.80 -16.48 -7.95
N CYS A 264 -2.03 -16.17 -9.23
CA CYS A 264 -2.81 -14.99 -9.64
C CYS A 264 -4.19 -15.42 -10.16
N VAL A 265 -5.25 -14.79 -9.65
CA VAL A 265 -6.66 -15.15 -9.93
C VAL A 265 -7.50 -13.93 -10.30
N LYS A 266 -8.60 -14.15 -11.06
CA LYS A 266 -9.52 -13.07 -11.47
C LYS A 266 -10.49 -12.66 -10.37
N LYS A 267 -10.88 -13.60 -9.50
CA LYS A 267 -11.84 -13.40 -8.41
C LYS A 267 -11.23 -13.84 -7.08
N CYS A 268 -11.25 -12.97 -6.07
CA CYS A 268 -10.77 -13.30 -4.74
C CYS A 268 -11.82 -14.12 -3.97
N PRO A 269 -11.51 -15.30 -3.39
CA PRO A 269 -12.52 -16.10 -2.68
C PRO A 269 -13.22 -15.32 -1.56
N HIS A 270 -14.52 -15.59 -1.38
CA HIS A 270 -15.41 -14.86 -0.45
C HIS A 270 -15.01 -14.90 1.02
N ASN A 271 -14.18 -15.86 1.45
CA ASN A 271 -13.72 -15.95 2.83
C ASN A 271 -12.67 -14.88 3.19
N PHE A 272 -11.96 -14.32 2.21
CA PHE A 272 -10.79 -13.48 2.42
C PHE A 272 -11.09 -12.00 2.19
N VAL A 273 -10.34 -11.15 2.87
CA VAL A 273 -10.42 -9.70 2.75
C VAL A 273 -9.65 -9.24 1.53
N VAL A 274 -10.26 -8.44 0.66
CA VAL A 274 -9.56 -7.87 -0.50
C VAL A 274 -8.81 -6.60 -0.10
N ASP A 275 -7.51 -6.55 -0.33
CA ASP A 275 -6.64 -5.42 0.00
C ASP A 275 -5.57 -5.21 -1.09
N SER A 276 -5.61 -4.10 -1.83
CA SER A 276 -4.58 -3.74 -2.82
C SER A 276 -4.27 -4.85 -3.81
N SER A 277 -5.29 -5.41 -4.47
CA SER A 277 -5.19 -6.54 -5.41
C SER A 277 -4.60 -7.84 -4.82
N SER A 278 -4.87 -8.11 -3.56
CA SER A 278 -4.46 -9.32 -2.86
C SER A 278 -5.53 -9.81 -1.90
N CYS A 279 -5.57 -11.11 -1.65
CA CYS A 279 -6.49 -11.74 -0.72
C CYS A 279 -5.77 -12.05 0.57
N VAL A 280 -6.26 -11.54 1.70
CA VAL A 280 -5.61 -11.71 3.01
C VAL A 280 -6.55 -12.27 4.06
N ARG A 281 -6.01 -13.04 5.01
CA ARG A 281 -6.76 -13.60 6.15
C ARG A 281 -7.16 -12.53 7.17
N ALA A 282 -6.32 -11.52 7.33
CA ALA A 282 -6.54 -10.40 8.24
C ALA A 282 -5.91 -9.13 7.66
N CYS A 283 -6.53 -7.99 7.92
CA CYS A 283 -5.99 -6.71 7.46
C CYS A 283 -4.99 -6.10 8.47
N PRO A 284 -3.89 -5.43 8.04
CA PRO A 284 -2.94 -4.80 8.94
C PRO A 284 -3.54 -3.76 9.92
N SER A 285 -2.90 -3.59 11.07
CA SER A 285 -3.40 -2.79 12.20
C SER A 285 -3.63 -1.30 11.92
N SER A 286 -3.03 -0.75 10.85
CA SER A 286 -3.22 0.64 10.40
C SER A 286 -4.53 0.89 9.63
N LYS A 287 -5.29 -0.18 9.33
CA LYS A 287 -6.52 -0.14 8.53
C LYS A 287 -7.67 -0.86 9.24
N MET A 288 -8.86 -0.76 8.68
CA MET A 288 -10.10 -1.34 9.22
C MET A 288 -10.80 -2.21 8.17
N GLU A 289 -11.26 -3.39 8.57
CA GLU A 289 -12.04 -4.29 7.70
C GLU A 289 -13.50 -3.82 7.59
N VAL A 290 -13.98 -3.70 6.35
CA VAL A 290 -15.31 -3.22 5.97
C VAL A 290 -15.95 -4.17 4.96
N GLU A 291 -17.27 -4.08 4.75
CA GLU A 291 -17.93 -4.82 3.69
C GLU A 291 -18.78 -3.88 2.83
N GLU A 292 -18.65 -4.00 1.51
CA GLU A 292 -19.41 -3.23 0.53
C GLU A 292 -19.91 -4.15 -0.58
N ASN A 293 -21.21 -4.07 -0.93
CA ASN A 293 -21.81 -4.88 -2.00
C ASN A 293 -21.59 -6.41 -1.85
N GLY A 294 -21.55 -6.92 -0.62
CA GLY A 294 -21.29 -8.32 -0.30
C GLY A 294 -19.83 -8.77 -0.38
N ILE A 295 -18.89 -7.85 -0.63
CA ILE A 295 -17.45 -8.12 -0.78
C ILE A 295 -16.70 -7.65 0.46
N LYS A 296 -15.87 -8.52 1.06
CA LYS A 296 -15.01 -8.16 2.19
C LYS A 296 -13.78 -7.42 1.66
N MET A 297 -13.47 -6.26 2.21
CA MET A 297 -12.33 -5.45 1.81
C MET A 297 -11.84 -4.58 2.97
N CYS A 298 -10.70 -3.91 2.82
CA CYS A 298 -10.13 -3.14 3.90
C CYS A 298 -9.68 -1.74 3.47
N LYS A 299 -10.00 -0.73 4.29
CA LYS A 299 -9.75 0.70 4.03
C LYS A 299 -9.06 1.37 5.23
N PRO A 300 -8.40 2.54 5.07
CA PRO A 300 -7.68 3.19 6.15
C PRO A 300 -8.54 3.40 7.40
N CYS A 301 -7.96 3.24 8.58
CA CYS A 301 -8.71 3.42 9.82
C CYS A 301 -9.07 4.90 10.07
N THR A 302 -10.32 5.16 10.50
CA THR A 302 -10.84 6.47 10.89
C THR A 302 -11.39 6.43 12.31
N ASP A 303 -11.23 7.53 13.06
CA ASP A 303 -11.60 7.60 14.49
C ASP A 303 -11.03 6.41 15.28
N ILE A 304 -11.84 5.67 16.04
CA ILE A 304 -11.43 4.46 16.77
C ILE A 304 -12.07 3.25 16.08
N CYS A 305 -11.23 2.36 15.54
CA CYS A 305 -11.67 1.20 14.76
C CYS A 305 -11.81 -0.08 15.61
N PRO A 306 -12.75 -0.99 15.29
CA PRO A 306 -12.82 -2.31 15.91
C PRO A 306 -11.53 -3.12 15.71
N LYS A 307 -11.11 -3.82 16.78
CA LYS A 307 -9.89 -4.66 16.78
C LYS A 307 -10.23 -6.10 17.18
N ALA A 308 -9.59 -7.06 16.53
CA ALA A 308 -9.73 -8.49 16.80
C ALA A 308 -8.57 -8.98 17.68
N CYS A 309 -8.80 -9.96 18.55
CA CYS A 309 -7.75 -10.51 19.41
C CYS A 309 -7.01 -11.69 18.74
N ASP A 310 -5.77 -11.94 19.15
CA ASP A 310 -4.97 -13.06 18.65
C ASP A 310 -5.63 -14.43 18.93
N GLY A 311 -5.67 -15.30 17.94
CA GLY A 311 -6.11 -16.69 18.12
C GLY A 311 -4.94 -17.62 18.43
N ILE A 312 -5.22 -18.91 18.60
CA ILE A 312 -4.17 -19.90 18.81
C ILE A 312 -3.47 -20.15 17.46
N GLY A 313 -2.16 -19.91 17.40
CA GLY A 313 -1.39 -20.00 16.15
C GLY A 313 -1.25 -18.68 15.37
N THR A 314 -1.70 -17.53 15.88
CA THR A 314 -1.53 -16.21 15.23
C THR A 314 -1.02 -15.16 16.22
N GLY A 315 -0.41 -14.09 15.72
CA GLY A 315 0.04 -12.94 16.52
C GLY A 315 0.94 -13.30 17.71
N SER A 316 0.64 -12.76 18.88
CA SER A 316 1.37 -13.04 20.12
C SER A 316 1.21 -14.48 20.65
N LEU A 317 0.28 -15.25 20.08
CA LEU A 317 0.02 -16.67 20.38
C LEU A 317 0.50 -17.61 19.26
N MET A 318 1.38 -17.15 18.37
CA MET A 318 1.98 -17.95 17.28
C MET A 318 2.57 -19.29 17.76
N SER A 319 3.16 -19.31 18.96
CA SER A 319 3.76 -20.51 19.57
C SER A 319 2.77 -21.38 20.38
N ALA A 320 1.51 -20.96 20.55
CA ALA A 320 0.53 -21.70 21.36
C ALA A 320 -0.10 -22.89 20.61
N GLN A 321 -0.21 -24.04 21.27
CA GLN A 321 -0.88 -25.24 20.72
C GLN A 321 -2.34 -25.38 21.14
N THR A 322 -2.74 -24.73 22.24
CA THR A 322 -4.08 -24.86 22.85
C THR A 322 -4.38 -23.63 23.71
N VAL A 323 -5.65 -23.32 23.95
CA VAL A 323 -6.01 -22.49 25.10
C VAL A 323 -5.60 -23.22 26.37
N ASP A 324 -4.97 -22.55 27.33
CA ASP A 324 -4.52 -23.13 28.60
C ASP A 324 -4.64 -22.14 29.76
N SER A 325 -4.23 -22.56 30.96
CA SER A 325 -4.32 -21.73 32.18
C SER A 325 -3.39 -20.51 32.21
N SER A 326 -2.39 -20.42 31.32
CA SER A 326 -1.45 -19.30 31.25
C SER A 326 -1.80 -18.28 30.17
N ASN A 327 -2.52 -18.64 29.09
CA ASN A 327 -2.86 -17.70 28.01
C ASN A 327 -4.34 -17.31 27.94
N ILE A 328 -5.24 -17.98 28.69
CA ILE A 328 -6.68 -17.71 28.63
C ILE A 328 -7.08 -16.27 28.99
N ASP A 329 -6.32 -15.58 29.83
CA ASP A 329 -6.61 -14.20 30.21
C ASP A 329 -6.63 -13.22 29.03
N LYS A 330 -5.96 -13.52 27.91
CA LYS A 330 -5.96 -12.64 26.74
C LYS A 330 -7.32 -12.49 26.06
N PHE A 331 -8.29 -13.34 26.38
CA PHE A 331 -9.62 -13.36 25.77
C PHE A 331 -10.70 -12.65 26.59
N ILE A 332 -10.38 -12.01 27.72
CA ILE A 332 -11.35 -11.46 28.70
C ILE A 332 -12.34 -10.43 28.15
N ASN A 333 -11.92 -9.49 27.31
CA ASN A 333 -12.78 -8.48 26.70
C ASN A 333 -12.86 -8.59 25.17
N CYS A 334 -12.62 -9.77 24.61
CA CYS A 334 -12.55 -9.94 23.16
C CYS A 334 -13.91 -10.26 22.54
N THR A 335 -14.26 -9.62 21.42
CA THR A 335 -15.50 -9.92 20.66
C THR A 335 -15.24 -10.66 19.35
N LYS A 336 -14.03 -10.61 18.79
CA LYS A 336 -13.64 -11.32 17.57
C LYS A 336 -12.24 -11.92 17.74
N ILE A 337 -12.07 -13.17 17.35
CA ILE A 337 -10.76 -13.85 17.41
C ILE A 337 -10.19 -13.96 16.01
N ASN A 338 -9.01 -13.39 15.81
CA ASN A 338 -8.28 -13.44 14.56
C ASN A 338 -7.32 -14.63 14.54
N GLY A 339 -7.85 -15.79 14.19
CA GLY A 339 -7.14 -17.07 14.22
C GLY A 339 -8.03 -18.22 14.70
N ASN A 340 -7.42 -19.34 15.05
CA ASN A 340 -8.11 -20.55 15.47
C ASN A 340 -8.42 -20.51 16.97
N LEU A 341 -9.41 -21.29 17.41
CA LEU A 341 -9.66 -21.51 18.84
C LEU A 341 -9.66 -23.00 19.16
N ILE A 342 -8.64 -23.48 19.88
CA ILE A 342 -8.34 -24.91 20.02
C ILE A 342 -8.30 -25.29 21.49
N PHE A 343 -8.97 -26.39 21.86
CA PHE A 343 -8.99 -26.92 23.23
C PHE A 343 -8.48 -28.36 23.24
N LEU A 344 -7.22 -28.55 23.59
CA LEU A 344 -6.62 -29.88 23.71
C LEU A 344 -6.58 -30.35 25.16
N VAL A 345 -6.33 -31.65 25.38
CA VAL A 345 -6.20 -32.27 26.71
C VAL A 345 -5.14 -31.59 27.58
N THR A 346 -4.00 -31.20 27.02
CA THR A 346 -2.93 -30.52 27.75
C THR A 346 -3.29 -29.11 28.20
N GLY A 347 -4.29 -28.50 27.58
CA GLY A 347 -4.75 -27.17 27.94
C GLY A 347 -5.79 -27.21 29.04
N ILE A 348 -6.78 -28.09 28.90
CA ILE A 348 -7.88 -28.22 29.86
C ILE A 348 -7.42 -28.88 31.15
N HIS A 349 -6.68 -29.99 31.08
CA HIS A 349 -6.27 -30.77 32.26
C HIS A 349 -4.83 -30.50 32.73
N GLY A 350 -4.12 -29.56 32.10
CA GLY A 350 -2.75 -29.17 32.48
C GLY A 350 -1.65 -29.98 31.77
N ASP A 351 -0.40 -29.55 31.95
CA ASP A 351 0.76 -30.13 31.27
C ASP A 351 1.97 -30.22 32.23
N PRO A 352 2.06 -31.26 33.08
CA PRO A 352 3.05 -31.37 34.15
C PRO A 352 4.53 -31.30 33.74
N TYR A 353 4.86 -31.57 32.48
CA TYR A 353 6.23 -31.39 31.97
C TYR A 353 6.66 -29.91 32.00
N ASN A 354 5.69 -29.02 31.78
CA ASN A 354 5.82 -27.58 31.81
C ASN A 354 5.25 -27.03 33.13
N ALA A 355 5.27 -25.71 33.34
CA ALA A 355 4.73 -25.05 34.53
C ALA A 355 3.20 -24.81 34.50
N ILE A 356 2.52 -25.18 33.42
CA ILE A 356 1.12 -24.82 33.16
C ILE A 356 0.15 -25.81 33.82
N GLU A 357 -0.72 -25.31 34.71
CA GLU A 357 -1.72 -26.10 35.41
C GLU A 357 -3.04 -26.22 34.63
N ALA A 358 -3.96 -27.05 35.11
CA ALA A 358 -5.30 -27.19 34.53
C ALA A 358 -6.13 -25.90 34.64
N ILE A 359 -7.08 -25.71 33.72
CA ILE A 359 -8.02 -24.57 33.74
C ILE A 359 -9.15 -24.80 34.74
N ASP A 360 -9.41 -23.83 35.62
CA ASP A 360 -10.63 -23.77 36.45
C ASP A 360 -11.84 -23.49 35.53
N PRO A 361 -12.86 -24.35 35.45
CA PRO A 361 -13.99 -24.16 34.55
C PRO A 361 -14.61 -22.77 34.58
N GLU A 362 -14.52 -22.06 35.70
CA GLU A 362 -15.04 -20.68 35.79
C GLU A 362 -14.30 -19.73 34.83
N LYS A 363 -13.01 -19.94 34.57
CA LYS A 363 -12.21 -19.11 33.68
C LYS A 363 -12.70 -19.17 32.24
N LEU A 364 -13.25 -20.31 31.79
CA LEU A 364 -13.75 -20.48 30.44
C LEU A 364 -14.92 -19.51 30.12
N ASN A 365 -15.58 -18.92 31.12
CA ASN A 365 -16.65 -17.97 30.86
C ASN A 365 -16.20 -16.70 30.11
N VAL A 366 -14.91 -16.41 29.97
CA VAL A 366 -14.44 -15.25 29.19
C VAL A 366 -14.85 -15.32 27.71
N PHE A 367 -15.07 -16.51 27.14
CA PHE A 367 -15.46 -16.61 25.73
C PHE A 367 -16.93 -16.27 25.46
N ARG A 368 -17.75 -15.96 26.49
CA ARG A 368 -19.16 -15.52 26.33
C ARG A 368 -19.33 -14.21 25.56
N THR A 369 -18.31 -13.39 25.40
CA THR A 369 -18.37 -12.14 24.63
C THR A 369 -17.95 -12.31 23.18
N VAL A 370 -17.49 -13.48 22.74
CA VAL A 370 -16.96 -13.69 21.38
C VAL A 370 -18.09 -13.96 20.39
N ARG A 371 -18.21 -13.16 19.33
CA ARG A 371 -19.21 -13.35 18.28
C ARG A 371 -18.67 -13.97 17.01
N GLU A 372 -17.40 -13.81 16.67
CA GLU A 372 -16.80 -14.39 15.47
C GLU A 372 -15.43 -15.02 15.72
N ILE A 373 -15.19 -16.21 15.17
CA ILE A 373 -13.89 -16.89 15.16
C ILE A 373 -13.48 -17.03 13.70
N THR A 374 -12.40 -16.38 13.23
CA THR A 374 -12.06 -16.43 11.80
C THR A 374 -11.46 -17.77 11.34
N GLY A 375 -10.78 -18.49 12.22
CA GLY A 375 -10.30 -19.85 11.94
C GLY A 375 -11.29 -20.93 12.39
N PHE A 376 -10.82 -22.16 12.53
CA PHE A 376 -11.66 -23.28 12.93
C PHE A 376 -11.79 -23.39 14.46
N LEU A 377 -12.88 -24.00 14.94
CA LEU A 377 -13.14 -24.32 16.34
C LEU A 377 -12.87 -25.81 16.57
N ASN A 378 -11.87 -26.16 17.38
CA ASN A 378 -11.38 -27.53 17.54
C ASN A 378 -11.44 -27.98 19.00
N ILE A 379 -12.44 -28.78 19.36
CA ILE A 379 -12.73 -29.17 20.74
C ILE A 379 -12.47 -30.67 20.90
N GLN A 380 -11.44 -31.02 21.68
CA GLN A 380 -11.05 -32.41 21.95
C GLN A 380 -11.01 -32.73 23.44
N SER A 381 -11.20 -31.73 24.29
CA SER A 381 -11.26 -31.86 25.73
C SER A 381 -12.14 -30.74 26.30
N TRP A 382 -12.88 -31.04 27.35
CA TRP A 382 -13.76 -30.10 28.05
C TRP A 382 -13.81 -30.52 29.53
N PRO A 383 -14.04 -29.62 30.50
CA PRO A 383 -14.02 -30.02 31.90
C PRO A 383 -14.98 -31.16 32.24
N PRO A 384 -14.67 -32.02 33.24
CA PRO A 384 -15.37 -33.28 33.44
C PRO A 384 -16.90 -33.20 33.53
N ASN A 385 -17.44 -32.16 34.16
CA ASN A 385 -18.88 -32.01 34.42
C ASN A 385 -19.52 -30.74 33.83
N MET A 386 -18.95 -30.16 32.77
CA MET A 386 -19.66 -29.17 31.95
C MET A 386 -20.44 -29.90 30.85
N THR A 387 -21.76 -29.98 30.96
CA THR A 387 -22.61 -30.81 30.10
C THR A 387 -23.01 -30.18 28.76
N ASP A 388 -22.60 -28.94 28.49
CA ASP A 388 -23.00 -28.22 27.29
C ASP A 388 -21.95 -27.18 26.89
N PHE A 389 -22.21 -26.46 25.81
CA PHE A 389 -21.41 -25.31 25.40
C PHE A 389 -22.22 -24.03 25.63
N SER A 390 -22.69 -23.82 26.88
CA SER A 390 -23.27 -22.54 27.29
C SER A 390 -22.25 -21.41 27.16
N VAL A 391 -20.96 -21.69 27.38
CA VAL A 391 -19.89 -20.82 26.88
C VAL A 391 -19.93 -20.87 25.35
N PHE A 392 -19.84 -19.74 24.65
CA PHE A 392 -20.18 -19.58 23.21
C PHE A 392 -21.68 -19.47 22.89
N SER A 393 -22.61 -19.32 23.84
CA SER A 393 -24.04 -19.23 23.51
C SER A 393 -24.39 -18.07 22.57
N ASN A 394 -23.62 -16.99 22.59
CA ASN A 394 -23.75 -15.85 21.69
C ASN A 394 -22.77 -15.86 20.49
N LEU A 395 -22.07 -16.97 20.22
CA LEU A 395 -21.21 -17.11 19.05
C LEU A 395 -22.08 -17.09 17.78
N VAL A 396 -21.77 -16.24 16.80
CA VAL A 396 -22.62 -16.01 15.62
C VAL A 396 -22.13 -16.76 14.40
N THR A 397 -20.83 -16.69 14.10
CA THR A 397 -20.26 -17.33 12.90
C THR A 397 -18.84 -17.79 13.10
N ILE A 398 -18.43 -18.87 12.43
CA ILE A 398 -17.08 -19.41 12.50
C ILE A 398 -16.48 -19.78 11.14
N GLY A 399 -15.17 -19.61 11.06
CA GLY A 399 -14.31 -20.27 10.08
C GLY A 399 -14.34 -19.76 8.64
N GLY A 400 -13.61 -20.52 7.82
CA GLY A 400 -13.48 -20.34 6.37
C GLY A 400 -12.16 -19.73 5.92
N ARG A 401 -11.43 -19.00 6.77
CA ARG A 401 -10.12 -18.42 6.40
C ARG A 401 -8.95 -19.36 6.67
N VAL A 402 -9.08 -20.22 7.68
CA VAL A 402 -8.16 -21.31 8.06
C VAL A 402 -9.00 -22.56 8.31
N LEU A 403 -8.59 -23.74 7.86
CA LEU A 403 -9.28 -25.00 8.12
C LEU A 403 -8.31 -26.01 8.76
N TYR A 404 -8.85 -26.94 9.54
CA TYR A 404 -8.12 -28.10 10.05
C TYR A 404 -8.42 -29.30 9.17
N SER A 405 -7.47 -29.73 8.34
CA SER A 405 -7.81 -30.59 7.18
C SER A 405 -8.93 -29.91 6.36
N GLY A 406 -10.09 -30.52 6.18
CA GLY A 406 -11.25 -29.91 5.50
C GLY A 406 -12.32 -29.30 6.43
N LEU A 407 -12.05 -29.14 7.73
CA LEU A 407 -13.06 -28.86 8.75
C LEU A 407 -12.99 -27.45 9.33
N SER A 408 -14.16 -26.87 9.61
CA SER A 408 -14.30 -25.65 10.41
C SER A 408 -14.81 -25.91 11.81
N LEU A 409 -15.58 -26.97 12.06
CA LEU A 409 -16.06 -27.33 13.38
C LEU A 409 -15.79 -28.80 13.67
N LEU A 410 -15.00 -29.09 14.70
CA LEU A 410 -14.56 -30.44 15.04
C LEU A 410 -14.81 -30.74 16.51
N ILE A 411 -15.60 -31.78 16.82
CA ILE A 411 -15.92 -32.23 18.18
C ILE A 411 -15.69 -33.74 18.28
N LEU A 412 -14.65 -34.15 19.01
CA LEU A 412 -14.19 -35.53 19.14
C LEU A 412 -14.34 -36.08 20.55
N LYS A 413 -15.04 -37.21 20.73
CA LYS A 413 -14.98 -38.07 21.93
C LYS A 413 -15.27 -37.39 23.29
N GLN A 414 -16.28 -36.52 23.41
CA GLN A 414 -16.62 -35.91 24.70
C GLN A 414 -17.81 -36.64 25.32
N GLN A 415 -17.59 -37.37 26.42
CA GLN A 415 -18.64 -38.19 27.04
C GLN A 415 -19.48 -37.45 28.08
N GLY A 416 -19.00 -36.34 28.65
CA GLY A 416 -19.72 -35.56 29.66
C GLY A 416 -20.81 -34.63 29.11
N ILE A 417 -20.81 -34.39 27.79
CA ILE A 417 -21.71 -33.47 27.10
C ILE A 417 -23.03 -34.17 26.72
N THR A 418 -24.18 -33.56 27.02
CA THR A 418 -25.51 -34.06 26.63
C THR A 418 -26.26 -33.15 25.66
N SER A 419 -25.93 -31.86 25.59
CA SER A 419 -26.50 -30.91 24.62
C SER A 419 -25.47 -29.86 24.21
N LEU A 420 -25.66 -29.21 23.06
CA LEU A 420 -24.72 -28.21 22.57
C LEU A 420 -25.08 -26.78 22.99
N GLN A 421 -26.33 -26.35 22.79
CA GLN A 421 -26.86 -25.03 23.16
C GLN A 421 -26.16 -23.80 22.53
N PHE A 422 -25.74 -23.86 21.26
CA PHE A 422 -25.20 -22.71 20.51
C PHE A 422 -26.30 -21.73 20.00
N GLN A 423 -26.98 -20.99 20.88
CA GLN A 423 -28.17 -20.20 20.54
C GLN A 423 -28.02 -19.28 19.33
N SER A 424 -26.91 -18.54 19.24
CA SER A 424 -26.69 -17.52 18.22
C SER A 424 -25.97 -17.99 16.96
N LEU A 425 -25.59 -19.26 16.82
CA LEU A 425 -24.80 -19.67 15.65
C LEU A 425 -25.66 -19.68 14.38
N LYS A 426 -25.36 -18.78 13.44
CA LYS A 426 -26.17 -18.53 12.23
C LYS A 426 -25.51 -19.01 10.94
N GLU A 427 -24.19 -18.91 10.81
CA GLU A 427 -23.53 -19.33 9.58
C GLU A 427 -22.07 -19.76 9.76
N ILE A 428 -21.64 -20.67 8.89
CA ILE A 428 -20.27 -21.19 8.76
C ILE A 428 -19.84 -20.90 7.33
N SER A 429 -18.98 -19.91 7.13
CA SER A 429 -18.68 -19.38 5.79
C SER A 429 -18.04 -20.38 4.84
N ALA A 430 -17.20 -21.29 5.32
CA ALA A 430 -16.62 -22.36 4.51
C ALA A 430 -16.07 -23.50 5.38
N GLY A 431 -15.85 -24.68 4.81
CA GLY A 431 -15.38 -25.87 5.53
C GLY A 431 -16.50 -26.78 6.00
N ASN A 432 -16.15 -28.02 6.33
CA ASN A 432 -17.07 -29.07 6.75
C ASN A 432 -17.19 -29.16 8.28
N ILE A 433 -18.07 -30.06 8.75
CA ILE A 433 -18.34 -30.30 10.18
C ILE A 433 -18.10 -31.77 10.51
N TYR A 434 -17.46 -32.07 11.63
CA TYR A 434 -17.12 -33.44 12.02
C TYR A 434 -17.45 -33.67 13.50
N ILE A 435 -18.51 -34.42 13.80
CA ILE A 435 -18.97 -34.65 15.18
C ILE A 435 -19.08 -36.15 15.41
N THR A 436 -18.18 -36.74 16.21
CA THR A 436 -18.21 -38.19 16.45
C THR A 436 -17.89 -38.62 17.87
N ASP A 437 -18.31 -39.83 18.21
CA ASP A 437 -18.02 -40.51 19.47
C ASP A 437 -18.61 -39.86 20.73
N ASN A 438 -19.56 -38.93 20.59
CA ASN A 438 -20.21 -38.27 21.72
C ASN A 438 -21.36 -39.16 22.21
N SER A 439 -21.06 -40.22 22.96
CA SER A 439 -22.01 -41.29 23.27
C SER A 439 -23.21 -40.86 24.15
N ASN A 440 -23.17 -39.68 24.76
CA ASN A 440 -24.27 -39.12 25.55
C ASN A 440 -24.91 -37.86 24.94
N LEU A 441 -24.52 -37.43 23.73
CA LEU A 441 -25.07 -36.24 23.08
C LEU A 441 -26.42 -36.56 22.42
N CYS A 442 -27.50 -35.87 22.81
CA CYS A 442 -28.86 -36.24 22.41
C CYS A 442 -29.43 -35.48 21.18
N TYR A 443 -29.23 -34.17 21.09
CA TYR A 443 -29.99 -33.30 20.16
C TYR A 443 -29.46 -33.22 18.72
N TYR A 444 -28.22 -33.66 18.49
CA TYR A 444 -27.50 -33.51 17.22
C TYR A 444 -28.29 -33.95 15.98
N HIS A 445 -29.12 -34.98 16.10
CA HIS A 445 -29.86 -35.57 14.97
C HIS A 445 -31.02 -34.71 14.47
N THR A 446 -31.41 -33.68 15.22
CA THR A 446 -32.54 -32.81 14.85
C THR A 446 -32.13 -31.65 13.95
N ILE A 447 -30.84 -31.34 13.82
CA ILE A 447 -30.36 -30.12 13.15
C ILE A 447 -30.37 -30.26 11.62
N ASN A 448 -30.96 -29.29 10.92
CA ASN A 448 -30.93 -29.18 9.46
C ASN A 448 -29.71 -28.36 8.96
N TRP A 449 -28.54 -28.98 8.87
CA TRP A 449 -27.25 -28.30 8.73
C TRP A 449 -27.04 -27.48 7.44
N THR A 450 -27.78 -27.75 6.36
CA THR A 450 -27.70 -26.92 5.14
C THR A 450 -28.20 -25.49 5.36
N THR A 451 -28.89 -25.18 6.46
CA THR A 451 -29.27 -23.80 6.79
C THR A 451 -28.08 -22.98 7.34
N LEU A 452 -27.05 -23.64 7.87
CA LEU A 452 -25.83 -22.99 8.37
C LEU A 452 -24.72 -22.88 7.32
N PHE A 453 -24.66 -23.77 6.34
CA PHE A 453 -23.65 -23.75 5.27
C PHE A 453 -23.87 -22.63 4.25
N SER A 454 -22.79 -22.07 3.71
CA SER A 454 -22.85 -21.02 2.69
C SER A 454 -22.94 -21.56 1.25
N THR A 455 -22.49 -22.79 0.99
CA THR A 455 -22.45 -23.36 -0.37
C THR A 455 -22.86 -24.84 -0.40
N ILE A 456 -23.33 -25.31 -1.56
CA ILE A 456 -23.67 -26.72 -1.83
C ILE A 456 -22.49 -27.69 -1.76
N ASN A 457 -21.25 -27.19 -1.73
CA ASN A 457 -20.04 -28.00 -1.61
C ASN A 457 -19.70 -28.39 -0.15
N GLN A 458 -20.42 -27.88 0.85
CA GLN A 458 -20.17 -28.22 2.25
C GLN A 458 -20.90 -29.52 2.67
N ARG A 459 -20.25 -30.33 3.52
CA ARG A 459 -20.74 -31.62 4.04
C ARG A 459 -20.51 -31.74 5.55
N ILE A 460 -21.28 -32.60 6.20
CA ILE A 460 -21.13 -32.91 7.62
C ILE A 460 -21.00 -34.42 7.86
N VAL A 461 -20.07 -34.81 8.75
CA VAL A 461 -19.91 -36.20 9.17
C VAL A 461 -20.35 -36.34 10.63
N ILE A 462 -21.39 -37.15 10.83
CA ILE A 462 -21.95 -37.53 12.12
C ILE A 462 -21.97 -39.05 12.18
N ARG A 463 -21.35 -39.62 13.21
CA ARG A 463 -21.37 -41.07 13.47
C ARG A 463 -20.93 -41.39 14.90
N ASP A 464 -21.35 -42.54 15.41
CA ASP A 464 -20.91 -43.08 16.70
C ASP A 464 -21.29 -42.24 17.94
N ASN A 465 -22.22 -41.28 17.82
CA ASN A 465 -22.77 -40.53 18.94
C ASN A 465 -23.92 -41.31 19.60
N ARG A 466 -24.54 -40.80 20.69
CA ARG A 466 -25.75 -41.45 21.25
C ARG A 466 -26.80 -41.72 20.16
N LYS A 467 -27.36 -42.93 20.12
CA LYS A 467 -28.37 -43.32 19.09
C LYS A 467 -29.58 -42.38 19.11
N ALA A 468 -29.97 -41.88 17.94
CA ALA A 468 -31.09 -40.95 17.82
C ALA A 468 -32.43 -41.57 18.27
N GLU A 469 -32.67 -42.83 17.92
CA GLU A 469 -33.90 -43.55 18.28
C GLU A 469 -33.95 -43.80 19.80
N ASN A 470 -32.82 -44.12 20.42
CA ASN A 470 -32.70 -44.33 21.86
C ASN A 470 -33.01 -43.07 22.66
N CYS A 471 -32.40 -41.93 22.34
CA CYS A 471 -32.69 -40.70 23.06
C CYS A 471 -34.10 -40.15 22.77
N THR A 472 -34.60 -40.27 21.54
CA THR A 472 -35.95 -39.85 21.19
C THR A 472 -37.03 -40.62 21.98
N ALA A 473 -36.88 -41.93 22.10
CA ALA A 473 -37.83 -42.81 22.77
C ALA A 473 -37.72 -42.75 24.31
N GLU A 474 -36.50 -42.67 24.85
CA GLU A 474 -36.22 -42.70 26.30
C GLU A 474 -35.40 -41.49 26.76
N GLY A 475 -35.59 -40.33 26.12
CA GLY A 475 -34.80 -39.12 26.37
C GLY A 475 -35.48 -37.81 25.95
N MET A 476 -34.65 -36.83 25.59
CA MET A 476 -35.03 -35.43 25.35
C MET A 476 -35.46 -35.15 23.90
N VAL A 477 -36.39 -34.23 23.70
CA VAL A 477 -36.85 -33.75 22.38
C VAL A 477 -36.94 -32.22 22.29
N CYS A 478 -37.05 -31.69 21.08
CA CYS A 478 -37.19 -30.25 20.81
C CYS A 478 -38.57 -29.71 21.23
N ASN A 479 -38.63 -28.42 21.59
CA ASN A 479 -39.83 -27.70 22.01
C ASN A 479 -40.96 -27.73 20.95
N HIS A 480 -42.22 -27.78 21.39
CA HIS A 480 -43.40 -27.84 20.50
C HIS A 480 -43.53 -26.65 19.53
N LEU A 481 -42.93 -25.50 19.83
CA LEU A 481 -42.92 -24.36 18.92
C LEU A 481 -41.80 -24.43 17.87
N CYS A 482 -40.86 -25.36 18.00
CA CYS A 482 -39.69 -25.39 17.16
C CYS A 482 -39.97 -25.96 15.76
N SER A 483 -39.45 -25.33 14.70
CA SER A 483 -39.66 -25.78 13.32
C SER A 483 -38.87 -27.05 12.99
N SER A 484 -39.08 -27.58 11.78
CA SER A 484 -38.35 -28.73 11.23
C SER A 484 -36.83 -28.55 11.14
N ASP A 485 -36.28 -27.34 11.31
CA ASP A 485 -34.84 -27.12 11.30
C ASP A 485 -34.11 -27.58 12.57
N GLY A 486 -34.82 -27.93 13.66
CA GLY A 486 -34.23 -28.47 14.88
C GLY A 486 -33.83 -27.48 15.98
N CYS A 487 -33.18 -28.00 17.04
CA CYS A 487 -32.80 -27.27 18.24
C CYS A 487 -31.40 -27.64 18.75
N TRP A 488 -30.70 -26.71 19.39
CA TRP A 488 -29.37 -26.96 19.99
C TRP A 488 -29.44 -27.63 21.37
N GLY A 489 -30.62 -27.70 21.99
CA GLY A 489 -30.82 -28.14 23.38
C GLY A 489 -32.28 -28.03 23.85
N PRO A 490 -32.56 -28.23 25.14
CA PRO A 490 -33.92 -28.20 25.70
C PRO A 490 -34.52 -26.81 25.78
N GLY A 491 -35.85 -26.71 25.79
CA GLY A 491 -36.58 -25.48 26.08
C GLY A 491 -36.95 -24.59 24.88
N PRO A 492 -37.66 -23.48 25.13
CA PRO A 492 -38.16 -22.55 24.10
C PRO A 492 -37.11 -21.61 23.51
N ASP A 493 -35.89 -21.57 24.04
CA ASP A 493 -34.84 -20.62 23.64
C ASP A 493 -33.59 -21.26 23.04
N GLN A 494 -33.64 -22.55 22.70
CA GLN A 494 -32.55 -23.30 22.04
C GLN A 494 -32.87 -23.68 20.59
N CYS A 495 -34.01 -23.27 20.05
CA CYS A 495 -34.47 -23.65 18.73
C CYS A 495 -33.82 -22.80 17.62
N LEU A 496 -33.47 -23.39 16.48
CA LEU A 496 -32.86 -22.66 15.35
C LEU A 496 -33.83 -21.69 14.67
N SER A 497 -35.08 -22.09 14.48
CA SER A 497 -36.16 -21.25 13.95
C SER A 497 -37.51 -21.76 14.42
N CYS A 498 -38.45 -20.88 14.73
CA CYS A 498 -39.70 -21.25 15.38
C CYS A 498 -40.96 -20.98 14.54
N ARG A 499 -42.02 -21.70 14.86
CA ARG A 499 -43.40 -21.35 14.48
C ARG A 499 -43.89 -20.20 15.36
N ARG A 500 -45.03 -19.60 15.01
CA ARG A 500 -45.64 -18.51 15.78
C ARG A 500 -44.72 -17.28 15.87
N PHE A 501 -44.31 -16.85 17.06
CA PHE A 501 -43.54 -15.63 17.27
C PHE A 501 -42.40 -15.81 18.28
N SER A 502 -41.57 -14.78 18.44
CA SER A 502 -40.52 -14.76 19.47
C SER A 502 -40.26 -13.36 20.02
N ARG A 503 -39.67 -13.29 21.21
CA ARG A 503 -39.13 -12.09 21.87
C ARG A 503 -37.70 -12.36 22.33
N GLY A 504 -36.71 -11.61 21.82
CA GLY A 504 -35.30 -11.94 22.07
C GLY A 504 -34.95 -13.33 21.55
N ARG A 505 -34.43 -14.21 22.42
CA ARG A 505 -34.08 -15.60 22.08
C ARG A 505 -35.17 -16.64 22.42
N ILE A 506 -36.34 -16.23 22.91
CA ILE A 506 -37.39 -17.13 23.43
C ILE A 506 -38.56 -17.23 22.44
N CYS A 507 -38.97 -18.43 22.05
CA CYS A 507 -40.14 -18.64 21.19
C CYS A 507 -41.44 -18.76 21.99
N ILE A 508 -42.50 -18.10 21.50
CA ILE A 508 -43.79 -17.90 22.19
C ILE A 508 -45.00 -18.21 21.29
N GLU A 509 -46.15 -18.50 21.90
CA GLU A 509 -47.41 -18.71 21.18
C GLU A 509 -48.08 -17.43 20.65
N SER A 510 -48.09 -16.34 21.44
CA SER A 510 -48.76 -15.06 21.11
C SER A 510 -48.08 -13.87 21.81
N CYS A 511 -48.31 -12.64 21.31
CA CYS A 511 -47.49 -11.47 21.68
C CYS A 511 -48.18 -10.33 22.45
N ASN A 512 -49.24 -10.57 23.23
CA ASN A 512 -49.83 -9.54 24.11
C ASN A 512 -50.20 -8.21 23.41
N LEU A 513 -50.85 -8.29 22.24
CA LEU A 513 -51.32 -7.12 21.47
C LEU A 513 -52.55 -6.42 22.09
N TYR A 514 -53.36 -7.17 22.82
CA TYR A 514 -54.64 -6.73 23.37
C TYR A 514 -54.91 -7.23 24.80
N ASP A 515 -54.02 -8.05 25.37
CA ASP A 515 -54.16 -8.70 26.67
C ASP A 515 -52.78 -8.86 27.32
N GLY A 516 -52.55 -8.23 28.48
CA GLY A 516 -51.29 -8.29 29.21
C GLY A 516 -50.93 -6.99 29.92
N GLU A 517 -50.06 -7.07 30.93
CA GLU A 517 -49.52 -5.94 31.69
C GLU A 517 -48.56 -5.05 30.89
N PHE A 518 -48.08 -5.55 29.76
CA PHE A 518 -47.33 -4.86 28.72
C PHE A 518 -48.02 -5.13 27.38
N ARG A 519 -47.83 -4.27 26.38
CA ARG A 519 -48.47 -4.39 25.06
C ARG A 519 -47.50 -4.21 23.90
N GLU A 520 -47.68 -5.02 22.88
CA GLU A 520 -46.78 -5.08 21.74
C GLU A 520 -47.47 -5.00 20.38
N PHE A 521 -46.66 -4.97 19.33
CA PHE A 521 -47.06 -5.14 17.94
C PHE A 521 -46.26 -6.31 17.35
N GLU A 522 -46.91 -7.18 16.56
CA GLU A 522 -46.32 -8.45 16.13
C GLU A 522 -45.00 -8.29 15.35
N ASN A 523 -44.95 -7.27 14.47
CA ASN A 523 -43.81 -6.88 13.64
C ASN A 523 -43.12 -8.02 12.86
N GLY A 524 -43.93 -8.82 12.14
CA GLY A 524 -43.48 -10.06 11.52
C GLY A 524 -43.33 -11.18 12.55
N SER A 525 -42.18 -11.85 12.57
CA SER A 525 -41.93 -12.97 13.48
C SER A 525 -41.44 -12.55 14.88
N ILE A 526 -40.81 -11.38 15.01
CA ILE A 526 -40.23 -10.91 16.28
C ILE A 526 -41.06 -9.74 16.82
N CYS A 527 -41.68 -9.91 17.98
CA CYS A 527 -42.62 -8.94 18.53
C CYS A 527 -41.91 -7.81 19.31
N VAL A 528 -42.44 -6.58 19.22
CA VAL A 528 -41.80 -5.38 19.81
C VAL A 528 -42.80 -4.56 20.61
N GLU A 529 -42.37 -3.93 21.71
CA GLU A 529 -43.22 -3.04 22.52
C GLU A 529 -43.45 -1.68 21.85
N CYS A 530 -44.64 -1.10 22.03
CA CYS A 530 -44.96 0.29 21.67
C CYS A 530 -44.84 1.26 22.86
N ASP A 531 -44.85 2.57 22.59
CA ASP A 531 -44.58 3.61 23.58
C ASP A 531 -45.52 3.54 24.81
N PRO A 532 -45.00 3.30 26.03
CA PRO A 532 -45.82 3.12 27.22
C PRO A 532 -46.65 4.35 27.65
N GLN A 533 -46.44 5.55 27.10
CA GLN A 533 -47.23 6.71 27.54
C GLN A 533 -48.72 6.68 27.11
N CYS A 534 -49.08 5.82 26.15
CA CYS A 534 -50.45 5.67 25.67
C CYS A 534 -51.25 4.56 26.39
N GLU A 535 -52.55 4.45 26.10
CA GLU A 535 -53.45 3.58 26.85
C GLU A 535 -53.33 2.09 26.45
N LYS A 536 -53.51 1.18 27.40
CA LYS A 536 -53.58 -0.27 27.16
C LYS A 536 -55.05 -0.68 27.02
N MET A 537 -55.44 -1.09 25.82
CA MET A 537 -56.85 -1.32 25.48
C MET A 537 -57.49 -2.53 26.17
N GLU A 538 -58.77 -2.38 26.49
CA GLU A 538 -59.69 -3.39 27.03
C GLU A 538 -60.43 -4.17 25.92
N ASP A 539 -61.26 -5.13 26.32
CA ASP A 539 -62.23 -5.86 25.47
C ASP A 539 -61.64 -6.54 24.22
N GLY A 540 -60.38 -7.01 24.29
CA GLY A 540 -59.73 -7.70 23.19
C GLY A 540 -59.29 -6.79 22.03
N LEU A 541 -59.31 -5.47 22.22
CA LEU A 541 -58.98 -4.48 21.19
C LEU A 541 -57.46 -4.22 21.09
N LEU A 542 -56.98 -3.95 19.87
CA LEU A 542 -55.56 -3.70 19.58
C LEU A 542 -55.05 -2.47 20.31
N THR A 543 -53.87 -2.56 20.95
CA THR A 543 -53.27 -1.41 21.63
C THR A 543 -52.43 -0.50 20.72
N CYS A 544 -51.68 -1.07 19.77
CA CYS A 544 -50.82 -0.29 18.85
C CYS A 544 -50.80 -0.85 17.42
N HIS A 545 -50.70 0.01 16.41
CA HIS A 545 -50.57 -0.35 14.99
C HIS A 545 -49.12 -0.59 14.55
N GLY A 546 -48.14 -0.38 15.44
CA GLY A 546 -46.71 -0.43 15.18
C GLY A 546 -45.91 0.20 16.34
N PRO A 547 -44.59 0.38 16.19
CA PRO A 547 -43.76 1.02 17.20
C PRO A 547 -43.99 2.54 17.30
N GLY A 548 -43.62 3.11 18.45
CA GLY A 548 -43.59 4.55 18.72
C GLY A 548 -44.93 5.15 19.20
N PRO A 549 -44.92 6.38 19.74
CA PRO A 549 -46.14 7.07 20.22
C PRO A 549 -47.10 7.44 19.07
N ASP A 550 -46.62 7.40 17.83
CA ASP A 550 -47.33 7.67 16.58
C ASP A 550 -48.33 6.56 16.19
N ASN A 551 -48.15 5.35 16.74
CA ASN A 551 -48.91 4.15 16.39
C ASN A 551 -49.84 3.65 17.50
N CYS A 552 -50.03 4.38 18.61
CA CYS A 552 -50.95 3.95 19.65
C CYS A 552 -52.42 4.11 19.20
N THR A 553 -53.28 3.16 19.55
CA THR A 553 -54.70 3.18 19.15
C THR A 553 -55.57 4.07 20.05
N LYS A 554 -55.18 4.30 21.30
CA LYS A 554 -55.85 5.14 22.29
C LYS A 554 -54.83 5.81 23.22
N CYS A 555 -55.14 7.00 23.74
CA CYS A 555 -54.25 7.75 24.63
C CYS A 555 -54.92 8.07 25.97
N SER A 556 -54.23 7.82 27.08
CA SER A 556 -54.71 8.08 28.45
C SER A 556 -54.54 9.55 28.89
N HIS A 557 -53.79 10.35 28.12
CA HIS A 557 -53.46 11.75 28.39
C HIS A 557 -53.90 12.63 27.21
N PHE A 558 -53.33 13.83 27.09
CA PHE A 558 -53.48 14.72 25.94
C PHE A 558 -52.49 14.38 24.81
N LYS A 559 -52.51 15.15 23.71
CA LYS A 559 -51.80 14.87 22.45
C LYS A 559 -50.98 16.06 21.98
N ASP A 560 -50.03 15.84 21.08
CA ASP A 560 -49.43 16.90 20.28
C ASP A 560 -49.03 16.35 18.89
N GLY A 561 -49.32 17.09 17.82
CA GLY A 561 -49.05 16.66 16.45
C GLY A 561 -49.74 15.32 16.10
N PRO A 562 -49.00 14.30 15.64
CA PRO A 562 -49.56 13.01 15.22
C PRO A 562 -49.71 11.97 16.34
N ASN A 563 -49.36 12.26 17.61
CA ASN A 563 -49.18 11.24 18.64
C ASN A 563 -49.70 11.57 20.06
N CYS A 564 -49.76 10.53 20.89
CA CYS A 564 -50.08 10.61 22.32
C CYS A 564 -48.94 11.25 23.13
N VAL A 565 -49.24 12.25 23.97
CA VAL A 565 -48.24 12.97 24.76
C VAL A 565 -48.66 13.08 26.23
N GLU A 566 -47.80 12.59 27.14
CA GLU A 566 -47.97 12.74 28.59
C GLU A 566 -47.57 14.14 29.11
N LYS A 567 -46.49 14.73 28.56
CA LYS A 567 -46.03 16.11 28.86
C LYS A 567 -45.67 16.88 27.58
N CYS A 568 -46.17 18.11 27.44
CA CYS A 568 -45.79 19.04 26.37
C CYS A 568 -44.65 20.00 26.80
N PRO A 569 -43.83 20.48 25.85
CA PRO A 569 -42.66 21.32 26.12
C PRO A 569 -43.03 22.77 26.47
N ASP A 570 -43.77 22.97 27.56
CA ASP A 570 -44.06 24.30 28.07
C ASP A 570 -42.85 24.88 28.83
N GLY A 571 -42.78 26.20 28.97
CA GLY A 571 -41.71 26.90 29.69
C GLY A 571 -40.38 27.05 28.93
N LEU A 572 -40.32 26.63 27.67
CA LEU A 572 -39.12 26.68 26.81
C LEU A 572 -38.62 28.14 26.66
N ILE A 579 -40.14 31.05 25.69
CA ILE A 579 -41.20 30.37 24.94
C ILE A 579 -42.08 29.56 25.90
N PHE A 580 -43.39 29.55 25.66
CA PHE A 580 -44.38 28.75 26.38
C PHE A 580 -45.25 27.97 25.38
N LYS A 581 -45.88 26.87 25.83
CA LYS A 581 -46.86 26.11 25.02
C LYS A 581 -48.01 25.58 25.88
N TYR A 582 -49.25 25.89 25.51
CA TYR A 582 -50.46 25.51 26.25
C TYR A 582 -50.89 24.06 25.96
N ALA A 583 -51.45 23.37 26.95
CA ALA A 583 -51.98 22.01 26.82
C ALA A 583 -53.38 21.87 27.44
N ASP A 584 -54.31 21.27 26.70
CA ASP A 584 -55.56 20.75 27.25
C ASP A 584 -55.34 19.37 27.93
N PRO A 585 -56.18 18.96 28.89
CA PRO A 585 -56.04 17.67 29.57
C PRO A 585 -56.36 16.46 28.70
N ASP A 586 -57.13 16.65 27.62
CA ASP A 586 -57.73 15.60 26.80
C ASP A 586 -57.78 15.92 25.29
N ARG A 587 -57.07 16.96 24.84
CA ARG A 587 -57.00 17.45 23.44
C ARG A 587 -55.56 17.85 23.09
N GLU A 588 -55.30 18.15 21.82
CA GLU A 588 -53.96 18.53 21.37
C GLU A 588 -53.41 19.82 22.03
N CYS A 589 -52.09 19.88 22.23
CA CYS A 589 -51.40 21.08 22.70
C CYS A 589 -51.41 22.23 21.69
N HIS A 590 -51.45 23.47 22.19
CA HIS A 590 -51.63 24.70 21.42
C HIS A 590 -50.44 25.65 21.59
N PRO A 591 -49.94 26.30 20.53
CA PRO A 591 -49.00 27.41 20.66
C PRO A 591 -49.60 28.57 21.46
N CYS A 592 -48.75 29.26 22.22
CA CYS A 592 -49.13 30.39 23.08
C CYS A 592 -49.10 31.75 22.36
N HIS A 593 -49.91 32.71 22.84
CA HIS A 593 -49.80 34.11 22.39
C HIS A 593 -48.37 34.66 22.62
N PRO A 594 -47.81 35.52 21.74
CA PRO A 594 -46.52 36.16 21.97
C PRO A 594 -46.44 36.99 23.26
N ASN A 595 -45.22 37.18 23.76
CA ASN A 595 -44.89 37.99 24.95
C ASN A 595 -45.43 37.40 26.29
N CYS A 596 -45.61 36.08 26.37
CA CYS A 596 -45.85 35.35 27.62
C CYS A 596 -44.53 35.20 28.42
N THR A 597 -44.53 35.62 29.68
CA THR A 597 -43.30 35.68 30.50
C THR A 597 -43.30 34.80 31.77
N GLN A 598 -44.48 34.47 32.32
CA GLN A 598 -44.61 33.71 33.58
C GLN A 598 -45.36 32.36 33.45
N GLY A 599 -46.15 32.20 32.39
CA GLY A 599 -47.02 31.05 32.14
C GLY A 599 -48.00 31.35 31.02
N CYS A 600 -48.81 30.36 30.62
CA CYS A 600 -49.72 30.50 29.48
C CYS A 600 -51.01 29.66 29.63
N ASN A 601 -52.15 30.28 29.32
CA ASN A 601 -53.49 29.69 29.39
C ASN A 601 -54.14 29.46 27.99
N GLY A 602 -53.41 29.67 26.90
CA GLY A 602 -53.92 29.54 25.54
C GLY A 602 -53.23 30.49 24.52
N PRO A 603 -53.73 30.50 23.26
CA PRO A 603 -53.12 31.24 22.16
C PRO A 603 -53.52 32.72 22.04
N THR A 604 -54.34 33.30 22.92
CA THR A 604 -54.90 34.67 22.74
C THR A 604 -54.32 35.71 23.71
N SER A 605 -54.66 36.98 23.54
CA SER A 605 -54.01 38.13 24.20
C SER A 605 -54.12 38.15 25.74
N HIS A 606 -55.19 37.63 26.31
CA HIS A 606 -55.36 37.53 27.78
C HIS A 606 -54.75 36.25 28.40
N ASP A 607 -54.18 35.36 27.61
CA ASP A 607 -53.68 34.07 28.09
C ASP A 607 -52.26 34.11 28.67
N CYS A 608 -51.53 35.23 28.52
CA CYS A 608 -50.21 35.40 29.09
C CYS A 608 -50.29 35.79 30.58
N ILE A 609 -49.67 34.98 31.45
CA ILE A 609 -49.70 35.14 32.91
C ILE A 609 -48.56 36.05 33.37
N GLN B 1 23.59 14.94 -10.48
CA GLN B 1 22.27 15.58 -10.39
C GLN B 1 21.40 15.28 -11.61
N VAL B 2 20.09 15.55 -11.49
CA VAL B 2 19.06 15.36 -12.52
C VAL B 2 18.39 16.68 -12.87
N CYS B 3 18.27 17.02 -14.15
CA CYS B 3 17.74 18.29 -14.65
C CYS B 3 16.67 18.04 -15.71
N THR B 4 15.80 19.01 -15.96
CA THR B 4 14.67 18.89 -16.92
C THR B 4 15.01 19.54 -18.27
N GLY B 5 14.13 19.40 -19.26
CA GLY B 5 14.35 19.90 -20.62
C GLY B 5 13.23 20.78 -21.16
N THR B 6 13.52 21.58 -22.18
CA THR B 6 12.66 22.67 -22.63
C THR B 6 11.40 22.27 -23.41
N ASP B 7 11.47 21.42 -24.42
CA ASP B 7 10.29 21.13 -25.24
C ASP B 7 9.71 22.38 -25.94
N MET B 8 10.58 23.20 -26.53
CA MET B 8 10.26 24.35 -27.39
C MET B 8 10.23 24.00 -28.88
N LYS B 9 10.77 22.84 -29.28
CA LYS B 9 10.98 22.50 -30.71
C LYS B 9 11.78 23.61 -31.41
N LEU B 10 11.36 24.09 -32.58
CA LEU B 10 12.09 25.09 -33.37
C LEU B 10 11.66 26.55 -33.15
N ARG B 11 10.77 26.89 -32.21
CA ARG B 11 10.30 28.28 -32.00
C ARG B 11 11.39 29.21 -31.47
N LEU B 12 11.30 30.51 -31.75
CA LEU B 12 12.27 31.52 -31.31
C LEU B 12 12.34 31.67 -29.79
N PRO B 13 13.52 31.94 -29.20
CA PRO B 13 13.63 32.19 -27.78
C PRO B 13 12.75 33.37 -27.36
N ALA B 14 12.06 33.26 -26.22
CA ALA B 14 11.20 34.34 -25.71
C ALA B 14 11.98 35.64 -25.41
N SER B 15 13.22 35.52 -24.92
CA SER B 15 14.10 36.64 -24.60
C SER B 15 15.51 36.35 -25.11
N PRO B 16 15.82 36.66 -26.39
CA PRO B 16 17.08 36.31 -27.01
C PRO B 16 18.33 36.76 -26.23
N GLU B 17 18.23 37.82 -25.43
CA GLU B 17 19.36 38.32 -24.63
C GLU B 17 19.76 37.38 -23.48
N THR B 18 18.82 36.58 -22.96
CA THR B 18 19.03 35.72 -21.79
C THR B 18 19.00 34.23 -22.11
N HIS B 19 18.94 33.85 -23.40
CA HIS B 19 18.80 32.44 -23.78
C HIS B 19 19.98 31.59 -23.30
N LEU B 20 21.21 32.06 -23.40
CA LEU B 20 22.37 31.32 -22.87
C LEU B 20 22.36 31.19 -21.34
N ASP B 21 21.85 32.15 -20.59
CA ASP B 21 21.69 31.99 -19.15
C ASP B 21 20.61 30.97 -18.79
N MET B 22 19.49 30.94 -19.52
CA MET B 22 18.50 29.88 -19.34
C MET B 22 19.14 28.50 -19.51
N LEU B 23 19.88 28.28 -20.60
CA LEU B 23 20.51 26.99 -20.85
C LEU B 23 21.55 26.65 -19.80
N ARG B 24 22.37 27.61 -19.34
CA ARG B 24 23.37 27.31 -18.31
C ARG B 24 22.72 26.94 -16.98
N HIS B 25 21.69 27.64 -16.54
CA HIS B 25 21.01 27.29 -15.29
C HIS B 25 20.30 25.94 -15.38
N LEU B 26 19.64 25.61 -16.49
CA LEU B 26 18.94 24.34 -16.61
C LEU B 26 19.91 23.17 -16.67
N TYR B 27 21.04 23.28 -17.36
CA TYR B 27 21.89 22.14 -17.67
C TYR B 27 23.24 22.07 -16.94
N GLN B 28 23.75 23.15 -16.33
CA GLN B 28 25.07 23.09 -15.67
C GLN B 28 25.05 22.13 -14.47
N GLY B 29 25.98 21.17 -14.45
CA GLY B 29 26.19 20.30 -13.30
C GLY B 29 25.19 19.15 -13.16
N CYS B 30 24.56 18.69 -14.24
CA CYS B 30 23.64 17.56 -14.22
C CYS B 30 24.07 16.43 -15.16
N GLN B 31 23.80 15.19 -14.76
CA GLN B 31 24.18 13.98 -15.48
C GLN B 31 23.05 13.45 -16.38
N VAL B 32 21.80 13.63 -15.96
CA VAL B 32 20.60 13.10 -16.63
C VAL B 32 19.64 14.21 -17.00
N VAL B 33 19.23 14.30 -18.26
CA VAL B 33 18.23 15.26 -18.71
C VAL B 33 16.89 14.55 -18.85
N GLN B 34 15.93 14.84 -17.97
CA GLN B 34 14.55 14.38 -18.13
C GLN B 34 13.83 15.24 -19.18
N GLY B 35 13.01 14.62 -20.04
CA GLY B 35 12.49 15.30 -21.23
C GLY B 35 13.55 15.49 -22.32
N ASN B 36 13.39 16.49 -23.17
CA ASN B 36 14.22 16.70 -24.35
C ASN B 36 15.49 17.51 -24.05
N LEU B 37 16.55 17.33 -24.84
CA LEU B 37 17.69 18.24 -24.85
C LEU B 37 17.61 19.08 -26.12
N GLU B 38 17.38 20.39 -26.00
CA GLU B 38 17.17 21.26 -27.17
C GLU B 38 18.13 22.44 -27.14
N LEU B 39 19.04 22.46 -28.10
CA LEU B 39 20.05 23.51 -28.27
C LEU B 39 19.77 24.21 -29.59
N THR B 40 19.13 25.37 -29.56
CA THR B 40 18.74 26.07 -30.78
C THR B 40 19.13 27.53 -30.75
N TYR B 41 19.37 28.10 -31.93
CA TYR B 41 19.71 29.51 -32.17
C TYR B 41 20.91 30.05 -31.37
N LEU B 42 21.95 29.23 -31.12
CA LEU B 42 23.13 29.67 -30.38
C LEU B 42 23.98 30.62 -31.24
N PRO B 43 24.49 31.73 -30.69
CA PRO B 43 25.35 32.67 -31.41
C PRO B 43 26.77 32.13 -31.60
N THR B 44 27.51 32.72 -32.52
CA THR B 44 28.94 32.46 -32.73
C THR B 44 29.75 32.70 -31.45
N ASN B 45 30.64 31.78 -31.09
CA ASN B 45 31.45 31.80 -29.86
C ASN B 45 30.68 31.66 -28.52
N ALA B 46 29.44 31.13 -28.51
CA ALA B 46 28.74 30.84 -27.27
C ALA B 46 29.53 29.86 -26.38
N SER B 47 29.62 30.12 -25.08
CA SER B 47 30.35 29.27 -24.14
C SER B 47 29.48 28.10 -23.65
N LEU B 48 29.72 26.91 -24.20
CA LEU B 48 28.90 25.72 -23.99
C LEU B 48 29.51 24.67 -23.04
N SER B 49 30.54 25.03 -22.26
CA SER B 49 31.25 24.06 -21.41
C SER B 49 30.35 23.38 -20.39
N PHE B 50 29.25 24.02 -19.97
CA PHE B 50 28.30 23.46 -19.00
C PHE B 50 27.56 22.21 -19.50
N LEU B 51 27.56 21.90 -20.81
CA LEU B 51 26.91 20.71 -21.35
C LEU B 51 27.72 19.43 -21.18
N GLN B 52 29.02 19.51 -20.86
CA GLN B 52 29.94 18.37 -20.87
C GLN B 52 29.62 17.26 -19.85
N ASP B 53 28.73 17.50 -18.90
CA ASP B 53 28.32 16.56 -17.86
C ASP B 53 27.21 15.59 -18.29
N ILE B 54 26.44 15.87 -19.34
CA ILE B 54 25.23 15.07 -19.66
C ILE B 54 25.62 13.69 -20.18
N GLN B 55 25.08 12.63 -19.58
CA GLN B 55 25.25 11.24 -20.04
C GLN B 55 23.99 10.64 -20.64
N GLU B 56 22.81 11.07 -20.20
CA GLU B 56 21.53 10.50 -20.61
C GLU B 56 20.51 11.58 -20.95
N VAL B 57 19.81 11.41 -22.08
CA VAL B 57 18.68 12.24 -22.48
C VAL B 57 17.47 11.33 -22.61
N GLN B 58 16.36 11.64 -21.94
CA GLN B 58 15.22 10.73 -21.95
C GLN B 58 14.26 10.95 -23.13
N GLY B 59 14.14 12.16 -23.64
CA GLY B 59 13.39 12.46 -24.85
C GLY B 59 14.26 12.38 -26.11
N TYR B 60 14.14 13.37 -27.00
CA TYR B 60 15.02 13.50 -28.15
C TYR B 60 16.11 14.55 -27.92
N VAL B 61 17.06 14.63 -28.85
CA VAL B 61 18.11 15.64 -28.92
C VAL B 61 17.92 16.45 -30.20
N LEU B 62 17.66 17.75 -30.09
CA LEU B 62 17.43 18.65 -31.22
C LEU B 62 18.52 19.72 -31.27
N ILE B 63 19.29 19.80 -32.35
CA ILE B 63 20.33 20.81 -32.56
C ILE B 63 19.99 21.56 -33.84
N ALA B 64 19.56 22.81 -33.72
CA ALA B 64 19.04 23.55 -34.87
C ALA B 64 19.36 25.04 -34.90
N HIS B 65 19.68 25.56 -36.09
CA HIS B 65 20.00 26.97 -36.34
C HIS B 65 21.16 27.54 -35.53
N ASN B 66 22.11 26.73 -35.05
CA ASN B 66 23.25 27.22 -34.28
C ASN B 66 24.40 27.69 -35.16
N GLN B 67 25.10 28.75 -34.73
CA GLN B 67 26.29 29.27 -35.41
C GLN B 67 27.61 28.82 -34.77
N VAL B 68 27.59 27.94 -33.76
CA VAL B 68 28.83 27.42 -33.15
C VAL B 68 29.48 26.33 -34.01
N ARG B 69 30.81 26.23 -33.95
CA ARG B 69 31.58 25.23 -34.70
C ARG B 69 31.51 23.81 -34.15
N GLN B 70 31.33 23.67 -32.84
CA GLN B 70 31.18 22.40 -32.13
C GLN B 70 30.25 22.53 -30.91
N VAL B 71 29.57 21.45 -30.53
CA VAL B 71 28.75 21.37 -29.32
C VAL B 71 29.32 20.26 -28.43
N PRO B 72 29.82 20.53 -27.20
CA PRO B 72 30.57 19.57 -26.41
C PRO B 72 29.69 18.52 -25.72
N LEU B 73 29.09 17.61 -26.49
CA LEU B 73 28.32 16.47 -26.00
C LEU B 73 29.06 15.12 -26.09
N GLN B 74 30.39 15.06 -26.14
CA GLN B 74 31.10 13.77 -26.30
C GLN B 74 30.88 12.74 -25.19
N ARG B 75 30.44 13.11 -23.98
CA ARG B 75 30.07 12.14 -22.91
C ARG B 75 28.68 11.53 -23.02
N LEU B 76 27.80 11.99 -23.92
CA LEU B 76 26.44 11.47 -24.05
C LEU B 76 26.48 9.98 -24.45
N ARG B 77 25.83 9.08 -23.71
CA ARG B 77 25.85 7.64 -24.01
C ARG B 77 24.57 7.10 -24.60
N ILE B 78 23.42 7.53 -24.10
CA ILE B 78 22.13 6.95 -24.47
C ILE B 78 21.06 8.03 -24.67
N VAL B 79 20.28 7.92 -25.73
CA VAL B 79 19.06 8.71 -25.93
C VAL B 79 17.87 7.76 -25.89
N ARG B 80 16.96 7.87 -24.92
CA ARG B 80 15.90 6.87 -24.76
C ARG B 80 14.75 7.03 -25.76
N GLY B 81 14.49 8.21 -26.29
CA GLY B 81 13.45 8.42 -27.30
C GLY B 81 12.03 8.29 -26.78
N THR B 82 11.77 8.58 -25.51
CA THR B 82 10.40 8.49 -24.97
C THR B 82 9.44 9.54 -25.55
N GLN B 83 9.99 10.53 -26.25
CA GLN B 83 9.33 11.52 -27.10
C GLN B 83 10.21 11.69 -28.34
N LEU B 84 9.64 11.90 -29.52
CA LEU B 84 10.38 12.01 -30.78
C LEU B 84 10.12 13.34 -31.48
N PHE B 85 11.15 13.91 -32.09
CA PHE B 85 11.03 15.11 -32.90
C PHE B 85 10.20 14.81 -34.15
N GLU B 86 9.16 15.61 -34.40
CA GLU B 86 8.16 15.38 -35.45
C GLU B 86 7.54 13.97 -35.41
N ASP B 87 7.46 13.34 -34.23
CA ASP B 87 6.96 11.98 -34.01
C ASP B 87 7.75 10.85 -34.70
N ASN B 88 8.96 11.12 -35.20
CA ASN B 88 9.73 10.18 -36.00
C ASN B 88 11.20 10.04 -35.59
N TYR B 89 11.85 11.09 -35.08
CA TYR B 89 13.31 11.11 -34.91
C TYR B 89 13.74 11.34 -33.46
N ALA B 90 14.74 10.61 -33.01
CA ALA B 90 15.34 10.80 -31.69
C ALA B 90 16.50 11.78 -31.71
N LEU B 91 17.25 11.87 -32.80
CA LEU B 91 18.34 12.83 -32.98
C LEU B 91 18.09 13.63 -34.25
N ALA B 92 18.02 14.95 -34.15
CA ALA B 92 17.77 15.83 -35.27
C ALA B 92 18.80 16.96 -35.32
N VAL B 93 19.49 17.14 -36.44
CA VAL B 93 20.47 18.21 -36.64
C VAL B 93 20.12 19.01 -37.89
N LEU B 94 19.65 20.24 -37.73
CA LEU B 94 18.97 21.00 -38.79
C LEU B 94 19.51 22.42 -38.97
N ASP B 95 19.85 22.81 -40.20
CA ASP B 95 20.11 24.20 -40.57
C ASP B 95 21.21 24.91 -39.75
N ASN B 96 22.26 24.21 -39.32
CA ASN B 96 23.33 24.78 -38.49
C ASN B 96 24.45 25.37 -39.35
N GLY B 97 24.14 26.40 -40.14
CA GLY B 97 25.06 27.09 -41.06
C GLY B 97 25.09 28.61 -40.84
N GLY B 112 31.37 29.01 -39.47
CA GLY B 112 30.07 29.38 -40.03
C GLY B 112 28.97 28.33 -39.87
N GLY B 113 29.19 27.31 -39.01
CA GLY B 113 28.26 26.21 -38.74
C GLY B 113 28.95 25.02 -38.10
N LEU B 114 28.21 23.96 -37.76
CA LEU B 114 28.80 22.76 -37.14
C LEU B 114 29.82 22.11 -38.08
N ARG B 115 31.01 21.81 -37.58
CA ARG B 115 32.07 21.15 -38.37
C ARG B 115 32.10 19.64 -38.18
N GLU B 116 31.84 19.17 -36.96
CA GLU B 116 31.93 17.77 -36.53
C GLU B 116 30.77 17.43 -35.58
N LEU B 117 30.26 16.20 -35.57
CA LEU B 117 29.28 15.80 -34.54
C LEU B 117 29.96 15.51 -33.19
N GLN B 118 31.13 14.88 -33.19
CA GLN B 118 31.92 14.60 -31.99
C GLN B 118 31.22 13.75 -30.91
N LEU B 119 30.14 13.02 -31.23
CA LEU B 119 29.37 12.19 -30.30
C LEU B 119 30.06 10.85 -29.95
N ARG B 120 31.27 10.89 -29.37
CA ARG B 120 32.14 9.71 -29.13
C ARG B 120 31.54 8.60 -28.28
N SER B 121 30.78 8.95 -27.24
CA SER B 121 30.19 7.99 -26.31
C SER B 121 28.81 7.46 -26.72
N LEU B 122 28.17 7.97 -27.78
CA LEU B 122 26.79 7.60 -28.10
C LEU B 122 26.76 6.19 -28.68
N THR B 123 26.07 5.27 -28.01
CA THR B 123 25.99 3.86 -28.42
C THR B 123 24.56 3.32 -28.43
N GLU B 124 23.58 4.04 -27.91
CA GLU B 124 22.16 3.65 -27.90
C GLU B 124 21.27 4.78 -28.37
N ILE B 125 20.39 4.47 -29.31
CA ILE B 125 19.16 5.19 -29.54
C ILE B 125 18.05 4.15 -29.41
N LEU B 126 17.27 4.16 -28.33
CA LEU B 126 16.29 3.09 -28.10
C LEU B 126 15.05 3.16 -28.99
N LYS B 127 14.58 4.35 -29.36
CA LYS B 127 13.39 4.55 -30.22
C LYS B 127 13.62 5.69 -31.20
N GLY B 128 13.03 5.62 -32.38
CA GLY B 128 13.05 6.70 -33.38
C GLY B 128 14.28 6.69 -34.29
N GLY B 129 14.25 7.59 -35.28
CA GLY B 129 15.27 7.73 -36.32
C GLY B 129 16.31 8.81 -36.09
N VAL B 130 17.15 9.07 -37.10
CA VAL B 130 18.18 10.13 -37.09
C VAL B 130 18.03 11.00 -38.32
N LEU B 131 17.84 12.30 -38.13
CA LEU B 131 17.60 13.28 -39.18
C LEU B 131 18.70 14.34 -39.19
N ILE B 132 19.53 14.37 -40.21
CA ILE B 132 20.57 15.39 -40.39
C ILE B 132 20.41 16.05 -41.75
N GLN B 133 20.08 17.35 -41.79
CA GLN B 133 19.84 18.10 -43.03
C GLN B 133 20.31 19.55 -42.98
N ARG B 134 20.75 20.07 -44.14
CA ARG B 134 21.08 21.48 -44.38
C ARG B 134 22.18 22.01 -43.47
N ASN B 135 23.27 21.27 -43.31
CA ASN B 135 24.44 21.63 -42.50
C ASN B 135 25.70 21.72 -43.39
N PRO B 136 25.88 22.78 -44.22
CA PRO B 136 27.01 22.81 -45.18
C PRO B 136 28.37 22.43 -44.60
N GLN B 137 28.69 22.94 -43.41
CA GLN B 137 30.03 22.75 -42.85
C GLN B 137 30.23 21.40 -42.14
N LEU B 138 29.20 20.56 -42.01
CA LEU B 138 29.25 19.38 -41.14
C LEU B 138 29.79 18.13 -41.85
N CYS B 139 31.06 17.77 -41.61
CA CYS B 139 31.67 16.57 -42.17
C CYS B 139 31.49 15.34 -41.24
N TYR B 140 31.62 14.12 -41.79
CA TYR B 140 31.50 12.84 -41.05
C TYR B 140 30.07 12.42 -40.64
N GLN B 141 29.08 12.70 -41.48
CA GLN B 141 27.70 12.24 -41.28
C GLN B 141 27.45 10.81 -41.78
N ASP B 142 28.14 10.44 -42.86
CA ASP B 142 27.96 9.21 -43.64
C ASP B 142 29.08 8.18 -43.40
N THR B 143 30.00 8.46 -42.47
CA THR B 143 31.03 7.52 -42.00
C THR B 143 30.51 6.59 -40.91
N ILE B 144 29.51 7.01 -40.14
CA ILE B 144 28.97 6.31 -38.98
C ILE B 144 28.04 5.16 -39.39
N LEU B 145 28.19 4.00 -38.75
CA LEU B 145 27.33 2.83 -38.96
C LEU B 145 26.10 2.93 -38.05
N TRP B 146 25.07 3.65 -38.48
CA TRP B 146 23.93 3.98 -37.60
C TRP B 146 23.17 2.74 -37.12
N LYS B 147 23.19 1.64 -37.86
CA LYS B 147 22.60 0.36 -37.41
C LYS B 147 23.25 -0.24 -36.17
N ASP B 148 24.50 0.09 -35.82
CA ASP B 148 25.07 -0.35 -34.54
C ASP B 148 24.50 0.41 -33.35
N ILE B 149 23.93 1.60 -33.56
CA ILE B 149 23.39 2.49 -32.52
C ILE B 149 21.91 2.21 -32.23
N PHE B 150 21.10 1.90 -33.25
CA PHE B 150 19.70 1.52 -33.02
C PHE B 150 19.54 0.20 -32.25
N HIS B 151 18.53 0.09 -31.40
CA HIS B 151 18.32 -1.08 -30.53
C HIS B 151 17.66 -2.26 -31.26
N LYS B 152 18.08 -3.47 -30.90
CA LYS B 152 17.65 -4.75 -31.47
C LYS B 152 16.12 -4.91 -31.56
N ASN B 153 15.40 -4.46 -30.54
CA ASN B 153 13.95 -4.66 -30.43
C ASN B 153 13.13 -3.48 -30.97
N ASN B 154 13.78 -2.43 -31.45
CA ASN B 154 13.16 -1.18 -31.89
C ASN B 154 13.81 -0.64 -33.18
N GLN B 155 14.08 -1.54 -34.14
CA GLN B 155 14.81 -1.26 -35.37
C GLN B 155 13.93 -0.57 -36.43
N LEU B 156 13.41 0.62 -36.09
CA LEU B 156 12.69 1.49 -37.02
C LEU B 156 13.66 2.05 -38.08
N ALA B 157 14.86 2.43 -37.63
CA ALA B 157 16.01 2.82 -38.45
C ALA B 157 15.79 3.91 -39.50
N LEU B 158 14.72 4.71 -39.39
CA LEU B 158 14.45 5.82 -40.30
C LEU B 158 15.62 6.80 -40.26
N THR B 159 16.36 6.90 -41.36
CA THR B 159 17.61 7.66 -41.39
C THR B 159 17.67 8.55 -42.63
N LEU B 160 17.99 9.83 -42.45
CA LEU B 160 18.18 10.80 -43.52
C LEU B 160 19.52 11.50 -43.31
N ILE B 161 20.43 11.41 -44.28
CA ILE B 161 21.79 11.95 -44.20
C ILE B 161 22.02 12.93 -45.37
N ASP B 162 22.65 14.08 -45.14
CA ASP B 162 22.86 15.12 -46.15
C ASP B 162 24.31 15.19 -46.66
N THR B 163 24.52 14.81 -47.92
CA THR B 163 25.85 14.80 -48.56
C THR B 163 26.29 16.16 -49.12
N ASN B 164 25.46 17.20 -49.07
CA ASN B 164 25.74 18.47 -49.75
C ASN B 164 26.66 19.40 -48.93
N ARG B 165 27.88 18.91 -48.71
CA ARG B 165 28.93 19.55 -47.93
C ARG B 165 29.68 20.60 -48.74
N SER B 166 29.88 21.79 -48.17
CA SER B 166 30.68 22.86 -48.79
C SER B 166 32.16 22.80 -48.39
N ARG B 167 32.48 22.25 -47.21
CA ARG B 167 33.87 22.07 -46.77
C ARG B 167 34.49 20.83 -47.41
N ALA B 168 35.78 20.86 -47.69
CA ALA B 168 36.53 19.69 -48.12
C ALA B 168 36.89 18.84 -46.89
N CYS B 169 36.41 17.60 -46.80
CA CYS B 169 36.64 16.75 -45.64
C CYS B 169 38.10 16.27 -45.58
N HIS B 170 38.71 16.36 -44.38
CA HIS B 170 39.99 15.74 -44.09
C HIS B 170 39.84 14.20 -44.04
N PRO B 171 40.77 13.40 -44.58
CA PRO B 171 40.69 11.94 -44.49
C PRO B 171 40.52 11.45 -43.05
N CYS B 172 39.75 10.37 -42.85
CA CYS B 172 39.56 9.77 -41.53
C CYS B 172 40.90 9.22 -41.00
N SER B 173 41.23 9.49 -39.73
CA SER B 173 42.53 9.09 -39.15
C SER B 173 42.84 7.62 -39.43
N PRO B 174 44.08 7.27 -39.84
CA PRO B 174 44.44 5.88 -40.12
C PRO B 174 44.36 4.97 -38.88
N MET B 175 44.24 5.55 -37.68
CA MET B 175 44.12 4.82 -36.42
C MET B 175 42.72 4.19 -36.23
N CYS B 176 41.72 4.57 -37.04
CA CYS B 176 40.36 4.07 -36.97
C CYS B 176 40.16 2.90 -37.95
N LYS B 177 40.08 1.67 -37.43
CA LYS B 177 40.12 0.43 -38.24
C LYS B 177 39.09 0.34 -39.36
N GLY B 178 37.86 0.80 -39.10
CA GLY B 178 36.76 0.77 -40.07
C GLY B 178 36.48 2.10 -40.78
N SER B 179 37.35 3.11 -40.61
CA SER B 179 37.13 4.48 -41.11
C SER B 179 35.84 5.13 -40.60
N ARG B 180 35.36 4.73 -39.42
CA ARG B 180 34.13 5.23 -38.79
C ARG B 180 34.37 6.47 -37.90
N CYS B 181 34.85 7.57 -38.47
CA CYS B 181 35.18 8.78 -37.70
C CYS B 181 33.92 9.61 -37.37
N TRP B 182 33.86 10.18 -36.16
CA TRP B 182 32.97 11.28 -35.76
C TRP B 182 33.63 12.68 -35.93
N GLY B 183 34.89 12.73 -36.34
CA GLY B 183 35.71 13.94 -36.42
C GLY B 183 37.13 13.64 -36.90
N GLU B 184 38.01 14.64 -36.94
CA GLU B 184 39.37 14.55 -37.47
C GLU B 184 40.37 13.82 -36.55
N SER B 185 40.10 13.69 -35.24
CA SER B 185 41.06 13.13 -34.28
C SER B 185 41.09 11.59 -34.28
N SER B 186 42.22 11.00 -33.88
CA SER B 186 42.30 9.56 -33.62
C SER B 186 41.36 9.12 -32.48
N GLU B 187 40.91 10.03 -31.62
CA GLU B 187 39.95 9.72 -30.55
C GLU B 187 38.48 9.78 -31.00
N ASP B 188 38.21 10.14 -32.25
CA ASP B 188 36.83 10.28 -32.76
C ASP B 188 36.27 9.00 -33.41
N CYS B 189 36.95 7.86 -33.33
CA CYS B 189 36.53 6.64 -34.00
C CYS B 189 35.32 5.97 -33.32
N GLN B 190 34.28 5.57 -34.06
CA GLN B 190 33.09 4.91 -33.51
C GLN B 190 33.48 3.56 -32.91
N SER B 191 32.96 3.25 -31.71
CA SER B 191 33.11 1.94 -31.08
C SER B 191 31.86 1.11 -31.31
N LEU B 192 31.99 -0.04 -31.98
CA LEU B 192 30.86 -0.91 -32.34
C LEU B 192 30.55 -1.91 -31.22
N THR B 193 29.29 -1.98 -30.80
CA THR B 193 28.87 -2.80 -29.65
C THR B 193 27.81 -3.83 -29.97
N ARG B 194 27.26 -3.85 -31.19
CA ARG B 194 26.22 -4.78 -31.62
C ARG B 194 26.71 -5.64 -32.79
N THR B 195 27.31 -5.04 -33.80
CA THR B 195 27.59 -5.74 -35.07
C THR B 195 28.84 -6.62 -35.05
N VAL B 196 29.61 -6.60 -33.95
CA VAL B 196 30.90 -7.31 -33.83
C VAL B 196 30.84 -8.62 -33.02
N CYS B 197 29.67 -9.09 -32.59
CA CYS B 197 29.53 -10.30 -31.77
C CYS B 197 28.74 -11.43 -32.46
N ALA B 198 29.23 -12.66 -32.29
CA ALA B 198 28.67 -13.85 -32.95
C ALA B 198 27.41 -14.43 -32.31
N GLY B 199 27.11 -14.07 -31.05
CA GLY B 199 25.95 -14.58 -30.32
C GLY B 199 24.67 -13.75 -30.52
N GLY B 200 23.63 -14.02 -29.74
CA GLY B 200 22.36 -13.28 -29.78
C GLY B 200 22.32 -12.03 -28.90
N CYS B 201 23.46 -11.67 -28.31
CA CYS B 201 23.66 -10.61 -27.32
C CYS B 201 23.30 -9.22 -27.86
N ALA B 202 22.47 -8.48 -27.13
CA ALA B 202 22.05 -7.13 -27.53
C ALA B 202 23.24 -6.14 -27.58
N ARG B 203 24.16 -6.24 -26.61
CA ARG B 203 25.38 -5.43 -26.50
C ARG B 203 26.53 -6.28 -25.95
N CYS B 204 27.75 -5.99 -26.40
CA CYS B 204 28.99 -6.66 -25.99
C CYS B 204 30.19 -5.71 -26.09
N LYS B 205 31.34 -6.07 -25.50
CA LYS B 205 32.56 -5.23 -25.52
C LYS B 205 33.75 -5.78 -26.35
N GLY B 206 33.53 -6.79 -27.18
CA GLY B 206 34.58 -7.42 -27.98
C GLY B 206 34.08 -8.65 -28.77
N PRO B 207 34.91 -9.24 -29.64
CA PRO B 207 34.49 -10.33 -30.52
C PRO B 207 34.30 -11.70 -29.85
N LEU B 208 34.75 -11.88 -28.61
CA LEU B 208 34.72 -13.19 -27.93
C LEU B 208 33.34 -13.48 -27.31
N PRO B 209 32.90 -14.74 -27.18
CA PRO B 209 31.72 -15.08 -26.39
C PRO B 209 31.75 -14.51 -24.96
N THR B 210 32.93 -14.41 -24.36
CA THR B 210 33.14 -13.84 -23.01
C THR B 210 32.99 -12.32 -22.94
N ASP B 211 32.91 -11.62 -24.07
CA ASP B 211 32.69 -10.16 -24.14
C ASP B 211 31.20 -9.77 -24.12
N CYS B 212 30.29 -10.73 -24.25
CA CYS B 212 28.87 -10.50 -24.12
C CYS B 212 28.52 -10.08 -22.68
N CYS B 213 27.59 -9.16 -22.47
CA CYS B 213 27.23 -8.75 -21.12
C CYS B 213 25.73 -8.77 -20.82
N HIS B 214 25.38 -8.42 -19.57
CA HIS B 214 24.09 -8.70 -18.93
C HIS B 214 22.88 -8.18 -19.71
N GLU B 215 21.76 -8.90 -19.67
CA GLU B 215 20.56 -8.60 -20.44
C GLU B 215 19.95 -7.21 -20.14
N GLN B 216 20.09 -6.70 -18.92
CA GLN B 216 19.57 -5.39 -18.53
C GLN B 216 20.51 -4.23 -18.85
N CYS B 217 21.72 -4.46 -19.34
CA CYS B 217 22.61 -3.36 -19.70
C CYS B 217 22.25 -2.75 -21.06
N ALA B 218 22.41 -1.43 -21.15
CA ALA B 218 22.27 -0.63 -22.35
C ALA B 218 23.59 0.13 -22.57
N ALA B 219 23.89 0.50 -23.82
CA ALA B 219 25.05 1.33 -24.20
C ALA B 219 26.43 0.68 -24.05
N GLY B 220 26.52 -0.63 -23.83
CA GLY B 220 27.79 -1.32 -23.63
C GLY B 220 28.11 -1.60 -22.17
N CYS B 221 29.23 -2.27 -21.93
CA CYS B 221 29.56 -2.85 -20.63
C CYS B 221 31.06 -2.82 -20.32
N THR B 222 31.43 -2.90 -19.05
CA THR B 222 32.84 -3.05 -18.60
C THR B 222 33.12 -4.43 -17.99
N GLY B 223 32.16 -5.35 -18.05
CA GLY B 223 32.19 -6.68 -17.44
C GLY B 223 30.85 -7.42 -17.63
N PRO B 224 30.77 -8.71 -17.28
CA PRO B 224 29.56 -9.51 -17.51
C PRO B 224 28.42 -9.31 -16.51
N LYS B 225 28.57 -8.58 -15.40
CA LYS B 225 27.55 -8.51 -14.33
C LYS B 225 26.58 -7.34 -14.49
N HIS B 226 25.42 -7.39 -13.82
CA HIS B 226 24.44 -6.28 -13.81
C HIS B 226 24.89 -5.02 -13.06
N SER B 227 26.08 -5.02 -12.45
CA SER B 227 26.76 -3.83 -11.93
C SER B 227 27.85 -3.28 -12.87
N ASP B 228 28.06 -3.87 -14.05
CA ASP B 228 29.06 -3.46 -15.05
C ASP B 228 28.48 -2.63 -16.22
N CYS B 229 27.24 -2.16 -16.15
CA CYS B 229 26.60 -1.47 -17.26
C CYS B 229 27.15 -0.04 -17.46
N LEU B 230 27.29 0.42 -18.71
CA LEU B 230 27.52 1.84 -19.00
C LEU B 230 26.22 2.67 -18.95
N ALA B 231 25.09 2.09 -19.29
CA ALA B 231 23.76 2.67 -19.09
C ALA B 231 22.78 1.56 -18.75
N CYS B 232 21.74 1.88 -17.99
CA CYS B 232 20.80 0.88 -17.51
C CYS B 232 19.51 0.87 -18.32
N LEU B 233 19.06 -0.29 -18.81
CA LEU B 233 17.94 -0.38 -19.75
C LEU B 233 16.61 0.05 -19.13
N HIS B 234 16.33 -0.32 -17.89
CA HIS B 234 15.06 -0.05 -17.22
C HIS B 234 15.21 0.87 -15.99
N PHE B 235 15.65 0.36 -14.83
CA PHE B 235 15.79 1.16 -13.60
C PHE B 235 17.16 1.04 -12.95
N ASN B 236 17.78 2.17 -12.61
CA ASN B 236 19.06 2.21 -11.93
C ASN B 236 18.84 2.25 -10.41
N HIS B 237 19.04 1.12 -9.75
CA HIS B 237 18.91 0.97 -8.31
C HIS B 237 20.21 1.33 -7.59
N SER B 238 20.52 2.63 -7.48
CA SER B 238 21.71 3.14 -6.81
C SER B 238 23.04 2.51 -7.27
N GLY B 239 23.21 2.29 -8.57
CA GLY B 239 24.39 1.67 -9.17
C GLY B 239 24.16 0.26 -9.70
N ILE B 240 23.18 -0.47 -9.18
CA ILE B 240 22.83 -1.80 -9.67
C ILE B 240 21.69 -1.68 -10.68
N CYS B 241 21.84 -2.26 -11.86
CA CYS B 241 20.87 -2.15 -12.93
C CYS B 241 19.79 -3.23 -12.82
N GLU B 242 18.51 -2.85 -12.79
CA GLU B 242 17.42 -3.77 -12.42
C GLU B 242 16.15 -3.59 -13.27
N LEU B 243 15.33 -4.64 -13.38
CA LEU B 243 14.11 -4.66 -14.19
C LEU B 243 12.90 -3.94 -13.57
N HIS B 244 12.73 -4.01 -12.24
CA HIS B 244 11.68 -3.35 -11.46
C HIS B 244 12.28 -2.76 -10.17
N CYS B 245 11.74 -1.65 -9.65
CA CYS B 245 12.11 -1.19 -8.31
C CYS B 245 11.46 -2.10 -7.24
N PRO B 246 12.18 -2.52 -6.18
CA PRO B 246 11.61 -3.35 -5.13
C PRO B 246 10.35 -2.72 -4.52
N ALA B 247 9.28 -3.50 -4.34
CA ALA B 247 8.02 -3.00 -3.81
C ALA B 247 8.12 -2.59 -2.32
N LEU B 248 7.35 -1.59 -1.91
CA LEU B 248 7.26 -1.15 -0.50
C LEU B 248 6.57 -2.18 0.42
N VAL B 249 5.65 -2.97 -0.14
CA VAL B 249 4.86 -3.98 0.55
C VAL B 249 4.97 -5.30 -0.22
N THR B 250 5.17 -6.40 0.52
CA THR B 250 5.35 -7.75 -0.02
C THR B 250 4.31 -8.69 0.57
N TYR B 251 3.85 -9.67 -0.21
CA TYR B 251 2.79 -10.59 0.19
C TYR B 251 3.39 -11.89 0.68
N ASN B 252 3.11 -12.28 1.93
CA ASN B 252 3.58 -13.53 2.47
C ASN B 252 2.77 -14.70 1.89
N THR B 253 3.41 -15.55 1.08
CA THR B 253 2.76 -16.65 0.37
C THR B 253 2.19 -17.74 1.28
N ASP B 254 2.60 -17.79 2.55
CA ASP B 254 2.28 -18.90 3.44
C ASP B 254 1.32 -18.48 4.56
N THR B 255 1.45 -17.27 5.10
CA THR B 255 0.52 -16.71 6.09
C THR B 255 -0.59 -15.86 5.49
N PHE B 256 -0.65 -15.70 4.15
CA PHE B 256 -1.70 -14.97 3.43
C PHE B 256 -1.93 -13.55 4.00
N GLU B 257 -0.86 -12.77 4.13
CA GLU B 257 -0.92 -11.40 4.61
C GLU B 257 0.09 -10.51 3.90
N SER B 258 -0.26 -9.25 3.66
CA SER B 258 0.68 -8.23 3.18
C SER B 258 1.50 -7.68 4.34
N MET B 259 2.79 -7.46 4.12
CA MET B 259 3.74 -7.01 5.15
C MET B 259 4.78 -6.05 4.54
N PRO B 260 5.36 -5.11 5.30
CA PRO B 260 6.31 -4.14 4.73
C PRO B 260 7.60 -4.79 4.25
N ASN B 261 8.20 -4.19 3.21
CA ASN B 261 9.49 -4.60 2.66
C ASN B 261 10.61 -3.64 3.10
N PRO B 262 11.53 -4.04 4.01
CA PRO B 262 12.64 -3.21 4.44
C PRO B 262 13.55 -2.72 3.30
N GLU B 263 13.53 -3.40 2.15
CA GLU B 263 14.34 -3.04 0.97
C GLU B 263 13.53 -2.26 -0.09
N GLY B 264 12.27 -1.94 0.16
CA GLY B 264 11.38 -1.32 -0.82
C GLY B 264 11.82 0.10 -1.22
N ARG B 265 11.55 0.50 -2.47
CA ARG B 265 11.91 1.80 -3.05
C ARG B 265 10.75 2.43 -3.81
N TYR B 266 10.73 3.75 -3.94
CA TYR B 266 9.82 4.47 -4.81
C TYR B 266 10.35 4.50 -6.24
N THR B 267 9.52 4.26 -7.24
CA THR B 267 9.92 4.45 -8.64
C THR B 267 9.88 5.94 -8.98
N PHE B 268 10.94 6.48 -9.57
CA PHE B 268 11.02 7.89 -9.98
C PHE B 268 11.74 8.00 -11.32
N GLY B 269 11.01 8.28 -12.40
CA GLY B 269 11.60 8.27 -13.75
C GLY B 269 12.20 6.90 -14.08
N ALA B 270 13.48 6.84 -14.43
CA ALA B 270 14.21 5.60 -14.70
C ALA B 270 15.18 5.19 -13.57
N SER B 271 14.87 5.52 -12.31
CA SER B 271 15.69 5.14 -11.15
C SER B 271 14.85 4.82 -9.91
N CYS B 272 15.46 4.15 -8.93
CA CYS B 272 14.81 3.79 -7.67
C CYS B 272 15.33 4.66 -6.53
N VAL B 273 14.45 5.26 -5.72
CA VAL B 273 14.81 6.16 -4.61
C VAL B 273 14.09 5.79 -3.31
N THR B 274 14.66 6.17 -2.16
CA THR B 274 14.01 6.00 -0.85
C THR B 274 13.02 7.11 -0.50
N ALA B 275 13.16 8.30 -1.10
CA ALA B 275 12.26 9.45 -0.96
C ALA B 275 12.34 10.34 -2.21
N CYS B 276 11.23 10.95 -2.64
CA CYS B 276 11.20 11.74 -3.87
C CYS B 276 11.53 13.22 -3.71
N PRO B 277 11.98 13.91 -4.79
CA PRO B 277 12.33 15.32 -4.74
C PRO B 277 11.18 16.23 -4.32
N TYR B 278 11.52 17.42 -3.83
CA TYR B 278 10.60 18.32 -3.13
C TYR B 278 9.19 18.49 -3.74
N ASN B 279 9.08 18.66 -5.06
CA ASN B 279 7.80 18.97 -5.70
C ASN B 279 6.95 17.76 -6.10
N TYR B 280 7.45 16.54 -5.92
CA TYR B 280 6.77 15.35 -6.39
C TYR B 280 5.82 14.82 -5.33
N LEU B 281 4.70 14.27 -5.79
CA LEU B 281 3.62 13.79 -4.95
C LEU B 281 3.74 12.27 -4.76
N SER B 282 4.00 11.83 -3.54
CA SER B 282 4.21 10.41 -3.23
C SER B 282 2.90 9.64 -3.26
N THR B 283 2.85 8.52 -3.97
CA THR B 283 1.66 7.65 -4.06
C THR B 283 1.95 6.31 -3.39
N ASP B 284 1.00 5.78 -2.62
CA ASP B 284 1.17 4.60 -1.77
C ASP B 284 1.53 3.29 -2.50
N VAL B 285 1.33 3.19 -3.83
CA VAL B 285 1.75 2.00 -4.60
C VAL B 285 3.28 1.86 -4.75
N GLY B 286 4.07 2.90 -4.42
CA GLY B 286 5.53 2.90 -4.55
C GLY B 286 6.06 3.67 -5.75
N SER B 287 5.43 4.80 -6.10
CA SER B 287 5.90 5.66 -7.19
C SER B 287 5.58 7.13 -6.94
N CYS B 288 6.32 8.02 -7.60
CA CYS B 288 6.21 9.47 -7.44
C CYS B 288 5.72 10.15 -8.71
N THR B 289 4.72 11.00 -8.56
CA THR B 289 3.95 11.53 -9.69
C THR B 289 3.73 13.03 -9.60
N LEU B 290 3.40 13.66 -10.72
CA LEU B 290 3.01 15.06 -10.79
C LEU B 290 1.49 15.26 -10.63
N VAL B 291 0.69 14.21 -10.78
CA VAL B 291 -0.77 14.22 -10.55
C VAL B 291 -1.17 13.06 -9.66
N CYS B 292 -2.25 13.23 -8.91
CA CYS B 292 -2.76 12.21 -8.00
C CYS B 292 -3.77 11.27 -8.70
N PRO B 293 -3.77 9.95 -8.44
CA PRO B 293 -4.71 9.02 -9.06
C PRO B 293 -6.18 9.33 -8.75
N LEU B 294 -7.10 8.81 -9.57
CA LEU B 294 -8.53 9.04 -9.41
C LEU B 294 -9.03 8.57 -8.03
N HIS B 295 -9.96 9.31 -7.42
CA HIS B 295 -10.50 9.06 -6.06
C HIS B 295 -9.49 9.26 -4.91
N ASN B 296 -8.55 10.21 -5.06
CA ASN B 296 -7.57 10.57 -4.03
C ASN B 296 -7.45 12.10 -3.85
N GLN B 297 -7.02 12.51 -2.66
CA GLN B 297 -6.74 13.89 -2.26
C GLN B 297 -5.25 14.10 -2.07
N GLU B 298 -4.77 15.33 -2.29
CA GLU B 298 -3.44 15.71 -1.83
C GLU B 298 -3.48 16.10 -0.36
N VAL B 299 -2.60 15.51 0.46
CA VAL B 299 -2.54 15.74 1.91
C VAL B 299 -1.12 16.12 2.30
N THR B 300 -0.92 17.25 2.97
CA THR B 300 0.39 17.66 3.49
C THR B 300 0.65 16.98 4.84
N ALA B 301 0.84 15.66 4.80
CA ALA B 301 0.90 14.82 6.00
C ALA B 301 1.99 15.20 7.00
N GLU B 302 3.13 15.70 6.51
CA GLU B 302 4.27 16.19 7.28
C GLU B 302 4.78 17.51 6.67
N ASP B 303 5.42 18.36 7.47
CA ASP B 303 5.94 19.65 7.00
C ASP B 303 6.97 19.47 5.86
N GLY B 304 6.80 20.23 4.77
CA GLY B 304 7.73 20.26 3.64
C GLY B 304 7.55 19.14 2.61
N THR B 305 6.53 18.29 2.74
CA THR B 305 6.25 17.18 1.80
C THR B 305 4.75 17.03 1.53
N GLN B 306 4.36 16.15 0.60
CA GLN B 306 2.97 15.88 0.27
C GLN B 306 2.78 14.46 -0.28
N ARG B 307 1.62 13.84 -0.04
CA ARG B 307 1.26 12.49 -0.53
C ARG B 307 -0.19 12.40 -0.98
N CYS B 308 -0.50 11.41 -1.80
CA CYS B 308 -1.88 11.03 -2.07
C CYS B 308 -2.47 10.18 -0.94
N GLU B 309 -3.74 10.40 -0.59
CA GLU B 309 -4.56 9.55 0.30
C GLU B 309 -5.94 9.27 -0.32
N LYS B 310 -6.50 8.08 -0.10
CA LYS B 310 -7.80 7.69 -0.69
C LYS B 310 -8.98 8.40 -0.03
N CYS B 311 -9.98 8.76 -0.83
CA CYS B 311 -11.25 9.28 -0.31
C CYS B 311 -12.05 8.14 0.35
N SER B 312 -12.42 8.28 1.62
CA SER B 312 -13.28 7.32 2.35
C SER B 312 -14.76 7.45 1.98
N LYS B 313 -15.16 8.62 1.48
CA LYS B 313 -16.48 9.00 0.97
C LYS B 313 -16.31 9.81 -0.33
N PRO B 314 -17.35 9.95 -1.19
CA PRO B 314 -17.23 10.64 -2.48
C PRO B 314 -16.53 12.00 -2.42
N CYS B 315 -15.54 12.17 -3.30
CA CYS B 315 -14.61 13.30 -3.27
C CYS B 315 -15.27 14.66 -3.60
N ALA B 316 -14.78 15.74 -2.99
CA ALA B 316 -15.25 17.11 -3.25
C ALA B 316 -14.83 17.64 -4.65
N ARG B 317 -15.53 18.68 -5.15
CA ARG B 317 -15.22 19.32 -6.44
C ARG B 317 -13.76 19.78 -6.49
N VAL B 318 -13.08 19.48 -7.59
CA VAL B 318 -11.70 19.90 -7.87
C VAL B 318 -11.74 21.05 -8.88
N CYS B 319 -11.11 22.18 -8.55
CA CYS B 319 -11.12 23.37 -9.39
C CYS B 319 -9.95 23.36 -10.38
N TYR B 320 -10.21 23.05 -11.65
CA TYR B 320 -9.16 22.90 -12.66
C TYR B 320 -8.87 24.19 -13.41
N GLY B 321 -7.61 24.37 -13.82
CA GLY B 321 -7.13 25.47 -14.67
C GLY B 321 -6.69 25.01 -16.06
N LEU B 322 -5.92 25.83 -16.76
CA LEU B 322 -5.50 25.53 -18.14
C LEU B 322 -4.55 24.33 -18.19
N GLY B 323 -4.68 23.52 -19.23
CA GLY B 323 -3.82 22.35 -19.44
C GLY B 323 -4.34 21.03 -18.85
N MET B 324 -5.44 21.04 -18.09
CA MET B 324 -6.03 19.82 -17.50
C MET B 324 -7.52 19.67 -17.79
N GLU B 325 -7.98 18.43 -17.90
CA GLU B 325 -9.39 18.06 -18.11
C GLU B 325 -10.04 18.82 -19.30
N HIS B 326 -11.22 19.41 -19.11
CA HIS B 326 -11.97 20.12 -20.15
C HIS B 326 -11.32 21.43 -20.62
N LEU B 327 -10.29 21.92 -19.92
CA LEU B 327 -9.51 23.11 -20.29
C LEU B 327 -8.15 22.78 -20.93
N ARG B 328 -7.84 21.50 -21.20
CA ARG B 328 -6.50 21.10 -21.69
C ARG B 328 -6.12 21.57 -23.10
N GLU B 329 -7.10 21.94 -23.92
CA GLU B 329 -6.90 22.49 -25.27
C GLU B 329 -7.17 24.01 -25.34
N VAL B 330 -7.40 24.68 -24.20
CA VAL B 330 -7.75 26.10 -24.13
C VAL B 330 -6.49 26.99 -24.13
N ARG B 331 -6.48 28.02 -24.98
CA ARG B 331 -5.37 28.97 -25.16
C ARG B 331 -5.05 29.82 -23.93
N ALA B 332 -6.07 30.37 -23.28
CA ALA B 332 -5.94 31.36 -22.20
C ALA B 332 -7.23 31.50 -21.37
N VAL B 333 -7.15 32.18 -20.23
CA VAL B 333 -8.34 32.60 -19.48
C VAL B 333 -9.03 33.74 -20.24
N THR B 334 -10.32 33.62 -20.49
CA THR B 334 -11.15 34.60 -21.23
C THR B 334 -12.49 34.84 -20.52
N SER B 335 -13.24 35.85 -20.96
CA SER B 335 -14.59 36.12 -20.42
C SER B 335 -15.58 34.97 -20.59
N ALA B 336 -15.31 34.00 -21.48
CA ALA B 336 -16.15 32.83 -21.69
C ALA B 336 -15.95 31.72 -20.64
N ASN B 337 -14.82 31.69 -19.92
CA ASN B 337 -14.47 30.58 -19.00
C ASN B 337 -13.98 31.02 -17.62
N ILE B 338 -13.73 32.31 -17.38
CA ILE B 338 -13.20 32.86 -16.13
C ILE B 338 -14.07 32.57 -14.90
N GLN B 339 -15.38 32.47 -15.11
CA GLN B 339 -16.36 32.21 -14.05
C GLN B 339 -16.20 30.83 -13.38
N GLU B 340 -15.49 29.89 -14.01
CA GLU B 340 -15.28 28.55 -13.43
C GLU B 340 -14.36 28.55 -12.21
N PHE B 341 -13.66 29.67 -11.96
CA PHE B 341 -12.76 29.84 -10.83
C PHE B 341 -13.43 30.45 -9.59
N ALA B 342 -14.72 30.72 -9.63
CA ALA B 342 -15.45 31.36 -8.53
C ALA B 342 -15.40 30.53 -7.23
N GLY B 343 -14.89 31.13 -6.16
CA GLY B 343 -14.71 30.49 -4.86
C GLY B 343 -13.53 29.52 -4.75
N CYS B 344 -12.65 29.42 -5.76
CA CYS B 344 -11.54 28.47 -5.73
C CYS B 344 -10.36 29.03 -4.92
N LYS B 345 -9.81 28.24 -4.00
CA LYS B 345 -8.57 28.55 -3.26
C LYS B 345 -7.33 27.92 -3.85
N LYS B 346 -7.47 26.78 -4.53
CA LYS B 346 -6.39 26.04 -5.19
C LYS B 346 -6.82 25.63 -6.59
N ILE B 347 -6.01 25.92 -7.61
CA ILE B 347 -6.33 25.59 -9.00
C ILE B 347 -5.39 24.49 -9.51
N PHE B 348 -5.97 23.41 -10.02
CA PHE B 348 -5.25 22.27 -10.57
C PHE B 348 -5.08 22.49 -12.07
N GLY B 349 -3.94 23.04 -12.47
CA GLY B 349 -3.67 23.53 -13.82
C GLY B 349 -2.92 24.85 -13.77
N SER B 350 -2.84 25.55 -14.88
CA SER B 350 -2.08 26.80 -15.03
C SER B 350 -3.00 27.98 -15.32
N LEU B 351 -2.49 29.21 -15.19
CA LEU B 351 -3.19 30.42 -15.62
C LEU B 351 -2.37 31.16 -16.67
N ALA B 352 -3.02 31.64 -17.72
CA ALA B 352 -2.39 32.44 -18.75
C ALA B 352 -3.30 33.60 -19.17
N PHE B 353 -2.79 34.83 -19.12
CA PHE B 353 -3.49 36.05 -19.52
C PHE B 353 -2.77 36.68 -20.70
N LEU B 354 -3.36 36.58 -21.90
CA LEU B 354 -2.72 36.95 -23.16
C LEU B 354 -3.50 38.06 -23.87
N PRO B 355 -2.96 38.65 -24.94
CA PRO B 355 -3.80 39.36 -25.90
C PRO B 355 -4.94 38.45 -26.38
N GLU B 356 -6.11 39.03 -26.64
CA GLU B 356 -7.36 38.28 -26.85
C GLU B 356 -7.90 37.55 -25.60
N SER B 357 -7.33 37.79 -24.42
CA SER B 357 -7.98 37.58 -23.11
C SER B 357 -8.52 38.93 -22.65
N PHE B 358 -7.69 39.98 -22.77
CA PHE B 358 -8.04 41.38 -22.48
C PHE B 358 -8.35 42.19 -23.77
N ASP B 359 -8.78 41.50 -24.81
CA ASP B 359 -9.30 42.05 -26.06
C ASP B 359 -10.39 41.09 -26.58
N GLY B 360 -11.20 41.53 -27.54
CA GLY B 360 -12.27 40.71 -28.10
C GLY B 360 -11.83 39.73 -29.19
N ASP B 361 -12.71 38.78 -29.52
CA ASP B 361 -12.55 37.87 -30.64
C ASP B 361 -13.90 37.71 -31.37
N PRO B 362 -14.13 38.49 -32.46
CA PRO B 362 -15.34 38.39 -33.26
C PRO B 362 -15.59 36.99 -33.84
N ALA B 363 -14.56 36.15 -34.00
CA ALA B 363 -14.74 34.79 -34.51
C ALA B 363 -15.31 33.84 -33.44
N SER B 364 -15.07 34.15 -32.16
CA SER B 364 -15.58 33.39 -31.01
C SER B 364 -16.77 34.07 -30.30
N ASN B 365 -17.33 35.16 -30.84
CA ASN B 365 -18.42 35.93 -30.24
C ASN B 365 -18.20 36.26 -28.74
N THR B 366 -16.95 36.56 -28.35
CA THR B 366 -16.51 36.66 -26.95
C THR B 366 -16.00 38.07 -26.63
N ALA B 367 -16.53 38.69 -25.58
CA ALA B 367 -16.12 40.02 -25.11
C ALA B 367 -14.78 40.00 -24.32
N PRO B 368 -14.04 41.11 -24.24
CA PRO B 368 -12.83 41.21 -23.44
C PRO B 368 -13.10 41.14 -21.92
N LEU B 369 -12.13 40.63 -21.15
CA LEU B 369 -12.18 40.68 -19.69
C LEU B 369 -12.08 42.11 -19.17
N GLN B 370 -12.84 42.40 -18.11
CA GLN B 370 -12.86 43.67 -17.40
C GLN B 370 -12.12 43.52 -16.06
N PRO B 371 -11.53 44.58 -15.48
CA PRO B 371 -10.93 44.52 -14.15
C PRO B 371 -11.86 43.95 -13.05
N GLU B 372 -13.17 44.19 -13.15
CA GLU B 372 -14.17 43.66 -12.22
C GLU B 372 -14.37 42.15 -12.33
N GLN B 373 -14.02 41.52 -13.45
CA GLN B 373 -14.11 40.07 -13.61
C GLN B 373 -12.85 39.37 -13.07
N LEU B 374 -11.68 40.01 -13.12
CA LEU B 374 -10.45 39.45 -12.55
C LEU B 374 -10.55 39.19 -11.04
N GLN B 375 -11.44 39.89 -10.35
CA GLN B 375 -11.65 39.75 -8.91
C GLN B 375 -12.03 38.31 -8.50
N VAL B 376 -12.45 37.44 -9.42
CA VAL B 376 -12.72 36.03 -9.13
C VAL B 376 -11.51 35.31 -8.52
N PHE B 377 -10.29 35.80 -8.74
CA PHE B 377 -9.08 35.18 -8.20
C PHE B 377 -8.67 35.72 -6.82
N GLU B 378 -9.45 36.60 -6.18
CA GLU B 378 -9.10 37.15 -4.86
C GLU B 378 -8.92 36.05 -3.79
N THR B 379 -9.66 34.95 -3.87
CA THR B 379 -9.55 33.81 -2.95
C THR B 379 -8.37 32.88 -3.23
N LEU B 380 -7.67 33.00 -4.37
CA LEU B 380 -6.67 32.03 -4.79
C LEU B 380 -5.42 32.07 -3.91
N GLU B 381 -5.01 30.91 -3.41
CA GLU B 381 -3.83 30.74 -2.58
C GLU B 381 -2.74 29.89 -3.22
N GLU B 382 -3.09 28.91 -4.06
CA GLU B 382 -2.10 28.01 -4.68
C GLU B 382 -2.43 27.68 -6.15
N ILE B 383 -1.40 27.66 -7.01
CA ILE B 383 -1.47 27.26 -8.42
C ILE B 383 -0.59 26.02 -8.61
N THR B 384 -1.10 24.92 -9.17
CA THR B 384 -0.26 23.72 -9.36
C THR B 384 0.68 23.83 -10.56
N GLY B 385 0.36 24.63 -11.57
CA GLY B 385 1.16 24.83 -12.77
C GLY B 385 1.94 26.15 -12.74
N TYR B 386 1.89 26.89 -13.85
CA TYR B 386 2.56 28.17 -14.05
C TYR B 386 1.58 29.34 -14.12
N LEU B 387 2.07 30.54 -13.86
CA LEU B 387 1.37 31.82 -14.04
C LEU B 387 2.08 32.66 -15.11
N TYR B 388 1.45 32.86 -16.27
CA TYR B 388 2.00 33.63 -17.38
C TYR B 388 1.13 34.82 -17.72
N ILE B 389 1.64 36.05 -17.62
CA ILE B 389 0.90 37.26 -17.97
C ILE B 389 1.66 38.06 -19.02
N SER B 390 1.08 38.23 -20.20
CA SER B 390 1.67 39.02 -21.30
C SER B 390 0.80 40.19 -21.74
N ALA B 391 -0.35 40.38 -21.10
CA ALA B 391 -1.22 41.53 -21.25
C ALA B 391 -1.94 41.76 -19.92
N TRP B 392 -2.19 43.01 -19.57
CA TRP B 392 -2.87 43.39 -18.32
C TRP B 392 -3.55 44.75 -18.49
N PRO B 393 -4.71 45.03 -17.88
CA PRO B 393 -5.36 46.33 -18.00
C PRO B 393 -4.45 47.48 -17.61
N ASP B 394 -4.46 48.58 -18.36
CA ASP B 394 -3.60 49.74 -18.11
C ASP B 394 -4.00 50.54 -16.85
N SER B 395 -5.23 50.39 -16.36
CA SER B 395 -5.73 51.03 -15.16
C SER B 395 -5.25 50.37 -13.85
N LEU B 396 -4.63 49.19 -13.89
CA LEU B 396 -4.14 48.48 -12.70
C LEU B 396 -2.61 48.61 -12.59
N PRO B 397 -2.06 49.32 -11.59
CA PRO B 397 -0.62 49.53 -11.48
C PRO B 397 0.14 48.29 -11.00
N ASP B 398 -0.54 47.24 -10.56
CA ASP B 398 0.10 46.05 -9.98
C ASP B 398 -0.72 44.76 -10.22
N LEU B 399 -0.26 43.64 -9.66
CA LEU B 399 -0.99 42.37 -9.68
C LEU B 399 -1.75 42.14 -8.36
N SER B 400 -2.30 43.18 -7.72
CA SER B 400 -2.97 43.05 -6.41
C SER B 400 -4.15 42.08 -6.41
N VAL B 401 -4.76 41.78 -7.55
CA VAL B 401 -5.81 40.74 -7.63
C VAL B 401 -5.31 39.34 -7.23
N PHE B 402 -3.99 39.12 -7.24
CA PHE B 402 -3.33 37.92 -6.75
C PHE B 402 -2.62 38.12 -5.39
N GLN B 403 -2.93 39.16 -4.61
CA GLN B 403 -2.21 39.43 -3.35
C GLN B 403 -2.25 38.30 -2.31
N ASN B 404 -3.25 37.41 -2.33
CA ASN B 404 -3.32 36.25 -1.44
C ASN B 404 -2.61 34.99 -1.98
N LEU B 405 -2.03 35.02 -3.18
CA LEU B 405 -1.34 33.87 -3.75
C LEU B 405 -0.07 33.56 -2.95
N GLN B 406 0.06 32.33 -2.44
CA GLN B 406 1.16 31.93 -1.56
C GLN B 406 2.19 31.05 -2.24
N VAL B 407 1.74 30.09 -3.06
CA VAL B 407 2.60 29.09 -3.68
C VAL B 407 2.30 28.92 -5.15
N ILE B 408 3.32 28.96 -6.01
CA ILE B 408 3.23 28.50 -7.39
C ILE B 408 4.09 27.23 -7.51
N ARG B 409 3.47 26.07 -7.69
CA ARG B 409 4.21 24.80 -7.61
C ARG B 409 5.13 24.58 -8.81
N GLY B 410 4.73 24.95 -10.02
CA GLY B 410 5.56 24.78 -11.21
C GLY B 410 5.61 23.36 -11.77
N ARG B 411 4.61 22.50 -11.49
CA ARG B 411 4.58 21.12 -12.03
C ARG B 411 4.38 21.06 -13.55
N ILE B 412 3.84 22.11 -14.13
CA ILE B 412 3.70 22.37 -15.56
C ILE B 412 4.39 23.72 -15.78
N LEU B 413 5.32 23.82 -16.73
CA LEU B 413 6.05 25.07 -17.00
C LEU B 413 5.75 25.59 -18.41
N HIS B 414 5.73 26.91 -18.57
CA HIS B 414 5.58 27.54 -19.88
C HIS B 414 6.81 27.25 -20.74
N ASN B 415 6.64 26.66 -21.94
CA ASN B 415 7.73 26.18 -22.80
C ASN B 415 8.76 25.31 -22.05
N GLY B 416 8.31 24.54 -21.04
CA GLY B 416 9.12 23.61 -20.25
C GLY B 416 10.19 24.25 -19.35
N ALA B 417 10.21 25.56 -19.18
CA ALA B 417 11.30 26.27 -18.51
C ALA B 417 10.82 27.27 -17.45
N TYR B 418 9.70 27.97 -17.68
CA TYR B 418 9.30 29.11 -16.85
C TYR B 418 8.02 28.87 -16.03
N SER B 419 8.08 29.10 -14.71
CA SER B 419 6.92 29.01 -13.82
C SER B 419 6.22 30.34 -13.58
N LEU B 420 6.94 31.44 -13.63
CA LEU B 420 6.43 32.79 -13.45
C LEU B 420 6.94 33.66 -14.59
N THR B 421 6.06 34.15 -15.47
CA THR B 421 6.49 34.96 -16.61
C THR B 421 5.67 36.22 -16.79
N LEU B 422 6.36 37.37 -16.91
CA LEU B 422 5.77 38.70 -17.05
C LEU B 422 6.43 39.42 -18.24
N GLN B 423 5.68 39.61 -19.33
CA GLN B 423 6.20 40.15 -20.58
C GLN B 423 5.50 41.44 -21.03
N GLY B 424 6.23 42.55 -21.15
CA GLY B 424 5.72 43.77 -21.78
C GLY B 424 4.53 44.47 -21.10
N LEU B 425 4.44 44.40 -19.77
CA LEU B 425 3.29 44.91 -19.00
C LEU B 425 3.46 46.36 -18.50
N GLY B 426 2.35 47.04 -18.25
CA GLY B 426 2.28 48.41 -17.72
C GLY B 426 2.39 48.53 -16.18
N ILE B 427 2.85 47.47 -15.52
CA ILE B 427 2.95 47.38 -14.06
C ILE B 427 4.03 48.32 -13.49
N SER B 428 3.71 49.06 -12.43
CA SER B 428 4.66 49.92 -11.69
C SER B 428 5.37 49.19 -10.54
N TRP B 429 4.70 48.26 -9.85
CA TRP B 429 5.29 47.36 -8.85
C TRP B 429 4.58 46.01 -8.87
N LEU B 430 5.24 44.93 -8.49
CA LEU B 430 4.67 43.60 -8.64
C LEU B 430 3.47 43.35 -7.71
N GLY B 431 3.51 43.84 -6.46
CA GLY B 431 2.55 43.41 -5.46
C GLY B 431 2.81 41.95 -5.08
N LEU B 432 1.82 41.05 -5.12
CA LEU B 432 2.00 39.64 -4.75
C LEU B 432 2.57 39.38 -3.34
N ARG B 433 2.30 40.24 -2.34
CA ARG B 433 3.00 40.19 -1.03
C ARG B 433 2.85 38.90 -0.20
N SER B 434 1.81 38.09 -0.45
CA SER B 434 1.64 36.80 0.21
C SER B 434 2.54 35.68 -0.35
N LEU B 435 3.19 35.85 -1.51
CA LEU B 435 3.96 34.80 -2.17
C LEU B 435 5.19 34.38 -1.35
N ARG B 436 5.31 33.09 -1.06
CA ARG B 436 6.36 32.48 -0.23
C ARG B 436 7.24 31.48 -1.00
N GLU B 437 6.71 30.82 -2.02
CA GLU B 437 7.40 29.73 -2.71
C GLU B 437 7.19 29.75 -4.22
N LEU B 438 8.27 29.56 -4.98
CA LEU B 438 8.23 29.12 -6.37
C LEU B 438 8.82 27.71 -6.44
N GLY B 439 7.97 26.70 -6.53
CA GLY B 439 8.41 25.32 -6.33
C GLY B 439 9.41 24.81 -7.37
N SER B 440 9.24 25.19 -8.63
CA SER B 440 10.01 24.68 -9.77
C SER B 440 10.04 25.71 -10.90
N GLY B 441 11.02 25.61 -11.80
CA GLY B 441 11.09 26.46 -12.98
C GLY B 441 11.75 27.82 -12.75
N LEU B 442 12.03 28.53 -13.85
CA LEU B 442 12.65 29.84 -13.81
C LEU B 442 11.59 30.94 -13.69
N ALA B 443 11.99 32.11 -13.21
CA ALA B 443 11.20 33.33 -13.27
C ALA B 443 11.72 34.24 -14.37
N LEU B 444 10.89 34.67 -15.33
CA LEU B 444 11.30 35.55 -16.44
C LEU B 444 10.51 36.86 -16.43
N ILE B 445 11.17 37.99 -16.24
CA ILE B 445 10.51 39.31 -16.20
C ILE B 445 11.24 40.25 -17.14
N HIS B 446 10.66 40.65 -18.27
CA HIS B 446 11.36 41.54 -19.21
C HIS B 446 10.47 42.42 -20.11
N HIS B 447 11.06 43.50 -20.60
CA HIS B 447 10.42 44.56 -21.39
C HIS B 447 9.30 45.33 -20.65
N ASN B 448 9.28 45.34 -19.32
CA ASN B 448 8.28 46.05 -18.54
C ASN B 448 8.81 47.46 -18.22
N THR B 449 8.58 48.41 -19.13
CA THR B 449 9.22 49.73 -19.10
C THR B 449 8.90 50.59 -17.87
N HIS B 450 7.79 50.33 -17.18
CA HIS B 450 7.44 50.99 -15.92
C HIS B 450 7.71 50.15 -14.66
N LEU B 451 8.19 48.90 -14.73
CA LEU B 451 8.28 48.07 -13.52
C LEU B 451 9.53 48.38 -12.70
N CYS B 452 9.35 48.77 -11.44
CA CYS B 452 10.47 49.20 -10.58
C CYS B 452 10.92 48.17 -9.52
N PHE B 453 10.02 47.71 -8.66
CA PHE B 453 10.38 46.97 -7.44
C PHE B 453 10.85 45.52 -7.66
N VAL B 454 10.98 45.06 -8.90
CA VAL B 454 11.53 43.73 -9.22
C VAL B 454 12.95 43.53 -8.66
N HIS B 455 13.72 44.59 -8.49
CA HIS B 455 15.08 44.54 -7.94
C HIS B 455 15.17 44.50 -6.40
N THR B 456 14.05 44.64 -5.65
CA THR B 456 14.03 44.62 -4.16
C THR B 456 13.35 43.37 -3.56
N VAL B 457 12.74 42.52 -4.38
CA VAL B 457 12.14 41.27 -3.92
C VAL B 457 13.25 40.28 -3.51
N PRO B 458 13.11 39.55 -2.40
CA PRO B 458 14.10 38.59 -1.93
C PRO B 458 13.98 37.24 -2.68
N TRP B 459 14.26 37.24 -3.98
CA TRP B 459 14.01 36.06 -4.84
C TRP B 459 14.69 34.78 -4.37
N ASP B 460 15.87 34.86 -3.76
CA ASP B 460 16.56 33.68 -3.23
C ASP B 460 15.81 32.97 -2.08
N GLN B 461 14.83 33.64 -1.45
CA GLN B 461 13.97 33.04 -0.43
C GLN B 461 12.78 32.29 -1.03
N LEU B 462 12.41 32.54 -2.28
CA LEU B 462 11.28 31.92 -2.96
C LEU B 462 11.65 30.60 -3.63
N PHE B 463 12.89 30.47 -4.11
CA PHE B 463 13.41 29.28 -4.77
C PHE B 463 13.78 28.17 -3.78
N ARG B 464 13.72 26.90 -4.22
CA ARG B 464 13.78 25.72 -3.34
C ARG B 464 14.84 24.67 -3.69
N ASN B 465 15.67 24.89 -4.71
CA ASN B 465 16.75 23.98 -5.11
C ASN B 465 17.72 24.65 -6.10
N PRO B 466 18.81 23.99 -6.53
CA PRO B 466 19.61 24.47 -7.65
C PRO B 466 18.83 24.33 -8.97
N HIS B 467 19.35 24.89 -10.07
CA HIS B 467 18.62 25.03 -11.36
C HIS B 467 17.42 25.98 -11.31
N GLN B 468 17.42 26.96 -10.40
CA GLN B 468 16.40 28.00 -10.34
C GLN B 468 17.04 29.39 -10.21
N ALA B 469 16.50 30.38 -10.92
CA ALA B 469 17.01 31.75 -10.95
C ALA B 469 15.98 32.73 -11.52
N LEU B 470 16.16 34.02 -11.27
CA LEU B 470 15.47 35.10 -11.97
C LEU B 470 16.27 35.55 -13.21
N LEU B 471 15.66 35.57 -14.38
CA LEU B 471 16.21 36.15 -15.60
C LEU B 471 15.44 37.42 -15.95
N HIS B 472 16.12 38.55 -16.14
CA HIS B 472 15.47 39.84 -16.38
C HIS B 472 16.24 40.73 -17.34
N THR B 473 15.53 41.54 -18.13
CA THR B 473 16.12 42.57 -19.00
C THR B 473 15.07 43.59 -19.45
N ALA B 474 15.49 44.80 -19.80
CA ALA B 474 14.65 45.89 -20.32
C ALA B 474 13.53 46.40 -19.39
N ASN B 475 13.67 46.23 -18.07
CA ASN B 475 12.76 46.84 -17.10
C ASN B 475 13.24 48.25 -16.70
N ARG B 476 12.52 48.95 -15.83
CA ARG B 476 12.88 50.33 -15.42
C ARG B 476 14.27 50.38 -14.76
N PRO B 477 15.22 51.20 -15.24
CA PRO B 477 16.55 51.29 -14.64
C PRO B 477 16.49 51.73 -13.18
N GLU B 478 17.36 51.18 -12.33
CA GLU B 478 17.40 51.53 -10.90
C GLU B 478 17.62 53.04 -10.68
N ASP B 479 18.40 53.69 -11.55
CA ASP B 479 18.62 55.13 -11.50
C ASP B 479 17.33 55.94 -11.70
N GLU B 480 16.42 55.47 -12.55
CA GLU B 480 15.11 56.11 -12.74
C GLU B 480 14.15 55.85 -11.58
N CYS B 481 14.23 54.70 -10.91
CA CYS B 481 13.52 54.48 -9.65
C CYS B 481 13.98 55.47 -8.58
N VAL B 482 15.29 55.58 -8.34
CA VAL B 482 15.80 56.50 -7.29
C VAL B 482 15.51 57.96 -7.60
N GLY B 483 15.57 58.36 -8.88
CA GLY B 483 15.31 59.74 -9.32
C GLY B 483 13.89 60.24 -9.02
N GLU B 484 12.95 59.33 -8.75
CA GLU B 484 11.56 59.65 -8.39
C GLU B 484 11.20 59.23 -6.95
N GLY B 485 12.18 58.74 -6.17
CA GLY B 485 12.00 58.31 -4.77
C GLY B 485 11.26 56.98 -4.59
N LEU B 486 11.35 56.06 -5.55
CA LEU B 486 10.70 54.76 -5.55
C LEU B 486 11.60 53.74 -4.85
N ALA B 487 11.33 53.48 -3.58
CA ALA B 487 12.21 52.72 -2.70
C ALA B 487 11.41 52.03 -1.58
N CYS B 488 12.00 51.03 -0.96
CA CYS B 488 11.37 50.26 0.10
C CYS B 488 11.12 51.10 1.36
N HIS B 489 9.99 50.80 2.04
CA HIS B 489 9.58 51.50 3.29
C HIS B 489 10.59 51.20 4.40
N GLN B 490 10.79 52.14 5.30
CA GLN B 490 11.84 52.01 6.32
C GLN B 490 11.54 51.02 7.45
N LEU B 491 10.28 50.63 7.66
CA LEU B 491 9.86 49.80 8.81
C LEU B 491 10.00 48.29 8.59
N CYS B 492 10.79 47.83 7.61
CA CYS B 492 10.93 46.41 7.30
C CYS B 492 12.33 45.98 6.86
N ALA B 493 12.61 44.68 7.02
CA ALA B 493 13.94 44.10 7.01
C ALA B 493 14.74 44.40 5.73
N ARG B 494 15.92 45.02 5.88
CA ARG B 494 16.99 45.11 4.86
C ARG B 494 16.57 45.67 3.49
N GLY B 495 15.46 46.40 3.43
CA GLY B 495 14.90 46.92 2.18
C GLY B 495 14.17 45.88 1.31
N HIS B 496 13.82 44.71 1.84
CA HIS B 496 13.02 43.72 1.11
C HIS B 496 11.56 44.19 0.96
N CYS B 497 11.16 44.56 -0.26
CA CYS B 497 9.83 45.07 -0.58
C CYS B 497 9.31 44.49 -1.89
N TRP B 498 7.99 44.31 -1.95
CA TRP B 498 7.21 44.02 -3.16
C TRP B 498 6.66 45.25 -3.88
N GLY B 499 6.84 46.44 -3.32
CA GLY B 499 6.26 47.69 -3.81
C GLY B 499 6.47 48.86 -2.86
N PRO B 500 5.90 50.03 -3.15
CA PRO B 500 5.99 51.21 -2.29
C PRO B 500 5.10 51.07 -1.04
N GLY B 501 5.35 51.91 -0.03
CA GLY B 501 4.47 52.07 1.13
C GLY B 501 4.55 50.94 2.17
N PRO B 502 3.86 51.11 3.32
CA PRO B 502 4.01 50.24 4.49
C PRO B 502 3.33 48.87 4.35
N THR B 503 2.48 48.65 3.36
CA THR B 503 1.80 47.35 3.15
C THR B 503 2.61 46.34 2.34
N GLN B 504 3.49 46.79 1.46
CA GLN B 504 4.23 45.92 0.54
C GLN B 504 5.59 45.45 1.11
N CYS B 505 5.88 45.75 2.36
CA CYS B 505 7.05 45.23 3.09
C CYS B 505 6.97 43.72 3.30
N VAL B 506 8.10 43.01 3.19
CA VAL B 506 8.13 41.55 3.39
C VAL B 506 8.05 41.16 4.88
N ASN B 507 8.79 41.86 5.74
CA ASN B 507 9.01 41.48 7.15
C ASN B 507 9.15 42.73 8.03
N CYS B 508 8.08 43.17 8.70
CA CYS B 508 8.10 44.35 9.57
C CYS B 508 9.02 44.16 10.78
N SER B 509 9.81 45.18 11.14
CA SER B 509 10.73 45.11 12.28
C SER B 509 10.06 45.30 13.65
N GLN B 510 8.88 45.92 13.72
CA GLN B 510 8.16 46.23 14.96
C GLN B 510 6.79 45.55 15.03
N PHE B 511 5.69 46.20 14.66
CA PHE B 511 4.34 45.64 14.74
C PHE B 511 3.59 45.77 13.40
N LEU B 512 2.64 44.88 13.16
CA LEU B 512 1.76 44.89 12.00
C LEU B 512 0.29 45.11 12.41
N ARG B 513 -0.33 46.17 11.86
CA ARG B 513 -1.74 46.55 12.08
C ARG B 513 -2.43 46.75 10.74
N GLY B 514 -3.43 45.94 10.40
CA GLY B 514 -4.14 46.04 9.11
C GLY B 514 -3.25 45.75 7.89
N GLN B 515 -2.24 44.90 8.05
CA GLN B 515 -1.20 44.61 7.06
C GLN B 515 -0.23 45.78 6.71
N GLU B 516 -0.18 46.81 7.56
CA GLU B 516 0.80 47.91 7.52
C GLU B 516 1.89 47.69 8.57
N CYS B 517 3.16 47.93 8.27
CA CYS B 517 4.17 48.01 9.33
C CYS B 517 3.99 49.31 10.12
N VAL B 518 4.13 49.26 11.45
CA VAL B 518 3.99 50.44 12.34
C VAL B 518 5.00 50.44 13.48
N GLU B 519 5.34 51.63 13.96
CA GLU B 519 6.32 51.86 15.02
C GLU B 519 5.76 51.64 16.44
N GLU B 520 4.47 51.91 16.66
CA GLU B 520 3.87 51.97 17.99
C GLU B 520 2.58 51.14 18.08
N CYS B 521 2.33 50.55 19.25
CA CYS B 521 1.25 49.59 19.44
C CYS B 521 0.02 50.13 20.21
N ARG B 522 -0.19 51.45 20.20
CA ARG B 522 -1.41 52.14 20.74
C ARG B 522 -1.81 51.78 22.18
N VAL B 523 -0.85 51.73 23.11
CA VAL B 523 -1.10 51.43 24.53
C VAL B 523 -1.35 52.70 25.38
N LEU B 524 -0.65 53.80 25.09
CA LEU B 524 -0.71 55.06 25.86
C LEU B 524 -1.18 56.28 25.04
N GLN B 525 -1.50 56.07 23.76
CA GLN B 525 -1.83 57.08 22.78
C GLN B 525 -3.30 57.53 22.86
N GLY B 526 -3.63 58.71 22.33
CA GLY B 526 -5.00 59.25 22.31
C GLY B 526 -6.00 58.49 21.43
N LEU B 527 -5.53 57.63 20.52
CA LEU B 527 -6.36 56.75 19.68
C LEU B 527 -7.01 55.62 20.49
N PRO B 528 -8.08 54.97 19.98
CA PRO B 528 -8.69 53.79 20.61
C PRO B 528 -7.63 52.74 20.94
N ARG B 529 -7.52 52.39 22.22
CA ARG B 529 -6.34 51.67 22.73
C ARG B 529 -6.33 50.18 22.40
N GLU B 530 -5.14 49.63 22.20
CA GLU B 530 -4.89 48.25 21.81
C GLU B 530 -3.88 47.56 22.74
N TYR B 531 -4.07 46.26 22.98
CA TYR B 531 -3.15 45.43 23.76
C TYR B 531 -2.15 44.72 22.85
N VAL B 532 -0.98 44.40 23.41
CA VAL B 532 0.21 43.93 22.68
C VAL B 532 0.20 42.41 22.51
N ASN B 533 0.55 41.94 21.32
CA ASN B 533 0.84 40.54 20.99
C ASN B 533 2.26 40.44 20.39
N ALA B 534 2.74 39.25 20.03
CA ALA B 534 4.09 38.96 19.55
C ALA B 534 4.61 39.84 18.39
N ARG B 535 3.82 40.09 17.34
CA ARG B 535 4.10 41.06 16.26
C ARG B 535 2.87 41.91 15.89
N HIS B 536 1.84 41.93 16.72
CA HIS B 536 0.52 42.50 16.36
C HIS B 536 -0.10 43.29 17.52
N CYS B 537 -1.05 44.16 17.19
CA CYS B 537 -1.77 45.00 18.15
C CYS B 537 -3.28 44.84 17.95
N LEU B 538 -4.05 44.63 19.02
CA LEU B 538 -5.48 44.35 18.95
C LEU B 538 -6.26 45.24 19.94
N PRO B 539 -7.49 45.68 19.65
CA PRO B 539 -8.20 46.68 20.45
C PRO B 539 -8.68 46.17 21.81
N CYS B 540 -8.82 47.08 22.77
CA CYS B 540 -9.54 46.83 24.02
C CYS B 540 -11.04 46.61 23.77
N HIS B 541 -11.72 45.87 24.66
CA HIS B 541 -13.18 45.84 24.66
C HIS B 541 -13.73 47.25 24.96
N PRO B 542 -14.64 47.82 24.13
CA PRO B 542 -15.07 49.23 24.26
C PRO B 542 -15.61 49.64 25.63
N GLU B 543 -16.20 48.70 26.36
CA GLU B 543 -16.75 48.98 27.69
C GLU B 543 -15.66 49.24 28.74
N CYS B 544 -14.42 48.79 28.50
CA CYS B 544 -13.32 48.93 29.44
C CYS B 544 -12.75 50.36 29.44
N GLN B 545 -12.43 50.90 30.63
CA GLN B 545 -11.95 52.28 30.76
C GLN B 545 -10.51 52.44 30.20
N PRO B 546 -10.26 53.38 29.27
CA PRO B 546 -8.94 53.59 28.66
C PRO B 546 -7.99 54.36 29.60
N GLN B 547 -7.63 53.75 30.74
CA GLN B 547 -6.64 54.31 31.66
C GLN B 547 -5.20 54.15 31.10
N ASN B 548 -4.23 54.82 31.71
CA ASN B 548 -2.83 54.85 31.26
C ASN B 548 -2.01 53.63 31.73
N GLY B 549 -2.60 52.72 32.52
CA GLY B 549 -1.96 51.47 32.94
C GLY B 549 -1.99 50.43 31.82
N SER B 550 -0.89 49.68 31.65
CA SER B 550 -0.69 48.67 30.59
C SER B 550 -1.58 47.41 30.68
N VAL B 551 -2.26 47.16 31.80
CA VAL B 551 -3.19 46.04 31.99
C VAL B 551 -4.66 46.50 32.08
N THR B 552 -4.93 47.68 32.68
CA THR B 552 -6.29 48.08 33.08
C THR B 552 -7.36 47.99 32.00
N CYS B 553 -7.05 48.40 30.77
CA CYS B 553 -7.95 48.35 29.60
C CYS B 553 -7.72 47.09 28.74
N PHE B 554 -6.62 46.36 28.97
CA PHE B 554 -5.95 45.57 27.94
C PHE B 554 -6.01 44.05 28.09
N GLY B 555 -6.47 43.37 27.04
CA GLY B 555 -6.53 41.92 26.93
C GLY B 555 -7.58 41.43 25.92
N PRO B 556 -7.54 40.15 25.46
CA PRO B 556 -8.46 39.65 24.41
C PRO B 556 -9.87 39.37 24.92
N GLU B 557 -10.11 39.49 26.24
CA GLU B 557 -11.43 39.37 26.85
C GLU B 557 -11.62 40.37 28.00
N ALA B 558 -12.86 40.72 28.32
CA ALA B 558 -13.17 41.63 29.43
C ALA B 558 -12.64 41.13 30.79
N ASP B 559 -12.37 39.83 30.91
CA ASP B 559 -11.79 39.19 32.09
C ASP B 559 -10.40 39.75 32.47
N GLN B 560 -9.67 40.37 31.53
CA GLN B 560 -8.38 41.00 31.84
C GLN B 560 -8.50 42.48 32.25
N CYS B 561 -9.66 43.11 32.07
CA CYS B 561 -9.82 44.52 32.41
C CYS B 561 -9.93 44.75 33.93
N VAL B 562 -9.32 45.82 34.42
CA VAL B 562 -9.32 46.22 35.84
C VAL B 562 -10.24 47.41 36.12
N ALA B 563 -10.56 48.22 35.11
CA ALA B 563 -11.48 49.37 35.23
C ALA B 563 -12.47 49.43 34.05
N CYS B 564 -13.68 49.94 34.33
CA CYS B 564 -14.84 49.86 33.45
C CYS B 564 -15.63 51.18 33.41
N ALA B 565 -16.05 51.61 32.21
CA ALA B 565 -16.75 52.87 32.02
C ALA B 565 -18.16 52.91 32.67
N HIS B 566 -18.86 51.77 32.69
CA HIS B 566 -20.26 51.65 33.15
C HIS B 566 -20.67 50.20 33.42
N TYR B 567 -21.71 49.98 34.24
CA TYR B 567 -22.30 48.65 34.50
C TYR B 567 -21.25 47.56 34.83
N LYS B 568 -20.31 47.85 35.74
CA LYS B 568 -19.17 46.96 36.01
C LYS B 568 -19.61 45.69 36.75
N ASP B 569 -19.54 44.52 36.13
CA ASP B 569 -19.82 43.27 36.85
C ASP B 569 -18.52 42.84 37.56
N PRO B 570 -18.44 42.78 38.91
CA PRO B 570 -17.16 42.63 39.60
C PRO B 570 -16.15 41.65 38.97
N PRO B 571 -16.51 40.45 38.47
CA PRO B 571 -15.56 39.56 37.81
C PRO B 571 -15.07 40.05 36.43
N PHE B 572 -15.81 40.92 35.73
CA PHE B 572 -15.40 41.52 34.45
C PHE B 572 -16.31 42.68 34.00
N CYS B 573 -15.76 43.57 33.17
CA CYS B 573 -16.50 44.70 32.62
C CYS B 573 -17.52 44.29 31.54
N VAL B 574 -18.75 44.83 31.57
CA VAL B 574 -19.79 44.60 30.55
C VAL B 574 -20.45 45.91 30.09
N ALA B 575 -21.11 45.89 28.93
CA ALA B 575 -21.87 47.03 28.41
C ALA B 575 -23.14 47.33 29.24
N ARG B 576 -23.84 46.29 29.71
CA ARG B 576 -25.07 46.34 30.52
C ARG B 576 -25.05 45.23 31.56
N CYS B 577 -25.71 45.42 32.70
CA CYS B 577 -25.93 44.34 33.66
C CYS B 577 -26.90 43.29 33.07
N PRO B 578 -26.53 41.98 33.00
CA PRO B 578 -27.39 40.95 32.39
C PRO B 578 -28.79 40.81 33.01
N SER B 579 -29.81 40.65 32.17
CA SER B 579 -31.20 40.40 32.59
C SER B 579 -31.43 38.91 32.85
N ILE B 590 -29.83 34.25 37.27
CA ILE B 590 -29.98 35.39 38.18
C ILE B 590 -29.80 36.70 37.41
N TRP B 591 -30.73 37.64 37.56
CA TRP B 591 -30.67 38.97 36.95
C TRP B 591 -29.82 39.93 37.80
N LYS B 592 -29.16 40.90 37.17
CA LYS B 592 -28.37 41.95 37.83
C LYS B 592 -28.81 43.37 37.41
N PHE B 593 -28.52 44.36 38.25
CA PHE B 593 -28.74 45.78 38.00
C PHE B 593 -27.61 46.63 38.62
N PRO B 594 -27.32 47.83 38.11
CA PRO B 594 -26.22 48.67 38.61
C PRO B 594 -26.53 49.22 40.00
N ASP B 595 -25.53 49.27 40.87
CA ASP B 595 -25.60 49.89 42.19
C ASP B 595 -25.19 51.38 42.19
N GLU B 596 -25.09 51.98 43.38
CA GLU B 596 -24.73 53.39 43.56
C GLU B 596 -23.30 53.78 43.10
N GLU B 597 -22.43 52.80 42.81
CA GLU B 597 -21.08 53.00 42.27
C GLU B 597 -20.98 52.62 40.77
N GLY B 598 -22.10 52.25 40.14
CA GLY B 598 -22.14 51.82 38.74
C GLY B 598 -21.71 50.37 38.50
N ALA B 599 -21.70 49.53 39.55
CA ALA B 599 -21.35 48.12 39.45
C ALA B 599 -22.60 47.23 39.51
N CYS B 600 -22.58 46.07 38.84
CA CYS B 600 -23.72 45.18 38.79
C CYS B 600 -23.87 44.32 40.06
N GLN B 601 -25.10 44.21 40.58
CA GLN B 601 -25.48 43.37 41.72
C GLN B 601 -26.80 42.60 41.43
N PRO B 602 -27.05 41.44 42.05
CA PRO B 602 -28.27 40.65 41.83
C PRO B 602 -29.57 41.42 42.08
N CYS B 603 -30.59 41.20 41.24
CA CYS B 603 -31.92 41.78 41.40
C CYS B 603 -32.74 41.09 42.50
N PRO B 604 -33.64 41.81 43.20
CA PRO B 604 -34.60 41.20 44.12
C PRO B 604 -35.66 40.33 43.40
N ILE B 605 -35.89 40.58 42.11
CA ILE B 605 -36.81 39.83 41.23
C ILE B 605 -36.06 39.44 39.94
N ASN B 606 -36.07 38.15 39.58
CA ASN B 606 -35.44 37.64 38.35
C ASN B 606 -36.43 37.62 37.17
N SER C 1 18.49 -50.19 18.54
CA SER C 1 17.57 -49.36 17.75
C SER C 1 17.90 -47.86 17.80
N HIS C 2 19.03 -47.49 18.42
CA HIS C 2 19.51 -46.07 18.47
C HIS C 2 18.72 -45.26 19.51
N LEU C 3 17.91 -45.89 20.37
CA LEU C 3 17.08 -45.21 21.38
C LEU C 3 17.25 -45.84 22.77
N VAL C 4 17.11 -45.00 23.79
CA VAL C 4 17.05 -45.41 25.21
C VAL C 4 15.84 -44.77 25.89
N LYS C 5 15.38 -45.31 27.02
CA LYS C 5 14.30 -44.73 27.81
C LYS C 5 14.77 -43.44 28.47
N CYS C 6 13.93 -42.42 28.52
CA CYS C 6 14.28 -41.16 29.18
C CYS C 6 14.20 -41.28 30.72
N ALA C 7 14.81 -40.37 31.47
CA ALA C 7 14.87 -40.40 32.93
C ALA C 7 13.53 -40.03 33.61
N GLU C 8 13.30 -40.48 34.85
CA GLU C 8 12.04 -40.23 35.58
C GLU C 8 11.67 -38.74 35.74
N LYS C 9 12.68 -37.86 35.75
CA LYS C 9 12.51 -36.40 35.80
C LYS C 9 11.91 -35.78 34.53
N GLU C 10 11.93 -36.51 33.42
CA GLU C 10 11.51 -36.06 32.09
C GLU C 10 10.44 -36.97 31.44
N LYS C 11 10.07 -38.10 32.05
CA LYS C 11 9.05 -39.03 31.54
C LYS C 11 7.66 -38.41 31.36
N THR C 12 7.40 -37.27 31.99
CA THR C 12 6.18 -36.47 31.82
C THR C 12 6.08 -35.76 30.47
N PHE C 13 7.13 -35.77 29.65
CA PHE C 13 7.17 -35.18 28.31
C PHE C 13 6.05 -35.70 27.39
N CYS C 14 5.86 -37.02 27.34
CA CYS C 14 4.78 -37.65 26.59
C CYS C 14 3.47 -37.63 27.39
N VAL C 15 2.37 -37.25 26.74
CA VAL C 15 1.02 -37.17 27.32
C VAL C 15 0.12 -38.25 26.68
N ASN C 16 -1.10 -38.46 27.19
CA ASN C 16 -2.08 -39.41 26.62
C ASN C 16 -1.60 -40.87 26.52
N GLY C 17 -0.75 -41.34 27.43
CA GLY C 17 -0.27 -42.72 27.44
C GLY C 17 0.92 -43.01 26.54
N GLY C 18 1.52 -42.00 25.89
CA GLY C 18 2.70 -42.21 25.06
C GLY C 18 3.94 -42.54 25.89
N GLU C 19 4.87 -43.32 25.32
CA GLU C 19 6.14 -43.68 25.98
C GLU C 19 7.28 -42.76 25.54
N CYS C 20 8.13 -42.33 26.48
CA CYS C 20 9.21 -41.37 26.26
C CYS C 20 10.59 -42.01 26.01
N PHE C 21 11.20 -41.70 24.86
CA PHE C 21 12.52 -42.19 24.47
C PHE C 21 13.44 -41.04 24.04
N MET C 22 14.74 -41.26 24.21
CA MET C 22 15.81 -40.34 23.87
C MET C 22 16.77 -40.98 22.88
N VAL C 23 17.30 -40.21 21.93
CA VAL C 23 18.31 -40.69 20.96
C VAL C 23 19.66 -40.86 21.65
N LYS C 24 20.41 -41.91 21.27
CA LYS C 24 21.68 -42.33 21.91
C LYS C 24 22.77 -41.27 22.04
N ASP C 25 22.79 -40.22 21.22
CA ASP C 25 23.82 -39.17 21.21
C ASP C 25 23.26 -37.79 20.83
N LEU C 26 24.11 -36.76 20.88
CA LEU C 26 23.74 -35.37 20.59
C LEU C 26 23.09 -35.20 19.20
N PRO C 29 23.40 -30.96 20.86
CA PRO C 29 22.35 -31.23 21.82
C PRO C 29 21.65 -32.56 21.56
N SER C 30 21.02 -33.12 22.60
CA SER C 30 20.17 -34.32 22.51
C SER C 30 18.76 -33.99 21.99
N ARG C 31 18.04 -35.02 21.52
CA ARG C 31 16.65 -34.93 21.04
C ARG C 31 15.83 -36.15 21.46
N TYR C 32 14.52 -35.98 21.55
CA TYR C 32 13.58 -36.97 22.11
C TYR C 32 12.40 -37.24 21.19
N LEU C 33 11.79 -38.42 21.35
CA LEU C 33 10.58 -38.82 20.64
C LEU C 33 9.63 -39.60 21.55
N CYS C 34 8.35 -39.60 21.19
CA CYS C 34 7.32 -40.38 21.86
C CYS C 34 6.82 -41.50 20.96
N LYS C 35 6.47 -42.66 21.54
CA LYS C 35 5.70 -43.70 20.83
C LYS C 35 4.24 -43.64 21.28
N CYS C 36 3.34 -43.28 20.39
CA CYS C 36 1.94 -43.03 20.73
C CYS C 36 1.06 -44.28 20.67
N PRO C 37 0.01 -44.40 21.49
CA PRO C 37 -1.05 -45.38 21.28
C PRO C 37 -1.76 -45.11 19.96
N ASN C 38 -2.41 -46.10 19.37
CA ASN C 38 -3.04 -45.99 18.05
C ASN C 38 -4.18 -44.95 17.93
N GLU C 39 -4.63 -44.35 19.04
CA GLU C 39 -5.64 -43.30 19.11
C GLU C 39 -5.06 -41.87 19.08
N PHE C 40 -3.75 -41.68 19.24
CA PHE C 40 -3.12 -40.35 19.40
C PHE C 40 -1.96 -40.12 18.44
N THR C 41 -1.74 -38.87 18.07
CA THR C 41 -0.65 -38.43 17.18
C THR C 41 -0.10 -37.06 17.61
N GLY C 42 0.77 -36.46 16.81
CA GLY C 42 1.53 -35.27 17.18
C GLY C 42 2.88 -35.63 17.78
N ASP C 43 3.79 -34.67 17.83
CA ASP C 43 5.19 -34.87 18.23
C ASP C 43 5.41 -35.34 19.68
N ARG C 44 4.44 -35.17 20.58
CA ARG C 44 4.41 -35.80 21.91
C ARG C 44 3.04 -36.33 22.32
N CYS C 45 2.29 -36.83 21.35
CA CYS C 45 0.97 -37.44 21.51
C CYS C 45 -0.12 -36.47 22.00
N GLN C 46 -0.10 -35.23 21.54
CA GLN C 46 -1.00 -34.16 22.00
C GLN C 46 -2.48 -34.39 21.66
N ASN C 47 -2.83 -34.97 20.52
CA ASN C 47 -4.21 -34.96 19.99
C ASN C 47 -4.61 -36.28 19.32
N TYR C 48 -5.90 -36.43 18.96
CA TYR C 48 -6.45 -37.69 18.47
C TYR C 48 -6.12 -37.98 17.02
N VAL C 49 -5.97 -39.27 16.68
CA VAL C 49 -5.99 -39.76 15.30
C VAL C 49 -7.43 -39.81 14.80
N MET C 50 -7.69 -39.31 13.60
CA MET C 50 -9.01 -39.29 12.98
C MET C 50 -9.12 -40.31 11.84
N ALA C 51 -10.13 -41.17 11.85
CA ALA C 51 -10.37 -42.17 10.81
C ALA C 51 -11.13 -41.64 9.58
N SER C 52 -11.66 -40.42 9.61
CA SER C 52 -12.47 -39.80 8.55
C SER C 52 -13.60 -40.70 8.03
C1 NAG D . 12.47 -36.46 -13.35
C2 NAG D . 11.66 -35.20 -13.73
C3 NAG D . 11.29 -35.11 -15.22
C4 NAG D . 12.35 -35.65 -16.18
C5 NAG D . 12.93 -36.94 -15.62
C6 NAG D . 14.04 -37.53 -16.45
C7 NAG D . 9.78 -33.99 -12.67
C8 NAG D . 8.41 -34.16 -12.10
N2 NAG D . 10.50 -35.10 -12.85
O3 NAG D . 11.12 -33.72 -15.45
O4 NAG D . 11.89 -35.89 -17.52
O5 NAG D . 13.49 -36.65 -14.32
O6 NAG D . 14.56 -38.71 -15.86
O7 NAG D . 10.22 -32.88 -12.97
H1 NAG D . 11.82 -37.33 -13.31
H2 NAG D . 12.29 -34.34 -13.51
H3 NAG D . 10.34 -35.64 -15.39
H4 NAG D . 13.16 -34.92 -16.23
H5 NAG D . 12.13 -37.67 -15.51
H61 NAG D . 13.65 -37.77 -17.44
H62 NAG D . 14.84 -36.79 -16.55
H81 NAG D . 7.92 -33.19 -12.04
H82 NAG D . 8.49 -34.59 -11.11
H83 NAG D . 7.83 -34.82 -12.75
HN2 NAG D . 10.23 -35.92 -12.34
HO3 NAG D . 11.30 -33.24 -14.64
HO6 NAG D . 15.27 -39.06 -16.41
C1 NAG D . 10.51 -36.04 -18.01
C2 NAG D . 10.18 -34.86 -18.92
C3 NAG D . 8.83 -35.04 -19.60
C4 NAG D . 8.78 -36.37 -20.35
C5 NAG D . 9.10 -37.47 -19.34
C6 NAG D . 9.15 -38.85 -19.98
C7 NAG D . 10.34 -32.39 -18.69
C8 NAG D . 10.27 -31.28 -17.69
N2 NAG D . 10.27 -33.62 -18.17
O3 NAG D . 8.56 -33.96 -20.48
O4 NAG D . 7.50 -36.63 -20.94
O5 NAG D . 10.40 -37.24 -18.76
O6 NAG D . 9.46 -39.84 -19.00
O7 NAG D . 10.48 -32.20 -19.89
H1 NAG D . 9.81 -36.06 -17.17
H2 NAG D . 10.94 -34.82 -19.70
H3 NAG D . 8.06 -35.05 -18.83
H4 NAG D . 9.54 -36.37 -21.13
H5 NAG D . 8.35 -37.47 -18.56
H61 NAG D . 8.18 -39.07 -20.42
H62 NAG D . 9.91 -38.86 -20.75
H81 NAG D . 10.34 -30.32 -18.21
H82 NAG D . 9.32 -31.32 -17.15
H83 NAG D . 11.10 -31.36 -16.99
HN2 NAG D . 10.28 -33.70 -17.16
HO3 NAG D . 9.39 -33.55 -20.74
HO6 NAG D . 9.48 -40.71 -19.42
C1 BMA D . 6.68 -35.77 -21.72
C2 BMA D . 7.48 -35.75 -22.97
C3 BMA D . 6.73 -35.25 -24.14
C4 BMA D . 5.33 -35.79 -24.24
C5 BMA D . 4.62 -35.67 -22.92
C6 BMA D . 3.24 -36.27 -22.90
O2 BMA D . 7.96 -37.06 -23.25
O3 BMA D . 7.55 -35.73 -25.19
O4 BMA D . 4.61 -35.06 -25.23
O5 BMA D . 5.39 -36.36 -21.93
O6 BMA D . 3.31 -37.70 -23.04
H1 BMA D . 6.60 -34.77 -21.27
H2 BMA D . 8.35 -35.10 -22.81
H3 BMA D . 6.73 -34.16 -24.14
H4 BMA D . 5.37 -36.85 -24.53
H5 BMA D . 4.55 -34.61 -22.64
H61 BMA D . 2.66 -35.87 -23.72
H62 BMA D . 2.75 -36.04 -21.95
HO2 BMA D . 8.78 -37.01 -23.74
HO4 BMA D . 5.12 -34.30 -25.50
HO6 BMA D . 2.42 -38.06 -23.04
C1 MAN D . 7.65 -34.96 -26.36
C2 MAN D . 9.07 -35.23 -26.91
C3 MAN D . 10.12 -34.38 -26.20
C4 MAN D . 9.76 -32.87 -26.22
C5 MAN D . 8.34 -32.65 -25.65
C6 MAN D . 7.86 -31.20 -25.77
O2 MAN D . 9.13 -34.96 -28.33
O3 MAN D . 11.40 -34.56 -26.86
O4 MAN D . 10.73 -32.18 -25.42
O5 MAN D . 7.37 -33.51 -26.35
O6 MAN D . 8.73 -30.32 -25.02
H1 MAN D . 6.96 -35.40 -27.08
H2 MAN D . 9.32 -36.29 -26.76
H3 MAN D . 10.20 -34.69 -25.17
H4 MAN D . 9.79 -32.50 -27.25
H5 MAN D . 8.36 -32.93 -24.59
H61 MAN D . 7.87 -30.91 -26.82
H62 MAN D . 6.84 -31.12 -25.39
HO2 MAN D . 8.47 -35.49 -28.79
HO3 MAN D . 11.65 -35.49 -26.80
HO4 MAN D . 10.35 -31.36 -25.08
HO6 MAN D . 8.78 -29.47 -25.47
C1 NAG E . -12.86 -5.68 30.76
C2 NAG E . -12.57 -6.23 32.16
C3 NAG E . -13.00 -5.20 33.20
C4 NAG E . -12.16 -3.94 33.04
C5 NAG E . -12.38 -3.45 31.62
C6 NAG E . -11.48 -2.29 31.25
C7 NAG E . -14.48 -7.74 31.98
C8 NAG E . -14.66 -8.79 30.93
N2 NAG E . -13.22 -7.50 32.36
O3 NAG E . -12.88 -5.74 34.50
O4 NAG E . -12.41 -2.88 33.99
O5 NAG E . -12.05 -4.51 30.70
O6 NAG E . -11.87 -1.72 30.01
O7 NAG E . -15.43 -7.12 32.45
H1 NAG E . -13.92 -5.45 30.62
H2 NAG E . -11.50 -6.38 32.25
H3 NAG E . -14.04 -4.94 33.03
H4 NAG E . -11.11 -4.22 33.14
H5 NAG E . -13.42 -3.16 31.49
H61 NAG E . -11.53 -1.54 32.03
H62 NAG E . -10.45 -2.66 31.17
H81 NAG E . -15.69 -8.80 30.60
H82 NAG E . -14.02 -8.56 30.07
H83 NAG E . -14.38 -9.76 31.33
HN2 NAG E . -12.70 -8.24 32.81
HO3 NAG E . -13.59 -5.39 35.06
HO6 NAG E . -12.50 -1.01 30.17
C1 NAG E . -13.62 -2.25 34.53
C2 NAG E . -14.49 -1.46 33.53
C3 NAG E . -15.89 -1.14 34.05
C4 NAG E . -16.53 -2.30 34.79
C5 NAG E . -15.58 -2.66 35.92
C6 NAG E . -16.09 -3.77 36.82
C7 NAG E . -13.49 0.20 32.02
C8 NAG E . -12.31 1.12 31.98
N2 NAG E . -13.90 -0.18 33.22
O3 NAG E . -16.72 -0.73 32.96
O4 NAG E . -17.84 -1.98 35.27
O5 NAG E . -14.37 -3.16 35.32
O6 NAG E . -16.30 -4.97 36.07
O7 NAG E . -14.09 -0.14 31.00
H1 NAG E . -13.26 -1.50 35.23
H2 NAG E . -14.58 -2.04 32.62
H3 NAG E . -15.82 -0.30 34.74
H4 NAG E . -16.61 -3.15 34.10
H5 NAG E . -15.37 -1.79 36.52
H61 NAG E . -15.36 -3.97 37.60
H62 NAG E . -17.03 -3.47 37.27
H81 NAG E . -12.06 1.36 30.95
H82 NAG E . -11.46 0.61 32.45
H83 NAG E . -12.53 2.03 32.53
HN2 NAG E . -13.79 0.47 33.98
HO3 NAG E . -16.34 0.03 32.54
HO6 NAG E . -16.63 -5.66 36.65
C1 BMA E . -18.04 -0.86 36.20
C2 BMA E . -19.52 -0.63 36.55
C3 BMA E . -19.67 0.54 37.54
C4 BMA E . -18.73 0.43 38.76
C5 BMA E . -17.29 0.02 38.38
C6 BMA E . -16.43 -0.41 39.58
O2 BMA E . -20.09 -1.82 37.16
O3 BMA E . -21.12 0.57 37.90
O4 BMA E . -18.64 1.74 39.38
O5 BMA E . -17.30 -1.11 37.44
O6 BMA E . -15.94 0.74 40.35
H1 BMA E . -17.64 0.05 35.74
H2 BMA E . -20.07 -0.40 35.64
H3 BMA E . -19.44 1.46 37.01
H4 BMA E . -19.14 -0.28 39.46
H5 BMA E . -16.80 0.87 37.90
H61 BMA E . -17.02 -1.04 40.23
H62 BMA E . -15.58 -0.98 39.22
HO2 BMA E . -19.99 -2.56 36.56
HO4 BMA E . -19.26 2.33 38.95
C1 MAN E . -21.60 1.38 39.02
C2 MAN E . -23.14 1.29 39.07
C3 MAN E . -23.78 2.03 37.88
C4 MAN E . -23.28 3.48 37.75
C5 MAN E . -21.73 3.54 37.72
C6 MAN E . -21.18 4.97 37.80
O2 MAN E . -23.63 1.87 40.30
O3 MAN E . -25.22 2.02 38.04
O4 MAN E . -23.81 4.01 36.51
O5 MAN E . -21.17 2.78 38.85
O6 MAN E . -21.60 5.73 36.64
H1 MAN E . -21.19 0.99 39.94
H2 MAN E . -23.44 0.25 39.03
H3 MAN E . -23.53 1.49 36.97
H4 MAN E . -23.65 4.07 38.59
H5 MAN E . -21.39 3.09 36.78
H61 MAN E . -21.57 5.46 38.70
H62 MAN E . -20.10 4.94 37.84
HO2 MAN E . -23.23 1.42 41.05
HO3 MAN E . -25.53 1.12 38.07
HO4 MAN E . -23.26 4.74 36.22
HO6 MAN E . -21.73 6.64 36.88
C1 MAN E . -14.59 1.20 39.99
C2 MAN E . -14.02 2.00 41.18
C3 MAN E . -14.68 3.38 41.30
C4 MAN E . -14.62 4.16 39.98
C5 MAN E . -15.23 3.35 38.83
C6 MAN E . -15.05 4.00 37.45
O2 MAN E . -12.58 2.20 40.99
O3 MAN E . -14.01 4.13 42.34
O4 MAN E . -15.37 5.40 40.17
O5 MAN E . -14.61 2.01 38.76
O6 MAN E . -15.70 5.30 37.42
H1 MAN E . -13.96 0.32 39.83
H2 MAN E . -14.18 1.44 42.09
H3 MAN E . -15.73 3.23 41.58
H4 MAN E . -13.58 4.40 39.74
H5 MAN E . -16.30 3.23 39.01
H61 MAN E . -13.99 4.13 37.25
H62 MAN E . -15.49 3.37 36.68
HO2 MAN E . -12.16 1.34 40.91
HO3 MAN E . -13.08 4.24 42.12
HO4 MAN E . -15.66 5.73 39.32
HO6 MAN E . -15.19 5.90 36.88
C1 NAG F . -33.47 -27.96 5.36
C2 NAG F . -34.92 -28.23 4.98
C3 NAG F . -35.08 -28.10 3.46
C4 NAG F . -34.64 -26.72 2.97
C5 NAG F . -33.26 -26.41 3.54
C6 NAG F . -32.84 -24.98 3.30
C7 NAG F . -36.12 -29.71 6.50
C8 NAG F . -36.98 -30.94 6.47
N2 NAG F . -35.32 -29.53 5.45
O3 NAG F . -36.44 -28.35 3.13
O4 NAG F . -34.58 -26.66 1.54
O5 NAG F . -33.26 -26.61 4.97
O6 NAG F . -31.54 -24.72 3.81
O7 NAG F . -36.14 -28.92 7.44
H1 NAG F . -32.77 -28.65 4.87
H2 NAG F . -35.55 -27.48 5.45
H3 NAG F . -34.46 -28.86 2.97
H4 NAG F . -35.35 -25.97 3.33
H5 NAG F . -32.53 -27.08 3.08
H61 NAG F . -32.83 -24.80 2.22
H62 NAG F . -33.56 -24.31 3.77
H81 NAG F . -37.58 -30.97 7.38
H82 NAG F . -36.35 -31.82 6.43
H83 NAG F . -37.63 -30.91 5.60
HN2 NAG F . -34.98 -30.35 4.96
HO3 NAG F . -36.62 -28.03 2.24
HO6 NAG F . -31.05 -24.18 3.19
C1 NAG F . -35.75 -25.98 0.93
C2 NAG F . -35.39 -25.14 -0.30
C3 NAG F . -36.59 -24.34 -0.76
C4 NAG F . -37.79 -25.26 -1.05
C5 NAG F . -38.00 -26.13 0.19
C6 NAG F . -39.09 -27.16 0.03
C7 NAG F . -33.02 -24.46 -0.51
C8 NAG F . -32.01 -23.45 -0.07
N2 NAG F . -34.25 -24.29 0.00
O3 NAG F . -36.27 -23.56 -1.90
O4 NAG F . -38.95 -24.48 -1.34
O5 NAG F . -36.79 -26.84 0.47
O6 NAG F . -39.20 -27.97 1.20
O7 NAG F . -32.75 -25.38 -1.26
H1 NAG F . -36.17 -25.31 1.67
H2 NAG F . -35.10 -25.83 -1.10
H3 NAG F . -36.88 -23.66 0.04
H4 NAG F . -37.55 -25.90 -1.90
H5 NAG F . -38.25 -25.49 1.04
H61 NAG F . -40.04 -26.67 -0.14
H62 NAG F . -38.85 -27.81 -0.83
H81 NAG F . -31.05 -23.68 -0.54
H82 NAG F . -32.33 -22.46 -0.38
H83 NAG F . -31.90 -23.48 1.01
HN2 NAG F . -34.40 -23.52 0.63
HO3 NAG F . -36.55 -24.01 -2.69
HO6 NAG F . -39.88 -28.63 1.08
C1 BMA F . -39.83 -24.79 -2.48
C2 BMA F . -39.24 -24.39 -3.86
C3 BMA F . -40.26 -24.67 -4.95
C4 BMA F . -40.74 -26.14 -4.91
C5 BMA F . -41.26 -26.52 -3.51
C6 BMA F . -41.61 -28.01 -3.41
O2 BMA F . -38.04 -25.15 -4.15
O3 BMA F . -39.67 -24.39 -6.24
O4 BMA F . -41.83 -26.28 -5.87
O5 BMA F . -40.22 -26.21 -2.49
O6 BMA F . -42.20 -28.27 -2.13
H1 BMA F . -40.73 -24.21 -2.35
H2 BMA F . -38.99 -23.33 -3.86
H3 BMA F . -41.12 -24.01 -4.81
H4 BMA F . -39.92 -26.80 -5.19
H5 BMA F . -42.16 -25.94 -3.30
H61 BMA F . -42.31 -28.28 -4.20
H62 BMA F . -40.70 -28.61 -3.51
HO2 BMA F . -38.20 -26.08 -3.99
HO3 BMA F . -40.30 -24.56 -6.93
HO4 BMA F . -42.14 -27.19 -5.87
HO6 BMA F . -42.43 -29.20 -2.06
C1 NAG G . -46.07 2.78 12.59
C2 NAG G . -44.54 2.90 12.50
C3 NAG G . -44.08 2.82 11.04
C4 NAG G . -44.56 1.51 10.43
C5 NAG G . -46.06 1.44 10.62
C6 NAG G . -46.68 0.15 10.12
C7 NAG G . -44.22 5.34 12.72
C8 NAG G . -43.38 6.38 13.40
N2 NAG G . -44.04 4.08 13.16
O3 NAG G . -42.67 2.95 10.99
O4 NAG G . -44.24 1.34 9.03
O5 NAG G . -46.35 1.50 12.04
O6 NAG G . -48.09 0.14 10.36
O7 NAG G . -45.01 5.62 11.83
H1 NAG G . -46.55 3.57 12.02
H2 NAG G . -44.11 2.04 13.02
H3 NAG G . -44.53 3.64 10.49
H4 NAG G . -44.10 0.69 10.98
H5 NAG G . -46.53 2.29 10.13
H61 NAG G . -46.22 -0.69 10.62
H62 NAG G . -46.50 0.07 9.04
H81 NAG G . -43.60 7.36 12.97
H82 NAG G . -42.32 6.15 13.25
H83 NAG G . -43.60 6.39 14.47
HN2 NAG G . -43.52 3.96 14.01
HO3 NAG G . -42.42 3.26 10.12
HO6 NAG G . -48.26 -0.25 11.21
C1 NAG G . -43.88 2.31 8.00
C2 NAG G . -44.88 3.48 7.87
C3 NAG G . -44.42 4.42 6.74
C4 NAG G . -43.01 4.91 7.04
C5 NAG G . -42.10 3.68 7.07
C6 NAG G . -40.67 4.01 7.41
C7 NAG G . -47.35 3.57 7.84
C8 NAG G . -48.59 2.77 7.56
N2 NAG G . -46.19 2.90 7.69
O3 NAG G . -45.29 5.54 6.58
O4 NAG G . -42.57 5.88 6.09
O5 NAG G . -42.55 2.78 8.11
O6 NAG G . -39.86 2.85 7.40
O7 NAG G . -47.39 4.74 8.18
H1 NAG G . -43.93 1.78 7.05
H2 NAG G . -44.87 4.03 8.80
H3 NAG G . -44.41 3.86 5.82
H4 NAG G . -43.01 5.36 8.03
H5 NAG G . -42.14 3.17 6.12
H61 NAG G . -40.62 4.47 8.41
H62 NAG G . -40.28 4.73 6.67
H81 NAG G . -49.47 3.41 7.70
H82 NAG G . -48.57 2.40 6.53
H83 NAG G . -48.64 1.93 8.25
HN2 NAG G . -46.25 1.93 7.45
HO3 NAG G . -45.80 5.67 7.38
HO6 NAG G . -38.95 3.08 7.62
C1 BMA G . -42.38 5.44 4.69
C2 BMA G . -42.47 6.60 3.74
C3 BMA G . -42.44 6.09 2.31
C4 BMA G . -41.22 5.21 2.05
C5 BMA G . -41.04 4.17 3.15
C6 BMA G . -39.70 3.47 3.12
O2 BMA G . -41.41 7.52 4.00
O3 BMA G . -42.44 7.21 1.42
O4 BMA G . -41.40 4.55 0.80
O5 BMA G . -41.13 4.81 4.43
O6 BMA G . -39.39 2.91 1.83
H1 BMA G . -43.17 4.74 4.44
H2 BMA G . -43.41 7.12 3.91
H3 BMA G . -43.34 5.51 2.14
H4 BMA G . -40.33 5.84 2.00
H5 BMA G . -41.84 3.43 3.08
H61 BMA G . -38.92 4.19 3.36
H62 BMA G . -39.70 2.68 3.86
HO2 BMA G . -41.48 8.26 3.39
HO3 BMA G . -41.66 7.74 1.59
HO4 BMA G . -41.12 3.64 0.88
C1 MAN G . -38.46 1.77 1.82
C2 MAN G . -38.12 1.43 0.35
C3 MAN G . -39.32 0.79 -0.36
C4 MAN G . -39.89 -0.40 0.42
C5 MAN G . -40.23 0.00 1.88
C6 MAN G . -40.66 -1.19 2.75
O2 MAN G . -37.01 0.50 0.31
O3 MAN G . -38.92 0.36 -1.68
O4 MAN G . -41.10 -0.84 -0.26
O5 MAN G . -39.03 0.61 2.52
O6 MAN G . -40.95 -0.73 4.09
H1 MAN G . -37.54 2.07 2.33
H2 MAN G . -37.84 2.34 -0.17
H3 MAN G . -40.11 1.54 -0.45
H4 MAN G . -39.16 -1.22 0.43
H5 MAN G . -41.03 0.73 1.86
H61 MAN G . -39.86 -1.93 2.79
H62 MAN G . -41.55 -1.64 2.33
HO2 MAN G . -36.25 0.89 0.75
HO3 MAN G . -38.61 1.13 -2.18
HO4 MAN G . -41.48 -1.59 0.21
HO6 MAN G . -41.21 -1.47 4.63
C1 NAG H . -40.02 -4.78 12.25
C2 NAG H . -38.68 -4.26 12.78
C3 NAG H . -37.85 -3.65 11.65
C4 NAG H . -37.69 -4.60 10.47
C5 NAG H . -39.06 -5.18 10.11
C6 NAG H . -38.98 -6.28 9.08
C7 NAG H . -38.56 -3.39 15.09
C8 NAG H . -39.09 -2.34 16.01
N2 NAG H . -38.87 -3.25 13.80
O3 NAG H . -36.57 -3.30 12.17
O4 NAG H . -37.19 -3.89 9.34
O5 NAG H . -39.65 -5.75 11.29
O6 NAG H . -40.27 -6.80 8.78
O7 NAG H . -37.89 -4.34 15.49
H1 NAG H . -40.59 -3.97 11.79
H2 NAG H . -38.14 -5.09 13.22
H3 NAG H . -38.35 -2.74 11.31
H4 NAG H . -37.02 -5.41 10.72
H5 NAG H . -39.70 -4.38 9.73
H61 NAG H . -38.54 -5.88 8.16
H62 NAG H . -38.35 -7.08 9.46
H81 NAG H . -38.79 -2.56 17.03
H82 NAG H . -38.69 -1.37 15.71
H83 NAG H . -40.18 -2.32 15.96
HN2 NAG H . -39.26 -2.36 13.52
HO3 NAG H . -35.90 -3.88 11.80
HO6 NAG H . -40.19 -7.49 8.13
C1 NAG H . -35.88 -4.34 8.91
C2 NAG H . -35.45 -3.60 7.63
C3 NAG H . -34.03 -4.04 7.24
C4 NAG H . -33.03 -3.94 8.40
C5 NAG H . -33.55 -4.57 9.70
C6 NAG H . -32.67 -4.28 10.91
C7 NAG H . -37.08 -2.92 5.92
C8 NAG H . -38.02 -3.38 4.82
N2 NAG H . -36.39 -3.87 6.53
O3 NAG H . -33.53 -3.28 6.11
O4 NAG H . -31.90 -4.71 7.92
O5 NAG H . -34.90 -4.04 9.96
O6 NAG H . -33.23 -4.92 12.06
O7 NAG H . -36.96 -1.73 6.22
H1 NAG H . -35.90 -5.42 8.72
H2 NAG H . -35.44 -2.53 7.83
H3 NAG H . -34.08 -5.09 6.94
H4 NAG H . -32.75 -2.90 8.57
H5 NAG H . -33.62 -5.64 9.56
H61 NAG H . -31.66 -4.67 10.73
H62 NAG H . -32.62 -3.21 11.07
H81 NAG H . -38.53 -2.51 4.39
H82 NAG H . -37.44 -3.89 4.05
H83 NAG H . -38.75 -4.06 5.24
HN2 NAG H . -36.51 -4.82 6.24
HO3 NAG H . -34.14 -3.34 5.39
HO6 NAG H . -32.68 -4.75 12.83
C1 BMA H . -30.54 -4.19 8.05
C2 BMA H . -29.69 -5.11 7.15
C3 BMA H . -28.23 -4.63 7.14
C4 BMA H . -28.11 -3.14 6.74
C5 BMA H . -29.04 -2.25 7.59
C6 BMA H . -29.13 -0.81 7.08
O2 BMA H . -30.19 -5.08 5.77
O3 BMA H . -27.47 -5.45 6.23
O4 BMA H . -26.73 -2.75 6.97
O5 BMA H . -30.41 -2.80 7.58
O6 BMA H . -27.82 -0.18 7.16
H1 BMA H . -30.20 -4.26 9.08
H2 BMA H . -29.73 -6.13 7.52
H3 BMA H . -27.83 -4.76 8.15
H4 BMA H . -28.36 -3.03 5.69
H5 BMA H . -28.68 -2.24 8.62
H61 BMA H . -29.47 -0.81 6.04
H62 BMA H . -29.83 -0.24 7.69
HO2 BMA H . -31.10 -5.38 5.76
HO3 BMA H . -27.51 -6.37 6.51
HO4 BMA H . -26.69 -1.78 7.05
HO6 BMA H . -27.72 0.42 6.41
C1 NAG I . 1.56 -22.97 -13.19
C2 NAG I . 2.35 -24.28 -13.05
C3 NAG I . 1.84 -25.36 -13.99
C4 NAG I . 0.34 -25.55 -13.82
C5 NAG I . -0.35 -24.20 -13.94
C6 NAG I . -1.84 -24.27 -13.68
C7 NAG I . 4.72 -24.09 -12.34
C8 NAG I . 6.13 -24.09 -12.85
N2 NAG I . 3.76 -24.06 -13.28
O3 NAG I . 2.53 -26.57 -13.75
O4 NAG I . -0.16 -26.45 -14.81
O5 NAG I . 0.20 -23.30 -12.96
O6 NAG I . -2.44 -22.99 -13.80
O7 NAG I . 4.45 -24.12 -11.15
H1 NAG I . 1.72 -22.49 -14.16
H2 NAG I . 2.24 -24.63 -12.02
H3 NAG I . 2.02 -25.04 -15.02
H4 NAG I . 0.15 -25.97 -12.83
H5 NAG I . -0.18 -23.80 -14.94
H61 NAG I . -2.30 -24.95 -14.40
H62 NAG I . -2.01 -24.66 -12.68
H81 NAG I . 6.81 -24.13 -11.99
H82 NAG I . 6.29 -24.97 -13.47
H83 NAG I . 6.31 -23.20 -13.43
HN2 NAG I . 4.06 -23.87 -14.24
HO3 NAG I . 1.94 -27.22 -13.38
HO6 NAG I . -3.38 -23.06 -13.63
C1 NAG I . -0.91 -27.56 -14.29
C2 NAG I . -1.82 -28.17 -15.36
C3 NAG I . -2.58 -29.35 -14.80
C4 NAG I . -1.66 -30.33 -14.09
C5 NAG I . -0.76 -29.59 -13.10
C6 NAG I . 0.29 -30.46 -12.43
C7 NAG I . -2.63 -26.64 -17.11
C8 NAG I . -3.62 -25.57 -17.43
N2 NAG I . -2.71 -27.17 -15.89
O3 NAG I . -3.30 -30.00 -15.84
O4 NAG I . -2.43 -31.29 -13.38
O5 NAG I . -0.04 -28.57 -13.80
O6 NAG I . -0.32 -31.47 -11.63
O7 NAG I . -1.79 -27.01 -17.93
H1 NAG I . -1.54 -27.21 -13.47
H2 NAG I . -1.18 -28.52 -16.17
H3 NAG I . -3.31 -28.98 -14.07
H4 NAG I . -1.03 -30.83 -14.83
H5 NAG I . -1.38 -29.12 -12.33
H61 NAG I . 0.89 -30.94 -13.21
H62 NAG I . 0.92 -29.84 -11.81
H81 NAG I . -3.45 -25.20 -18.44
H82 NAG I . -4.64 -25.96 -17.33
H83 NAG I . -3.49 -24.74 -16.73
HN2 NAG I . -3.47 -26.85 -15.29
HO3 NAG I . -2.94 -30.88 -15.97
HO6 NAG I . 0.32 -32.16 -11.45
C1 BMA I . -2.11 -32.63 -13.82
C2 BMA I . -2.50 -33.64 -12.75
C3 BMA I . -2.17 -35.05 -13.19
C4 BMA I . -2.79 -35.34 -14.55
C5 BMA I . -2.42 -34.24 -15.56
C6 BMA I . -3.14 -34.38 -16.88
O2 BMA I . -3.88 -33.50 -12.44
O3 BMA I . -2.65 -35.98 -12.23
O4 BMA I . -2.33 -36.60 -15.02
O5 BMA I . -2.79 -32.96 -15.03
O6 BMA I . -2.69 -35.51 -17.62
H1 BMA I . -1.03 -32.70 -13.98
H2 BMA I . -1.92 -33.42 -11.85
H3 BMA I . -1.09 -35.15 -13.28
H4 BMA I . -3.87 -35.37 -14.45
H5 BMA I . -1.35 -34.27 -15.74
H61 BMA I . -2.98 -33.47 -17.46
H62 BMA I . -4.21 -34.49 -16.69
HO2 BMA I . -4.12 -34.14 -11.76
HO3 BMA I . -2.09 -35.95 -11.45
HO4 BMA I . -2.30 -36.60 -15.98
HO6 BMA I . -3.39 -35.82 -18.19
C1 NAG J . 21.64 17.73 -52.44
C2 NAG J . 20.17 17.62 -52.03
C3 NAG J . 19.35 16.94 -53.13
C4 NAG J . 19.54 17.61 -54.47
C5 NAG J . 21.03 17.85 -54.74
C6 NAG J . 21.27 18.70 -55.95
C7 NAG J . 19.71 17.46 -49.60
C8 NAG J . 19.63 16.53 -48.44
N2 NAG J . 20.05 16.90 -50.78
O3 NAG J . 17.99 16.94 -52.74
O4 NAG J . 19.02 16.79 -55.52
O5 NAG J . 21.61 18.53 -53.61
O6 NAG J . 22.67 18.89 -56.17
O7 NAG J . 19.48 18.66 -49.50
H1 NAG J . 22.08 16.74 -52.64
H2 NAG J . 19.79 18.63 -51.89
H3 NAG J . 19.69 15.90 -53.21
H4 NAG J . 19.02 18.57 -54.47
H5 NAG J . 21.52 16.89 -54.87
H61 NAG J . 20.84 18.21 -56.83
H62 NAG J . 20.80 19.67 -55.81
H81 NAG J . 19.34 17.09 -47.55
H82 NAG J . 20.60 16.06 -48.29
H83 NAG J . 18.89 15.76 -48.64
HN2 NAG J . 20.23 15.92 -50.79
HO3 NAG J . 17.45 17.27 -53.47
HO6 NAG J . 22.81 19.44 -56.94
C1 NAG J . 17.94 17.33 -56.32
C2 NAG J . 18.00 16.66 -57.68
C3 NAG J . 16.85 17.13 -58.57
C4 NAG J . 15.52 16.98 -57.84
C5 NAG J . 15.59 17.66 -56.47
C6 NAG J . 14.34 17.47 -55.64
C7 NAG J . 20.25 16.01 -58.45
C8 NAG J . 21.52 16.52 -59.05
N2 NAG J . 19.29 16.92 -58.30
O3 NAG J . 16.84 16.41 -59.78
O4 NAG J . 14.49 17.58 -58.63
O5 NAG J . 16.67 17.10 -55.72
O6 NAG J . 13.19 18.04 -56.26
O7 NAG J . 20.11 14.84 -58.14
H1 NAG J . 18.08 18.41 -56.43
H2 NAG J . 17.91 15.59 -57.54
H3 NAG J . 17.00 18.19 -58.79
H4 NAG J . 15.31 15.92 -57.71
H5 NAG J . 15.77 18.73 -56.62
H61 NAG J . 14.49 17.96 -54.68
H62 NAG J . 14.17 16.41 -55.49
H81 NAG J . 22.24 15.70 -59.14
H82 NAG J . 21.33 16.93 -60.05
H83 NAG J . 21.95 17.30 -58.41
HN2 NAG J . 19.47 17.86 -58.63
HO3 NAG J . 17.67 16.54 -60.25
HO4 NAG J . 13.78 17.88 -58.06
HO6 NAG J . 12.41 17.52 -56.04
C1 NAG K . 23.38 4.75 -11.62
C2 NAG K . 24.43 5.11 -12.68
C3 NAG K . 25.74 5.57 -12.03
C4 NAG K . 25.53 6.65 -10.99
C5 NAG K . 24.40 6.23 -10.06
C6 NAG K . 23.99 7.30 -9.07
C7 NAG K . 24.28 3.84 -14.79
C8 NAG K . 24.59 2.53 -15.45
N2 NAG K . 24.67 3.95 -13.52
O3 NAG K . 26.60 6.03 -13.07
O4 NAG K . 26.72 6.84 -10.21
O5 NAG K . 23.23 5.93 -10.85
O6 NAG K . 22.95 6.85 -8.22
O7 NAG K . 23.68 4.74 -15.38
H1 NAG K . 23.70 3.91 -11.01
H2 NAG K . 24.04 5.91 -13.29
H3 NAG K . 26.21 4.71 -11.56
H4 NAG K . 25.26 7.59 -11.48
H5 NAG K . 24.70 5.34 -9.50
H61 NAG K . 24.86 7.57 -8.47
H62 NAG K . 23.66 8.19 -9.62
H81 NAG K . 24.99 1.84 -14.71
H82 NAG K . 23.68 2.11 -15.89
H83 NAG K . 25.33 2.69 -16.24
HN2 NAG K . 25.17 3.18 -13.13
HO3 NAG K . 27.37 6.45 -12.67
HO6 NAG K . 22.71 7.55 -7.61
C1 NAG K . 27.50 8.05 -10.48
C2 NAG K . 28.10 8.68 -9.21
C3 NAG K . 28.88 9.95 -9.55
C4 NAG K . 29.95 9.69 -10.61
C5 NAG K . 29.31 8.95 -11.77
C6 NAG K . 30.30 8.50 -12.81
C7 NAG K . 26.99 8.31 -7.05
C8 NAG K . 25.94 8.83 -6.11
N2 NAG K . 27.10 8.97 -8.21
O3 NAG K . 29.46 10.47 -8.36
O4 NAG K . 30.51 10.92 -11.08
O5 NAG K . 28.65 7.77 -11.27
O6 NAG K . 29.65 7.79 -13.87
O7 NAG K . 27.68 7.34 -6.77
H1 NAG K . 26.88 8.79 -10.99
H2 NAG K . 28.81 7.96 -8.79
H3 NAG K . 28.18 10.69 -9.95
H4 NAG K . 30.74 9.07 -10.18
H5 NAG K . 28.56 9.60 -12.25
H61 NAG K . 30.81 9.36 -13.22
H62 NAG K . 31.02 7.83 -12.34
H81 NAG K . 25.93 8.23 -5.21
H82 NAG K . 24.97 8.78 -6.59
H83 NAG K . 26.16 9.87 -5.86
HN2 NAG K . 26.45 9.72 -8.38
HO3 NAG K . 30.41 10.32 -8.39
HO6 NAG K . 30.30 7.51 -14.52
C1 BMA K . 31.95 11.03 -10.89
C2 BMA K . 32.47 12.27 -11.62
C3 BMA K . 33.96 12.47 -11.34
C4 BMA K . 34.25 12.54 -9.83
C5 BMA K . 33.68 11.32 -9.10
C6 BMA K . 33.76 11.43 -7.56
O2 BMA K . 31.76 13.47 -11.17
O3 BMA K . 34.42 13.69 -11.98
O4 BMA K . 35.69 12.57 -9.65
O5 BMA K . 32.25 11.16 -9.45
O6 BMA K . 35.13 11.50 -7.16
H1 BMA K . 32.44 10.14 -11.27
H2 BMA K . 32.32 12.15 -12.69
H3 BMA K . 34.51 11.62 -11.76
H4 BMA K . 33.82 13.46 -9.42
H5 BMA K . 34.22 10.43 -9.42
H61 BMA K . 33.24 12.33 -7.25
H62 BMA K . 33.29 10.56 -7.11
HO2 BMA K . 30.82 13.36 -11.34
HO3 BMA K . 34.28 13.62 -12.93
HO4 BMA K . 35.92 12.25 -8.78
HO6 BMA K . 35.22 12.06 -6.39
C1 NAG L . 12.46 38.99 9.95
C2 NAG L . 12.44 40.02 11.07
C3 NAG L . 12.77 39.40 12.43
C4 NAG L . 11.87 38.19 12.68
C5 NAG L . 12.08 37.23 11.53
C6 NAG L . 11.30 35.95 11.64
C7 NAG L . 12.95 42.38 10.60
C8 NAG L . 14.02 43.43 10.64
N2 NAG L . 13.35 41.13 10.85
O3 NAG L . 12.58 40.42 13.41
O4 NAG L . 12.11 37.51 13.92
O5 NAG L . 11.65 37.89 10.32
O6 NAG L . 11.54 35.10 10.52
O7 NAG L . 11.78 42.66 10.33
H1 NAG L . 13.48 38.65 9.74
H2 NAG L . 11.43 40.43 11.13
H3 NAG L . 13.81 39.08 12.44
H4 NAG L . 10.83 38.52 12.67
H5 NAG L . 13.15 37.00 11.44
H61 NAG L . 11.61 35.43 12.55
H62 NAG L . 10.24 36.18 11.70
H81 NAG L . 14.36 43.56 11.67
H82 NAG L . 14.85 43.12 10.02
H83 NAG L . 13.61 44.37 10.27
HN2 NAG L . 14.34 40.95 10.90
HO3 NAG L . 13.20 40.29 14.13
HO6 NAG L . 11.03 34.29 10.62
C1 NAG L . 13.33 37.36 14.70
C2 NAG L . 14.56 36.88 13.95
C3 NAG L . 15.73 36.73 14.94
C4 NAG L . 15.95 38.06 15.65
C5 NAG L . 14.67 38.47 16.36
C6 NAG L . 14.75 39.84 17.00
C7 NAG L . 15.02 35.10 12.31
C8 NAG L . 14.63 33.70 11.89
N2 NAG L . 14.26 35.64 13.27
O3 NAG L . 16.91 36.31 14.28
O4 NAG L . 17.05 37.96 16.57
O5 NAG L . 13.60 38.56 15.41
O6 NAG L . 14.98 40.85 16.03
O7 NAG L . 15.98 35.68 11.81
H1 NAG L . 13.11 36.60 15.47
H2 NAG L . 14.83 37.63 13.22
H3 NAG L . 15.46 35.99 15.68
H4 NAG L . 16.20 38.82 14.90
H5 NAG L . 14.43 37.74 17.12
H61 NAG L . 13.82 40.05 17.53
H62 NAG L . 15.57 39.84 17.72
H81 NAG L . 15.33 33.36 11.12
H82 NAG L . 13.62 33.72 11.50
H83 NAG L . 14.69 33.03 12.75
HN2 NAG L . 13.41 35.16 13.51
HO3 NAG L . 16.86 36.54 13.35
HO6 NAG L . 15.02 41.71 16.46
C1 BMA L . 16.96 37.22 17.82
C2 BMA L . 18.34 37.32 18.50
C3 BMA L . 18.32 36.65 19.88
C4 BMA L . 17.19 37.19 20.77
C5 BMA L . 15.83 37.12 20.05
C6 BMA L . 14.70 37.83 20.80
O2 BMA L . 18.70 38.72 18.70
O3 BMA L . 19.60 36.86 20.53
O4 BMA L . 17.13 36.38 21.97
O5 BMA L . 15.94 37.77 18.73
O6 BMA L . 14.47 37.17 22.07
H1 BMA L . 16.73 36.17 17.62
H2 BMA L . 19.09 36.85 17.88
H3 BMA L . 18.17 35.58 19.74
H4 BMA L . 17.40 38.23 21.04
H5 BMA L . 15.56 36.07 19.90
H61 BMA L . 14.97 38.87 20.98
H62 BMA L . 13.79 37.78 20.21
HO2 BMA L . 18.72 39.17 17.84
HO3 BMA L . 19.75 37.79 20.64
HO4 BMA L . 16.26 36.42 22.35
HO6 BMA L . 14.20 37.82 22.72
C1 NAG M . -4.04 59.54 31.39
C2 NAG M . -4.86 60.05 32.58
C3 NAG M . -5.58 61.33 32.19
C4 NAG M . -4.56 62.36 31.70
C5 NAG M . -3.67 61.76 30.63
C6 NAG M . -2.54 62.66 30.21
C7 NAG M . -5.61 58.37 34.21
C8 NAG M . -6.39 57.10 34.34
N2 NAG M . -5.77 59.03 33.06
O3 NAG M . -6.31 61.83 33.30
O4 NAG M . -5.25 63.48 31.16
O5 NAG M . -3.08 60.55 31.13
O6 NAG M . -1.74 62.04 29.21
O7 NAG M . -4.87 58.77 35.10
H1 NAG M . -4.66 59.33 30.52
H2 NAG M . -4.16 60.29 33.39
H3 NAG M . -6.27 61.11 31.37
H4 NAG M . -3.96 62.69 32.54
H5 NAG M . -4.28 61.51 29.75
H61 NAG M . -2.95 63.58 29.82
H62 NAG M . -1.92 62.88 31.08
H81 NAG M . -6.18 56.66 35.31
H82 NAG M . -6.09 56.41 33.56
H83 NAG M . -7.45 57.32 34.26
HN2 NAG M . -6.57 58.80 32.48
HO3 NAG M . -5.94 62.67 33.58
HO6 NAG M . -1.02 62.62 28.96
C1 NAG M . -4.85 64.71 31.82
C2 NAG M . -5.04 65.86 30.84
C3 NAG M . -4.74 67.19 31.52
C4 NAG M . -5.50 67.32 32.84
C5 NAG M . -5.22 66.10 33.71
C6 NAG M . -5.99 66.09 35.01
C7 NAG M . -4.67 65.34 28.46
C8 NAG M . -3.62 65.01 27.44
N2 NAG M . -4.22 65.66 29.67
O3 NAG M . -5.07 68.27 30.66
O4 NAG M . -5.06 68.50 33.51
O5 NAG M . -5.61 64.92 32.99
O6 NAG M . -5.65 67.19 35.85
O7 NAG M . -5.87 65.30 28.20
H1 NAG M . -3.80 64.64 32.09
H2 NAG M . -6.08 65.88 30.52
H3 NAG M . -3.67 67.24 31.74
H4 NAG M . -6.57 67.38 32.63
H5 NAG M . -4.15 66.05 33.92
H61 NAG M . -7.06 66.14 34.79
H62 NAG M . -5.78 65.16 35.54
H81 NAG M . -4.11 64.76 26.50
H82 NAG M . -3.03 64.16 27.78
H83 NAG M . -2.98 65.87 27.29
HN2 NAG M . -3.21 65.78 29.78
HO3 NAG M . -6.00 68.23 30.44
HO4 NAG M . -5.16 68.39 34.45
HO6 NAG M . -6.42 67.45 36.36
C1 NAG N . -17.36 -30.94 38.95
C2 NAG N . -16.87 -31.87 40.10
C3 NAG N . -16.43 -31.02 41.30
C4 NAG N . -15.40 -29.96 40.87
C5 NAG N . -15.95 -29.10 39.73
C6 NAG N . -14.97 -28.04 39.20
C7 NAG N . -18.19 -33.93 39.85
C8 NAG N . -19.28 -34.83 40.46
N2 NAG N . -17.93 -32.80 40.50
O3 NAG N . -15.84 -31.87 42.33
O4 NAG N . -15.14 -29.13 42.03
O5 NAG N . -16.30 -29.99 38.61
O6 NAG N . -14.76 -27.05 40.23
O7 NAG N . -17.62 -34.21 38.81
H1 NAG N . -18.24 -30.40 39.27
H2 NAG N . -16.02 -32.45 39.74
H3 NAG N . -17.31 -30.52 41.72
H4 NAG N . -14.49 -30.45 40.56
H5 NAG N . -16.86 -28.59 40.07
H61 NAG N . -14.02 -28.52 38.95
H62 NAG N . -15.39 -27.56 38.32
H81 NAG N . -19.41 -35.72 39.84
H82 NAG N . -18.98 -35.13 41.47
H83 NAG N . -20.22 -34.29 40.51
HN2 NAG N . -18.48 -32.58 41.32
HO3 NAG N . -16.47 -32.53 42.61
HO4 NAG N . -14.96 -28.23 41.73
HO6 NAG N . -13.88 -26.67 40.13
C1 NAG O . -31.69 -45.62 26.01
C2 NAG O . -31.44 -47.12 26.09
C3 NAG O . -31.22 -47.52 27.55
C4 NAG O . -30.08 -46.72 28.16
C5 NAG O . -30.29 -45.23 27.89
C6 NAG O . -29.12 -44.37 28.29
C7 NAG O . -32.50 -48.48 24.33
C8 NAG O . -33.78 -49.09 23.86
N2 NAG O . -32.56 -47.83 25.49
O3 NAG O . -30.95 -48.92 27.64
O4 NAG O . -30.05 -46.95 29.56
O5 NAG O . -30.48 -45.03 26.47
O6 NAG O . -28.84 -44.45 29.69
O7 NAG O . -31.46 -48.58 23.68
H1 NAG O . -32.53 -45.32 26.63
H2 NAG O . -30.55 -47.37 25.53
H3 NAG O . -32.12 -47.32 28.11
H4 NAG O . -29.14 -47.04 27.71
H5 NAG O . -31.17 -44.90 28.42
H61 NAG O . -28.23 -44.70 27.75
H62 NAG O . -29.33 -43.33 28.02
H81 NAG O . -33.58 -49.76 23.03
H82 NAG O . -34.24 -49.64 24.68
H83 NAG O . -34.45 -48.29 23.52
HN2 NAG O . -33.43 -47.83 25.98
HO3 NAG O . -30.15 -49.12 27.12
HO4 NAG O . -29.61 -46.21 30.00
HO6 NAG O . -27.90 -44.38 29.84
C1 NAG P . 34.94 34.50 -32.29
C2 NAG P . 34.57 35.86 -32.89
C3 NAG P . 35.59 36.28 -33.93
C4 NAG P . 37.00 36.26 -33.34
C5 NAG P . 37.25 34.93 -32.65
C6 NAG P . 38.55 34.88 -31.90
C7 NAG P . 32.18 36.45 -32.91
C8 NAG P . 30.96 36.54 -33.77
N2 NAG P . 33.22 35.82 -33.44
O3 NAG P . 35.28 37.57 -34.44
O4 NAG P . 37.95 36.44 -34.38
O5 NAG P . 36.20 34.68 -31.69
O6 NAG P . 38.75 33.61 -31.29
O7 NAG P . 32.21 36.93 -31.77
H1 NAG P . 34.94 33.70 -33.04
H2 NAG P . 34.58 36.59 -32.08
H3 NAG P . 35.56 35.56 -34.75
H4 NAG P . 37.09 37.07 -32.61
H5 NAG P . 37.23 34.13 -33.40
H61 NAG P . 39.38 35.06 -32.60
H62 NAG P . 38.56 35.65 -31.14
H81 NAG P . 30.85 37.57 -34.13
H82 NAG P . 31.07 35.87 -34.62
H83 NAG P . 30.08 36.27 -33.19
HN2 NAG P . 33.08 35.30 -34.28
HO3 NAG P . 34.41 37.55 -34.84
HO4 NAG P . 38.84 36.44 -34.01
HO6 NAG P . 39.59 33.60 -30.82
#